data_1WLX
#
_entry.id   1WLX
#
_entity_poly.entity_id   1
_entity_poly.type   'polypeptide(L)'
_entity_poly.pdbx_seq_one_letter_code
;GSTEKQLEAIDQLHLEYAKRAAPFNNWMESAMEDLQDMFIVHTIEEIEGLISAHDQFKSTLPDADREREAILAIHKEAQR
IAESNHIKLSGSNPYTTVTPQIINSKWEKVQQLVPKRDHALLEEQSKQQ
;
_entity_poly.pdbx_strand_id   A
#
# COMPACT_ATOMS: atom_id res chain seq x y z
N GLY A 1 11.86 -32.14 -12.43
CA GLY A 1 10.66 -31.29 -12.22
C GLY A 1 10.54 -30.21 -13.27
N SER A 2 9.49 -30.27 -14.07
CA SER A 2 9.27 -29.30 -15.12
C SER A 2 9.00 -27.92 -14.54
N THR A 3 9.85 -26.96 -14.87
CA THR A 3 9.75 -25.60 -14.35
C THR A 3 8.38 -24.99 -14.61
N GLU A 4 7.82 -25.27 -15.79
CA GLU A 4 6.55 -24.69 -16.22
C GLU A 4 5.45 -24.92 -15.19
N LYS A 5 5.50 -26.05 -14.50
CA LYS A 5 4.44 -26.40 -13.55
C LYS A 5 4.71 -25.75 -12.21
N GLN A 6 5.98 -25.53 -11.92
CA GLN A 6 6.37 -24.89 -10.69
C GLN A 6 6.13 -23.39 -10.80
N LEU A 7 6.02 -22.91 -12.04
CA LEU A 7 5.68 -21.51 -12.28
C LEU A 7 4.19 -21.35 -12.43
N GLU A 8 3.56 -22.31 -13.11
CA GLU A 8 2.12 -22.28 -13.35
C GLU A 8 1.34 -22.32 -12.05
N ALA A 9 1.78 -23.16 -11.12
CA ALA A 9 1.06 -23.36 -9.87
C ALA A 9 1.18 -22.14 -8.97
N ILE A 10 2.25 -21.39 -9.16
CA ILE A 10 2.48 -20.21 -8.34
C ILE A 10 2.12 -18.94 -9.10
N ASP A 11 1.79 -19.11 -10.37
CA ASP A 11 1.33 -17.99 -11.19
C ASP A 11 -0.10 -17.66 -10.86
N GLN A 12 -0.85 -18.68 -10.47
CA GLN A 12 -2.21 -18.50 -9.97
C GLN A 12 -2.15 -17.80 -8.61
N LEU A 13 -1.01 -17.88 -7.97
CA LEU A 13 -0.77 -17.14 -6.73
C LEU A 13 -0.37 -15.71 -7.07
N HIS A 14 0.40 -15.57 -8.16
CA HIS A 14 0.71 -14.24 -8.69
C HIS A 14 -0.58 -13.54 -9.07
N LEU A 15 -1.56 -14.34 -9.46
CA LEU A 15 -2.89 -13.86 -9.83
C LEU A 15 -3.54 -13.14 -8.65
N GLU A 16 -3.50 -13.77 -7.49
CA GLU A 16 -4.09 -13.20 -6.30
C GLU A 16 -3.25 -12.03 -5.79
N TYR A 17 -1.95 -12.08 -6.06
CA TYR A 17 -1.07 -10.99 -5.68
C TYR A 17 -1.44 -9.76 -6.51
N ALA A 18 -1.58 -9.97 -7.81
CA ALA A 18 -1.94 -8.90 -8.72
C ALA A 18 -3.33 -8.37 -8.44
N LYS A 19 -4.19 -9.23 -7.91
CA LYS A 19 -5.57 -8.84 -7.64
C LYS A 19 -5.67 -7.96 -6.39
N ARG A 20 -4.79 -8.19 -5.43
CA ARG A 20 -4.85 -7.45 -4.18
C ARG A 20 -3.85 -6.30 -4.16
N ALA A 21 -2.72 -6.48 -4.85
CA ALA A 21 -1.73 -5.43 -4.93
C ALA A 21 -2.21 -4.30 -5.84
N ALA A 22 -3.19 -4.60 -6.68
CA ALA A 22 -3.70 -3.62 -7.64
C ALA A 22 -4.41 -2.46 -6.94
N PRO A 23 -5.47 -2.71 -6.14
CA PRO A 23 -6.16 -1.64 -5.42
C PRO A 23 -5.28 -1.03 -4.33
N PHE A 24 -4.41 -1.87 -3.77
CA PHE A 24 -3.51 -1.42 -2.71
C PHE A 24 -2.50 -0.42 -3.26
N ASN A 25 -2.00 -0.68 -4.46
CA ASN A 25 -1.02 0.21 -5.08
C ASN A 25 -1.69 1.51 -5.47
N ASN A 26 -2.97 1.42 -5.74
CA ASN A 26 -3.75 2.59 -6.10
C ASN A 26 -4.06 3.40 -4.85
N TRP A 27 -4.36 2.68 -3.79
CA TRP A 27 -4.70 3.28 -2.50
C TRP A 27 -3.50 4.03 -1.95
N MET A 28 -2.36 3.35 -1.90
CA MET A 28 -1.13 3.92 -1.39
C MET A 28 -0.75 5.16 -2.19
N GLU A 29 -0.94 5.11 -3.49
CA GLU A 29 -0.61 6.22 -4.36
C GLU A 29 -1.51 7.41 -4.09
N SER A 30 -2.82 7.18 -4.10
CA SER A 30 -3.78 8.27 -3.88
C SER A 30 -3.58 8.88 -2.50
N ALA A 31 -3.35 8.04 -1.51
CA ALA A 31 -3.13 8.50 -0.15
C ALA A 31 -1.83 9.30 -0.05
N MET A 32 -0.77 8.76 -0.63
CA MET A 32 0.53 9.42 -0.62
C MET A 32 0.45 10.75 -1.35
N GLU A 33 -0.34 10.78 -2.42
CA GLU A 33 -0.51 11.97 -3.23
C GLU A 33 -1.15 13.09 -2.41
N ASP A 34 -2.22 12.74 -1.70
CA ASP A 34 -2.95 13.74 -0.91
C ASP A 34 -2.14 14.12 0.31
N LEU A 35 -1.41 13.15 0.87
CA LEU A 35 -0.63 13.37 2.07
C LEU A 35 0.62 14.20 1.75
N GLN A 36 1.12 14.06 0.54
CA GLN A 36 2.29 14.81 0.09
C GLN A 36 1.92 16.28 -0.10
N ASP A 37 0.78 16.52 -0.72
CA ASP A 37 0.35 17.86 -1.05
C ASP A 37 -0.06 18.62 0.20
N MET A 38 0.40 19.86 0.30
CA MET A 38 0.03 20.72 1.40
C MET A 38 -1.40 21.19 1.25
N PHE A 39 -2.20 20.87 2.24
CA PHE A 39 -3.61 21.17 2.21
C PHE A 39 -3.85 22.66 2.43
N ILE A 40 -4.78 23.21 1.68
CA ILE A 40 -5.20 24.59 1.87
C ILE A 40 -6.67 24.64 2.28
N VAL A 41 -6.96 25.39 3.32
CA VAL A 41 -8.32 25.52 3.79
C VAL A 41 -8.72 26.98 3.87
N HIS A 42 -10.01 27.24 3.73
CA HIS A 42 -10.54 28.58 3.88
C HIS A 42 -11.29 28.69 5.19
N THR A 43 -12.38 27.94 5.27
CA THR A 43 -13.28 28.02 6.40
C THR A 43 -13.01 26.89 7.40
N ILE A 44 -13.60 27.00 8.58
CA ILE A 44 -13.35 26.04 9.64
C ILE A 44 -13.89 24.66 9.27
N GLU A 45 -15.04 24.64 8.61
CA GLU A 45 -15.67 23.41 8.15
C GLU A 45 -14.72 22.58 7.30
N GLU A 46 -13.85 23.25 6.54
CA GLU A 46 -12.91 22.55 5.69
C GLU A 46 -11.73 22.04 6.49
N ILE A 47 -11.39 22.76 7.55
CA ILE A 47 -10.28 22.38 8.40
C ILE A 47 -10.63 21.12 9.19
N GLU A 48 -11.89 20.98 9.57
CA GLU A 48 -12.34 19.80 10.29
C GLU A 48 -12.58 18.65 9.31
N GLY A 49 -13.08 19.00 8.13
CA GLY A 49 -13.34 18.00 7.11
C GLY A 49 -12.07 17.34 6.62
N LEU A 50 -10.99 18.13 6.57
CA LEU A 50 -9.68 17.63 6.21
C LEU A 50 -9.19 16.66 7.28
N ILE A 51 -9.49 16.99 8.53
CA ILE A 51 -9.13 16.14 9.65
C ILE A 51 -9.95 14.85 9.64
N SER A 52 -11.22 14.94 9.25
CA SER A 52 -12.07 13.75 9.09
C SER A 52 -11.47 12.81 8.05
N ALA A 53 -10.78 13.37 7.06
CA ALA A 53 -10.09 12.58 6.05
C ALA A 53 -8.92 11.81 6.66
N HIS A 54 -8.43 12.32 7.78
CA HIS A 54 -7.37 11.65 8.53
C HIS A 54 -7.98 10.69 9.55
N ASP A 55 -9.19 11.02 9.98
CA ASP A 55 -9.95 10.18 10.91
C ASP A 55 -10.21 8.81 10.29
N GLN A 56 -10.83 8.81 9.12
CA GLN A 56 -11.14 7.57 8.40
C GLN A 56 -9.86 6.89 7.93
N PHE A 57 -8.78 7.66 7.88
CA PHE A 57 -7.48 7.13 7.50
C PHE A 57 -6.89 6.30 8.64
N LYS A 58 -7.07 6.80 9.86
CA LYS A 58 -6.59 6.11 11.04
C LYS A 58 -7.32 4.79 11.27
N SER A 59 -8.45 4.61 10.59
CA SER A 59 -9.23 3.40 10.73
C SER A 59 -8.92 2.42 9.60
N THR A 60 -8.57 2.97 8.44
CA THR A 60 -8.27 2.15 7.28
C THR A 60 -6.83 1.64 7.33
N LEU A 61 -5.97 2.41 8.00
CA LEU A 61 -4.55 2.07 8.13
C LEU A 61 -4.35 0.67 8.70
N PRO A 62 -4.88 0.36 9.92
CA PRO A 62 -4.68 -0.97 10.52
C PRO A 62 -5.21 -2.10 9.64
N ASP A 63 -6.22 -1.79 8.83
CA ASP A 63 -6.81 -2.78 7.94
C ASP A 63 -5.93 -3.00 6.72
N ALA A 64 -5.51 -1.90 6.09
CA ALA A 64 -4.65 -1.97 4.93
C ALA A 64 -3.25 -2.43 5.33
N ASP A 65 -2.91 -2.22 6.59
CA ASP A 65 -1.65 -2.69 7.15
C ASP A 65 -1.58 -4.20 7.10
N ARG A 66 -2.66 -4.83 7.55
CA ARG A 66 -2.77 -6.28 7.52
C ARG A 66 -2.88 -6.77 6.08
N GLU A 67 -3.45 -5.92 5.22
CA GLU A 67 -3.56 -6.20 3.80
C GLU A 67 -2.18 -6.38 3.18
N ARG A 68 -1.25 -5.50 3.54
CA ARG A 68 0.12 -5.58 3.05
C ARG A 68 0.78 -6.89 3.48
N GLU A 69 0.47 -7.31 4.70
CA GLU A 69 0.99 -8.58 5.21
C GLU A 69 0.30 -9.76 4.53
N ALA A 70 -0.99 -9.59 4.21
CA ALA A 70 -1.76 -10.63 3.54
C ALA A 70 -1.36 -10.76 2.08
N ILE A 71 -0.69 -9.74 1.57
CA ILE A 71 -0.24 -9.73 0.19
C ILE A 71 1.08 -10.50 0.10
N LEU A 72 1.89 -10.32 1.13
CA LEU A 72 3.11 -11.10 1.28
C LEU A 72 2.74 -12.53 1.62
N ALA A 73 1.58 -12.69 2.25
CA ALA A 73 1.06 -14.01 2.60
C ALA A 73 0.69 -14.80 1.35
N ILE A 74 0.51 -14.09 0.25
CA ILE A 74 0.30 -14.74 -1.04
C ILE A 74 1.65 -14.99 -1.72
N HIS A 75 2.55 -14.04 -1.55
CA HIS A 75 3.87 -14.09 -2.18
C HIS A 75 4.75 -15.17 -1.57
N LYS A 76 4.47 -15.54 -0.34
CA LYS A 76 5.28 -16.55 0.34
C LYS A 76 5.16 -17.90 -0.35
N GLU A 77 3.99 -18.18 -0.89
CA GLU A 77 3.75 -19.43 -1.61
C GLU A 77 4.36 -19.37 -3.00
N ALA A 78 4.32 -18.19 -3.60
CA ALA A 78 4.78 -18.00 -4.97
C ALA A 78 6.27 -17.70 -5.04
N GLN A 79 6.87 -17.35 -3.90
CA GLN A 79 8.29 -17.02 -3.88
C GLN A 79 9.12 -18.19 -3.39
N ARG A 80 8.56 -18.99 -2.51
CA ARG A 80 9.30 -20.05 -1.85
C ARG A 80 9.81 -21.08 -2.85
N ILE A 81 9.11 -21.18 -3.98
CA ILE A 81 9.52 -22.08 -5.05
C ILE A 81 10.78 -21.53 -5.73
N ALA A 82 10.87 -20.21 -5.80
CA ALA A 82 12.02 -19.56 -6.42
C ALA A 82 13.21 -19.55 -5.47
N GLU A 83 12.92 -19.67 -4.18
CA GLU A 83 13.96 -19.64 -3.16
C GLU A 83 14.51 -21.05 -2.91
N SER A 84 13.85 -22.06 -3.48
CA SER A 84 14.31 -23.44 -3.30
C SER A 84 14.73 -24.07 -4.62
N ASN A 85 14.15 -23.62 -5.72
CA ASN A 85 14.43 -24.20 -7.03
C ASN A 85 14.97 -23.11 -7.95
N HIS A 86 15.87 -23.49 -8.83
CA HIS A 86 16.45 -22.54 -9.75
C HIS A 86 15.50 -22.28 -10.92
N ILE A 87 14.39 -21.62 -10.61
CA ILE A 87 13.42 -21.26 -11.63
C ILE A 87 13.81 -19.95 -12.30
N LYS A 88 13.15 -19.63 -13.40
CA LYS A 88 13.46 -18.43 -14.16
C LYS A 88 12.25 -17.52 -14.27
N LEU A 89 12.05 -16.72 -13.23
CA LEU A 89 11.01 -15.70 -13.23
C LEU A 89 11.43 -14.54 -14.13
N SER A 90 10.46 -13.98 -14.85
CA SER A 90 10.74 -12.85 -15.73
C SER A 90 10.71 -11.55 -14.94
N GLY A 91 11.62 -11.42 -13.98
CA GLY A 91 11.69 -10.22 -13.19
C GLY A 91 11.05 -10.40 -11.83
N SER A 92 10.35 -9.38 -11.37
CA SER A 92 9.70 -9.40 -10.07
C SER A 92 8.37 -10.14 -10.13
N ASN A 93 7.54 -9.79 -11.09
CA ASN A 93 6.22 -10.38 -11.22
C ASN A 93 5.69 -10.19 -12.64
N PRO A 94 4.93 -11.15 -13.16
CA PRO A 94 4.41 -11.12 -14.53
C PRO A 94 3.17 -10.24 -14.70
N TYR A 95 2.36 -10.15 -13.66
CA TYR A 95 1.09 -9.46 -13.75
C TYR A 95 1.12 -8.11 -13.05
N THR A 96 1.74 -8.05 -11.89
CA THR A 96 1.83 -6.80 -11.14
C THR A 96 3.28 -6.50 -10.77
N THR A 97 3.82 -5.43 -11.31
CA THR A 97 5.21 -5.10 -11.12
C THR A 97 5.46 -4.42 -9.77
N VAL A 98 5.30 -5.19 -8.72
CA VAL A 98 5.50 -4.70 -7.36
C VAL A 98 6.38 -5.68 -6.58
N THR A 99 7.45 -5.18 -6.00
CA THR A 99 8.27 -5.97 -5.13
C THR A 99 7.79 -5.82 -3.69
N PRO A 100 8.02 -6.83 -2.83
CA PRO A 100 7.67 -6.75 -1.42
C PRO A 100 8.15 -5.46 -0.77
N GLN A 101 9.36 -5.05 -1.12
CA GLN A 101 9.94 -3.83 -0.59
C GLN A 101 9.20 -2.61 -1.11
N ILE A 102 8.85 -2.65 -2.39
CA ILE A 102 8.15 -1.55 -3.03
C ILE A 102 6.81 -1.29 -2.34
N ILE A 103 6.13 -2.37 -1.94
CA ILE A 103 4.83 -2.24 -1.28
C ILE A 103 5.00 -1.89 0.21
N ASN A 104 6.07 -2.39 0.81
CA ASN A 104 6.33 -2.16 2.23
C ASN A 104 6.84 -0.74 2.46
N SER A 105 7.83 -0.34 1.68
CA SER A 105 8.39 1.00 1.82
C SER A 105 7.39 2.08 1.39
N LYS A 106 6.48 1.73 0.47
CA LYS A 106 5.43 2.65 0.08
C LYS A 106 4.49 2.88 1.25
N TRP A 107 4.19 1.80 1.96
CA TRP A 107 3.39 1.89 3.17
C TRP A 107 4.10 2.76 4.21
N GLU A 108 5.40 2.58 4.33
CA GLU A 108 6.21 3.34 5.27
C GLU A 108 6.19 4.82 4.90
N LYS A 109 6.10 5.12 3.62
CA LYS A 109 5.98 6.49 3.15
C LYS A 109 4.64 7.07 3.56
N VAL A 110 3.60 6.28 3.41
CA VAL A 110 2.25 6.67 3.83
C VAL A 110 2.24 6.98 5.33
N GLN A 111 2.82 6.07 6.12
CA GLN A 111 2.84 6.21 7.57
C GLN A 111 3.61 7.44 8.01
N GLN A 112 4.72 7.69 7.36
CA GLN A 112 5.58 8.82 7.72
C GLN A 112 4.91 10.16 7.42
N LEU A 113 3.97 10.17 6.47
CA LEU A 113 3.28 11.40 6.10
C LEU A 113 2.08 11.64 7.00
N VAL A 114 1.69 10.61 7.75
CA VAL A 114 0.53 10.69 8.64
C VAL A 114 0.72 11.78 9.71
N PRO A 115 1.79 11.72 10.53
CA PRO A 115 2.02 12.69 11.61
C PRO A 115 2.22 14.11 11.08
N LYS A 116 2.95 14.23 9.98
CA LYS A 116 3.19 15.52 9.34
C LYS A 116 1.87 16.24 9.06
N ARG A 117 0.93 15.51 8.48
CA ARG A 117 -0.37 16.06 8.14
C ARG A 117 -1.24 16.20 9.39
N ASP A 118 -1.13 15.23 10.28
CA ASP A 118 -1.90 15.23 11.53
C ASP A 118 -1.49 16.40 12.40
N HIS A 119 -0.24 16.82 12.27
CA HIS A 119 0.30 17.90 13.06
C HIS A 119 -0.13 19.24 12.45
N ALA A 120 0.03 19.35 11.14
CA ALA A 120 -0.32 20.58 10.43
C ALA A 120 -1.82 20.86 10.53
N LEU A 121 -2.62 19.80 10.48
CA LEU A 121 -4.06 19.92 10.54
C LEU A 121 -4.49 20.53 11.87
N LEU A 122 -4.02 19.94 12.97
CA LEU A 122 -4.39 20.38 14.29
C LEU A 122 -3.82 21.76 14.61
N GLU A 123 -2.65 22.06 14.09
CA GLU A 123 -2.06 23.38 14.30
C GLU A 123 -2.87 24.44 13.57
N GLU A 124 -3.25 24.14 12.33
CA GLU A 124 -4.03 25.07 11.53
C GLU A 124 -5.42 25.26 12.12
N GLN A 125 -6.04 24.16 12.55
CA GLN A 125 -7.38 24.22 13.10
C GLN A 125 -7.40 24.98 14.42
N SER A 126 -6.27 24.98 15.12
CA SER A 126 -6.19 25.68 16.40
C SER A 126 -5.86 27.15 16.20
N LYS A 127 -5.54 27.53 14.97
CA LYS A 127 -5.27 28.91 14.64
C LYS A 127 -6.47 29.52 13.91
N GLN A 128 -7.53 28.75 13.83
CA GLN A 128 -8.77 29.19 13.20
C GLN A 128 -9.61 30.02 14.17
N GLN A 129 -10.87 29.66 14.30
CA GLN A 129 -11.79 30.36 15.17
C GLN A 129 -12.21 29.47 16.32
N GLY A 1 12.43 -29.13 -18.36
CA GLY A 1 11.51 -29.79 -17.41
C GLY A 1 10.47 -28.84 -16.87
N SER A 2 10.04 -29.07 -15.63
CA SER A 2 9.00 -28.27 -15.01
C SER A 2 9.61 -27.02 -14.37
N THR A 3 9.73 -25.97 -15.17
CA THR A 3 10.22 -24.69 -14.69
C THR A 3 9.21 -23.59 -15.00
N GLU A 4 8.66 -23.65 -16.20
CA GLU A 4 7.70 -22.66 -16.66
C GLU A 4 6.35 -22.91 -16.01
N LYS A 5 6.05 -24.17 -15.76
CA LYS A 5 4.75 -24.56 -15.20
C LYS A 5 4.76 -24.33 -13.70
N GLN A 6 5.94 -24.39 -13.13
CA GLN A 6 6.11 -24.09 -11.72
C GLN A 6 5.95 -22.60 -11.51
N LEU A 7 6.27 -21.82 -12.54
CA LEU A 7 6.12 -20.37 -12.44
C LEU A 7 4.74 -19.93 -12.94
N GLU A 8 4.21 -20.68 -13.89
CA GLU A 8 2.88 -20.39 -14.43
C GLU A 8 1.80 -20.69 -13.39
N ALA A 9 2.07 -21.67 -12.54
CA ALA A 9 1.13 -22.05 -11.50
C ALA A 9 1.13 -21.00 -10.40
N ILE A 10 2.31 -20.50 -10.08
CA ILE A 10 2.43 -19.49 -9.04
C ILE A 10 2.16 -18.10 -9.63
N ASP A 11 1.98 -18.04 -10.94
CA ASP A 11 1.51 -16.83 -11.59
C ASP A 11 0.05 -16.62 -11.25
N GLN A 12 -0.63 -17.72 -10.93
CA GLN A 12 -2.01 -17.65 -10.48
C GLN A 12 -2.06 -17.09 -9.06
N LEU A 13 -0.97 -17.32 -8.31
CA LEU A 13 -0.80 -16.68 -7.02
C LEU A 13 -0.47 -15.21 -7.25
N HIS A 14 0.26 -14.94 -8.32
CA HIS A 14 0.57 -13.58 -8.72
C HIS A 14 -0.70 -12.83 -9.03
N LEU A 15 -1.71 -13.55 -9.50
CA LEU A 15 -3.02 -12.99 -9.76
C LEU A 15 -3.67 -12.51 -8.47
N GLU A 16 -3.60 -13.33 -7.43
CA GLU A 16 -4.17 -12.96 -6.13
C GLU A 16 -3.43 -11.76 -5.56
N TYR A 17 -2.14 -11.72 -5.81
CA TYR A 17 -1.33 -10.60 -5.38
C TYR A 17 -1.73 -9.36 -6.18
N ALA A 18 -1.94 -9.56 -7.48
CA ALA A 18 -2.29 -8.48 -8.38
C ALA A 18 -3.76 -8.08 -8.21
N LYS A 19 -4.54 -8.91 -7.52
CA LYS A 19 -5.94 -8.59 -7.27
C LYS A 19 -6.10 -7.81 -5.97
N ARG A 20 -5.18 -8.00 -5.04
CA ARG A 20 -5.25 -7.33 -3.75
C ARG A 20 -4.34 -6.11 -3.69
N ALA A 21 -3.14 -6.25 -4.23
CA ALA A 21 -2.19 -5.15 -4.22
C ALA A 21 -2.57 -4.08 -5.23
N ALA A 22 -3.56 -4.38 -6.07
CA ALA A 22 -3.99 -3.42 -7.09
C ALA A 22 -4.78 -2.27 -6.46
N PRO A 23 -5.86 -2.56 -5.70
CA PRO A 23 -6.59 -1.53 -4.96
C PRO A 23 -5.73 -0.96 -3.84
N PHE A 24 -4.84 -1.79 -3.31
CA PHE A 24 -3.93 -1.36 -2.27
C PHE A 24 -2.95 -0.32 -2.81
N ASN A 25 -2.44 -0.55 -4.00
CA ASN A 25 -1.51 0.39 -4.62
C ASN A 25 -2.25 1.64 -5.05
N ASN A 26 -3.52 1.45 -5.36
CA ASN A 26 -4.37 2.56 -5.78
C ASN A 26 -4.70 3.43 -4.59
N TRP A 27 -4.85 2.77 -3.44
CA TRP A 27 -5.04 3.45 -2.18
C TRP A 27 -3.78 4.22 -1.82
N MET A 28 -2.64 3.53 -1.86
CA MET A 28 -1.35 4.12 -1.55
C MET A 28 -1.08 5.36 -2.40
N GLU A 29 -1.27 5.21 -3.71
CA GLU A 29 -1.00 6.28 -4.66
C GLU A 29 -1.85 7.51 -4.36
N SER A 30 -3.11 7.29 -4.01
CA SER A 30 -4.01 8.39 -3.71
C SER A 30 -3.77 8.93 -2.31
N ALA A 31 -3.45 8.05 -1.37
CA ALA A 31 -3.30 8.44 0.03
C ALA A 31 -1.98 9.14 0.29
N MET A 32 -0.88 8.51 -0.12
CA MET A 32 0.44 9.06 0.14
C MET A 32 0.64 10.38 -0.58
N GLU A 33 0.09 10.48 -1.78
CA GLU A 33 0.16 11.70 -2.55
C GLU A 33 -0.65 12.80 -1.89
N ASP A 34 -1.82 12.44 -1.37
CA ASP A 34 -2.68 13.40 -0.70
C ASP A 34 -2.06 13.84 0.61
N LEU A 35 -1.32 12.93 1.23
CA LEU A 35 -0.62 13.23 2.49
C LEU A 35 0.59 14.11 2.25
N GLN A 36 1.27 13.86 1.14
CA GLN A 36 2.47 14.60 0.79
C GLN A 36 2.15 15.98 0.21
N ASP A 37 1.08 16.06 -0.55
CA ASP A 37 0.73 17.29 -1.24
C ASP A 37 0.13 18.31 -0.27
N MET A 38 0.31 19.59 -0.60
CA MET A 38 -0.21 20.66 0.23
C MET A 38 -1.70 20.82 0.04
N PHE A 39 -2.46 20.35 1.03
CA PHE A 39 -3.90 20.49 1.01
C PHE A 39 -4.30 21.96 1.05
N ILE A 40 -5.26 22.35 0.24
CA ILE A 40 -5.77 23.70 0.29
C ILE A 40 -7.13 23.71 0.97
N VAL A 41 -7.30 24.64 1.91
CA VAL A 41 -8.55 24.78 2.63
C VAL A 41 -9.04 26.22 2.54
N HIS A 42 -10.33 26.40 2.70
CA HIS A 42 -10.93 27.73 2.70
C HIS A 42 -11.59 27.97 4.04
N THR A 43 -12.44 27.03 4.42
CA THR A 43 -13.28 27.20 5.60
C THR A 43 -13.02 26.10 6.62
N ILE A 44 -13.38 26.39 7.87
CA ILE A 44 -13.22 25.47 8.98
C ILE A 44 -13.82 24.09 8.69
N GLU A 45 -14.96 24.08 8.00
CA GLU A 45 -15.66 22.83 7.70
C GLU A 45 -14.76 21.86 6.92
N GLU A 46 -14.04 22.39 5.94
CA GLU A 46 -13.15 21.55 5.15
C GLU A 46 -11.93 21.15 5.96
N ILE A 47 -11.49 22.05 6.83
CA ILE A 47 -10.37 21.77 7.71
C ILE A 47 -10.76 20.67 8.68
N GLU A 48 -12.00 20.71 9.15
CA GLU A 48 -12.52 19.71 10.07
C GLU A 48 -12.66 18.38 9.37
N GLY A 49 -13.05 18.45 8.09
CA GLY A 49 -13.20 17.24 7.31
C GLY A 49 -11.87 16.62 6.99
N LEU A 50 -10.90 17.48 6.75
CA LEU A 50 -9.52 17.07 6.53
C LEU A 50 -9.02 16.25 7.71
N ILE A 51 -9.30 16.73 8.93
CA ILE A 51 -8.90 16.01 10.14
C ILE A 51 -9.70 14.72 10.28
N SER A 52 -10.99 14.79 9.99
CA SER A 52 -11.86 13.63 10.07
C SER A 52 -11.38 12.51 9.14
N ALA A 53 -11.03 12.89 7.91
CA ALA A 53 -10.51 11.93 6.93
C ALA A 53 -9.17 11.37 7.38
N HIS A 54 -8.43 12.14 8.15
CA HIS A 54 -7.15 11.71 8.68
C HIS A 54 -7.35 10.74 9.84
N ASP A 55 -8.42 10.94 10.59
CA ASP A 55 -8.74 10.04 11.70
C ASP A 55 -9.29 8.73 11.18
N GLN A 56 -10.14 8.81 10.16
CA GLN A 56 -10.64 7.62 9.48
C GLN A 56 -9.49 6.91 8.78
N PHE A 57 -8.50 7.69 8.37
CA PHE A 57 -7.28 7.16 7.80
C PHE A 57 -6.56 6.29 8.82
N LYS A 58 -6.62 6.71 10.08
CA LYS A 58 -6.02 5.97 11.17
C LYS A 58 -6.79 4.70 11.47
N SER A 59 -7.98 4.60 10.91
CA SER A 59 -8.82 3.43 11.06
C SER A 59 -8.65 2.50 9.86
N THR A 60 -8.38 3.09 8.70
CA THR A 60 -8.12 2.32 7.50
C THR A 60 -6.70 1.76 7.53
N LEU A 61 -5.83 2.42 8.28
CA LEU A 61 -4.43 1.99 8.40
C LEU A 61 -4.32 0.54 8.88
N PRO A 62 -4.92 0.18 10.04
CA PRO A 62 -4.86 -1.20 10.55
C PRO A 62 -5.41 -2.21 9.55
N ASP A 63 -6.43 -1.82 8.81
CA ASP A 63 -7.05 -2.71 7.84
C ASP A 63 -6.13 -2.94 6.65
N ALA A 64 -5.56 -1.85 6.15
CA ALA A 64 -4.64 -1.92 5.03
C ALA A 64 -3.31 -2.55 5.47
N ASP A 65 -2.96 -2.35 6.73
CA ASP A 65 -1.77 -2.95 7.32
C ASP A 65 -1.88 -4.46 7.28
N ARG A 66 -3.05 -4.96 7.67
CA ARG A 66 -3.32 -6.39 7.62
C ARG A 66 -3.22 -6.91 6.20
N GLU A 67 -3.75 -6.13 5.26
CA GLU A 67 -3.69 -6.47 3.84
C GLU A 67 -2.26 -6.59 3.37
N ARG A 68 -1.41 -5.67 3.81
CA ARG A 68 0.00 -5.66 3.42
C ARG A 68 0.69 -6.99 3.79
N GLU A 69 0.37 -7.51 4.97
CA GLU A 69 0.94 -8.77 5.42
C GLU A 69 0.28 -9.94 4.69
N ALA A 70 -1.02 -9.85 4.49
CA ALA A 70 -1.79 -10.89 3.79
C ALA A 70 -1.43 -10.92 2.31
N ILE A 71 -0.78 -9.87 1.85
CA ILE A 71 -0.38 -9.74 0.46
C ILE A 71 1.02 -10.31 0.31
N LEU A 72 1.83 -10.09 1.35
CA LEU A 72 3.16 -10.69 1.41
C LEU A 72 3.03 -12.18 1.60
N ALA A 73 1.93 -12.59 2.22
CA ALA A 73 1.63 -14.00 2.44
C ALA A 73 1.50 -14.74 1.12
N ILE A 74 0.90 -14.08 0.14
CA ILE A 74 0.76 -14.65 -1.20
C ILE A 74 2.12 -14.83 -1.85
N HIS A 75 2.97 -13.82 -1.69
CA HIS A 75 4.31 -13.84 -2.27
C HIS A 75 5.21 -14.83 -1.55
N LYS A 76 4.79 -15.26 -0.37
CA LYS A 76 5.57 -16.21 0.38
C LYS A 76 5.49 -17.58 -0.29
N GLU A 77 4.30 -17.92 -0.77
CA GLU A 77 4.12 -19.18 -1.47
C GLU A 77 4.72 -19.09 -2.87
N ALA A 78 4.58 -17.92 -3.48
CA ALA A 78 5.05 -17.69 -4.83
C ALA A 78 6.56 -17.43 -4.85
N GLN A 79 7.17 -17.33 -3.68
CA GLN A 79 8.62 -17.17 -3.58
C GLN A 79 9.27 -18.47 -3.15
N ARG A 80 8.66 -19.16 -2.20
CA ARG A 80 9.25 -20.38 -1.63
C ARG A 80 9.43 -21.45 -2.69
N ILE A 81 8.65 -21.35 -3.76
CA ILE A 81 8.81 -22.26 -4.90
C ILE A 81 10.18 -22.06 -5.54
N ALA A 82 10.56 -20.80 -5.73
CA ALA A 82 11.83 -20.46 -6.38
C ALA A 82 12.98 -20.57 -5.40
N GLU A 83 12.64 -20.53 -4.12
CA GLU A 83 13.62 -20.71 -3.07
C GLU A 83 14.03 -22.18 -2.97
N SER A 84 13.07 -23.07 -3.16
CA SER A 84 13.32 -24.50 -3.11
C SER A 84 13.97 -24.98 -4.40
N ASN A 85 13.42 -24.58 -5.54
CA ASN A 85 13.99 -24.96 -6.83
C ASN A 85 14.22 -23.70 -7.64
N HIS A 86 15.43 -23.58 -8.20
CA HIS A 86 15.81 -22.37 -8.90
C HIS A 86 15.12 -22.27 -10.26
N ILE A 87 13.83 -21.98 -10.23
CA ILE A 87 13.09 -21.71 -11.44
C ILE A 87 13.37 -20.30 -11.93
N LYS A 88 12.78 -19.93 -13.05
CA LYS A 88 13.08 -18.64 -13.68
C LYS A 88 11.95 -17.64 -13.51
N LEU A 89 11.87 -17.09 -12.32
CA LEU A 89 10.94 -16.00 -12.05
C LEU A 89 11.54 -14.68 -12.49
N SER A 90 12.81 -14.48 -12.11
CA SER A 90 13.53 -13.25 -12.39
C SER A 90 12.72 -12.03 -11.92
N GLY A 91 12.36 -11.15 -12.83
CA GLY A 91 11.58 -9.99 -12.48
C GLY A 91 10.45 -9.76 -13.46
N SER A 92 10.06 -10.82 -14.16
CA SER A 92 9.03 -10.73 -15.19
C SER A 92 7.63 -10.87 -14.59
N ASN A 93 7.29 -9.96 -13.69
CA ASN A 93 5.96 -9.94 -13.08
C ASN A 93 5.01 -9.11 -13.94
N PRO A 94 4.12 -9.77 -14.70
CA PRO A 94 3.27 -9.12 -15.69
C PRO A 94 2.11 -8.32 -15.08
N TYR A 95 1.38 -8.93 -14.15
CA TYR A 95 0.26 -8.26 -13.52
C TYR A 95 0.72 -7.59 -12.25
N THR A 96 1.41 -8.35 -11.43
CA THR A 96 1.88 -7.87 -10.15
C THR A 96 3.22 -7.16 -10.23
N THR A 97 3.23 -5.95 -10.74
CA THR A 97 4.46 -5.16 -10.74
C THR A 97 4.59 -4.38 -9.43
N VAL A 98 4.46 -5.11 -8.35
CA VAL A 98 4.52 -4.57 -7.00
C VAL A 98 5.38 -5.45 -6.11
N THR A 99 6.64 -5.10 -5.98
CA THR A 99 7.57 -5.88 -5.18
C THR A 99 7.32 -5.67 -3.69
N PRO A 100 7.70 -6.66 -2.85
CA PRO A 100 7.49 -6.59 -1.39
C PRO A 100 8.03 -5.30 -0.78
N GLN A 101 9.20 -4.88 -1.23
CA GLN A 101 9.82 -3.67 -0.73
C GLN A 101 9.01 -2.45 -1.17
N ILE A 102 8.56 -2.48 -2.42
CA ILE A 102 7.82 -1.38 -3.00
C ILE A 102 6.55 -1.09 -2.20
N ILE A 103 5.93 -2.13 -1.64
CA ILE A 103 4.72 -1.97 -0.87
C ILE A 103 5.02 -1.72 0.60
N ASN A 104 6.11 -2.29 1.10
CA ASN A 104 6.48 -2.17 2.51
C ASN A 104 7.06 -0.79 2.81
N SER A 105 8.05 -0.38 2.03
CA SER A 105 8.71 0.91 2.22
C SER A 105 7.74 2.05 1.92
N LYS A 106 6.83 1.81 0.98
CA LYS A 106 5.78 2.78 0.67
C LYS A 106 4.88 2.97 1.89
N TRP A 107 4.54 1.85 2.53
CA TRP A 107 3.73 1.88 3.73
C TRP A 107 4.45 2.62 4.84
N GLU A 108 5.76 2.39 4.95
CA GLU A 108 6.57 3.03 5.98
C GLU A 108 6.55 4.54 5.81
N LYS A 109 6.59 4.98 4.56
CA LYS A 109 6.50 6.40 4.26
C LYS A 109 5.13 6.93 4.63
N VAL A 110 4.09 6.15 4.33
CA VAL A 110 2.72 6.51 4.70
C VAL A 110 2.62 6.72 6.20
N GLN A 111 3.20 5.79 6.96
CA GLN A 111 3.17 5.85 8.42
C GLN A 111 3.82 7.13 8.94
N GLN A 112 4.96 7.47 8.38
CA GLN A 112 5.73 8.63 8.85
C GLN A 112 5.07 9.94 8.38
N LEU A 113 4.25 9.85 7.35
CA LEU A 113 3.56 11.02 6.83
C LEU A 113 2.29 11.30 7.62
N VAL A 114 1.85 10.31 8.40
CA VAL A 114 0.65 10.45 9.20
C VAL A 114 0.79 11.58 10.23
N PRO A 115 1.78 11.53 11.14
CA PRO A 115 1.99 12.57 12.15
C PRO A 115 2.41 13.90 11.51
N LYS A 116 3.04 13.81 10.35
CA LYS A 116 3.46 15.01 9.63
C LYS A 116 2.25 15.75 9.10
N ARG A 117 1.38 15.04 8.41
CA ARG A 117 0.14 15.63 7.91
C ARG A 117 -0.75 16.03 9.07
N ASP A 118 -0.68 15.26 10.15
CA ASP A 118 -1.44 15.56 11.37
C ASP A 118 -0.96 16.86 11.97
N HIS A 119 0.32 17.14 11.80
CA HIS A 119 0.95 18.33 12.37
C HIS A 119 0.51 19.57 11.61
N ALA A 120 0.55 19.46 10.28
CA ALA A 120 0.15 20.57 9.42
C ALA A 120 -1.35 20.81 9.50
N LEU A 121 -2.10 19.74 9.68
CA LEU A 121 -3.55 19.83 9.76
C LEU A 121 -3.97 20.56 11.03
N LEU A 122 -3.40 20.13 12.15
CA LEU A 122 -3.73 20.74 13.44
C LEU A 122 -3.27 22.19 13.50
N GLU A 123 -2.19 22.48 12.77
CA GLU A 123 -1.68 23.84 12.68
C GLU A 123 -2.73 24.78 12.12
N GLU A 124 -3.38 24.35 11.05
CA GLU A 124 -4.37 25.17 10.38
C GLU A 124 -5.71 25.13 11.11
N GLN A 125 -6.08 23.96 11.62
CA GLN A 125 -7.36 23.80 12.31
C GLN A 125 -7.42 24.66 13.57
N SER A 126 -6.27 24.93 14.18
CA SER A 126 -6.22 25.76 15.37
C SER A 126 -6.34 27.24 15.00
N LYS A 127 -6.29 27.50 13.71
CA LYS A 127 -6.49 28.84 13.18
C LYS A 127 -7.80 28.91 12.42
N GLN A 128 -8.45 27.76 12.27
CA GLN A 128 -9.67 27.65 11.47
C GLN A 128 -10.75 26.90 12.24
N GLN A 129 -11.49 27.64 13.04
CA GLN A 129 -12.62 27.08 13.77
C GLN A 129 -13.72 28.13 13.85
N GLY A 1 12.52 -29.48 -16.84
CA GLY A 1 11.20 -29.29 -17.48
C GLY A 1 10.07 -29.31 -16.47
N SER A 2 8.84 -29.29 -16.97
CA SER A 2 7.63 -29.31 -16.13
C SER A 2 7.58 -28.08 -15.22
N THR A 3 8.30 -27.04 -15.59
CA THR A 3 8.39 -25.83 -14.79
C THR A 3 7.12 -25.00 -14.90
N GLU A 4 6.34 -25.27 -15.94
CA GLU A 4 5.11 -24.53 -16.21
C GLU A 4 4.06 -24.78 -15.15
N LYS A 5 4.27 -25.78 -14.30
CA LYS A 5 3.33 -26.07 -13.23
C LYS A 5 3.76 -25.34 -11.97
N GLN A 6 5.07 -25.21 -11.82
CA GLN A 6 5.61 -24.49 -10.69
C GLN A 6 5.32 -23.02 -10.85
N LEU A 7 5.38 -22.54 -12.08
CA LEU A 7 5.17 -21.13 -12.35
C LEU A 7 3.68 -20.80 -12.40
N GLU A 8 2.87 -21.74 -12.91
CA GLU A 8 1.43 -21.49 -13.05
C GLU A 8 0.72 -21.62 -11.71
N ALA A 9 1.21 -22.49 -10.85
CA ALA A 9 0.59 -22.69 -9.55
C ALA A 9 0.78 -21.45 -8.72
N ILE A 10 1.95 -20.85 -8.83
CA ILE A 10 2.25 -19.64 -8.12
C ILE A 10 1.84 -18.41 -8.94
N ASP A 11 1.44 -18.64 -10.19
CA ASP A 11 0.90 -17.57 -11.02
C ASP A 11 -0.53 -17.29 -10.61
N GLN A 12 -1.22 -18.33 -10.16
CA GLN A 12 -2.52 -18.18 -9.54
C GLN A 12 -2.38 -17.49 -8.19
N LEU A 13 -1.19 -17.54 -7.63
CA LEU A 13 -0.87 -16.76 -6.44
C LEU A 13 -0.57 -15.33 -6.86
N HIS A 14 0.12 -15.19 -7.99
CA HIS A 14 0.32 -13.88 -8.61
C HIS A 14 -1.03 -13.27 -8.95
N LEU A 15 -1.98 -14.15 -9.24
CA LEU A 15 -3.35 -13.76 -9.54
C LEU A 15 -3.97 -13.05 -8.35
N GLU A 16 -3.90 -13.69 -7.19
CA GLU A 16 -4.43 -13.10 -5.96
C GLU A 16 -3.61 -11.89 -5.55
N TYR A 17 -2.35 -11.90 -5.93
CA TYR A 17 -1.48 -10.76 -5.66
C TYR A 17 -1.94 -9.59 -6.52
N ALA A 18 -2.22 -9.87 -7.78
CA ALA A 18 -2.67 -8.84 -8.73
C ALA A 18 -4.12 -8.43 -8.45
N LYS A 19 -4.81 -9.23 -7.65
CA LYS A 19 -6.20 -8.93 -7.31
C LYS A 19 -6.31 -8.28 -5.93
N ARG A 20 -5.20 -8.23 -5.21
CA ARG A 20 -5.20 -7.62 -3.88
C ARG A 20 -4.26 -6.42 -3.83
N ALA A 21 -3.10 -6.56 -4.43
CA ALA A 21 -2.12 -5.47 -4.46
C ALA A 21 -2.58 -4.38 -5.42
N ALA A 22 -3.59 -4.68 -6.23
CA ALA A 22 -4.08 -3.73 -7.22
C ALA A 22 -4.86 -2.61 -6.56
N PRO A 23 -5.95 -2.91 -5.82
CA PRO A 23 -6.69 -1.87 -5.08
C PRO A 23 -5.83 -1.28 -3.96
N PHE A 24 -4.92 -2.08 -3.45
CA PHE A 24 -4.00 -1.62 -2.42
C PHE A 24 -3.03 -0.61 -2.99
N ASN A 25 -2.54 -0.86 -4.19
CA ASN A 25 -1.61 0.06 -4.84
C ASN A 25 -2.33 1.33 -5.21
N ASN A 26 -3.61 1.20 -5.51
CA ASN A 26 -4.43 2.34 -5.89
C ASN A 26 -4.64 3.23 -4.68
N TRP A 27 -4.77 2.59 -3.53
CA TRP A 27 -4.87 3.28 -2.25
C TRP A 27 -3.52 3.92 -1.91
N MET A 28 -2.46 3.12 -2.07
CA MET A 28 -1.10 3.57 -1.80
C MET A 28 -0.74 4.81 -2.61
N GLU A 29 -1.36 4.95 -3.78
CA GLU A 29 -1.10 6.12 -4.63
C GLU A 29 -1.76 7.37 -4.03
N SER A 30 -3.08 7.35 -3.96
CA SER A 30 -3.84 8.53 -3.56
C SER A 30 -3.50 8.97 -2.14
N ALA A 31 -3.32 8.01 -1.25
CA ALA A 31 -3.10 8.32 0.15
C ALA A 31 -1.70 8.88 0.40
N MET A 32 -0.69 8.15 -0.05
CA MET A 32 0.69 8.54 0.20
C MET A 32 1.02 9.87 -0.47
N GLU A 33 0.52 10.05 -1.69
CA GLU A 33 0.79 11.26 -2.46
C GLU A 33 0.16 12.46 -1.77
N ASP A 34 -1.02 12.27 -1.20
CA ASP A 34 -1.69 13.35 -0.48
C ASP A 34 -0.97 13.63 0.83
N LEU A 35 -0.47 12.56 1.43
CA LEU A 35 0.19 12.64 2.73
C LEU A 35 1.40 13.57 2.71
N GLN A 36 2.18 13.51 1.64
CA GLN A 36 3.38 14.33 1.53
C GLN A 36 3.05 15.72 0.98
N ASP A 37 1.88 15.85 0.40
CA ASP A 37 1.48 17.12 -0.20
C ASP A 37 1.05 18.12 0.87
N MET A 38 1.25 19.40 0.59
CA MET A 38 0.83 20.44 1.49
C MET A 38 -0.61 20.83 1.20
N PHE A 39 -1.50 20.40 2.07
CA PHE A 39 -2.93 20.66 1.92
C PHE A 39 -3.21 22.15 2.01
N ILE A 40 -4.13 22.62 1.19
CA ILE A 40 -4.62 23.98 1.27
C ILE A 40 -6.12 23.97 1.52
N VAL A 41 -6.56 24.80 2.45
CA VAL A 41 -7.98 24.89 2.77
C VAL A 41 -8.45 26.32 2.64
N HIS A 42 -9.74 26.49 2.41
CA HIS A 42 -10.32 27.81 2.26
C HIS A 42 -11.30 28.08 3.39
N THR A 43 -12.26 27.18 3.56
CA THR A 43 -13.24 27.31 4.62
C THR A 43 -12.90 26.40 5.79
N ILE A 44 -13.54 26.62 6.93
CA ILE A 44 -13.33 25.78 8.11
C ILE A 44 -13.85 24.38 7.87
N GLU A 45 -14.76 24.27 6.90
CA GLU A 45 -15.37 23.01 6.54
C GLU A 45 -14.33 22.03 5.99
N GLU A 46 -13.54 22.50 5.04
CA GLU A 46 -12.50 21.67 4.42
C GLU A 46 -11.45 21.27 5.44
N ILE A 47 -11.20 22.15 6.40
CA ILE A 47 -10.20 21.89 7.42
C ILE A 47 -10.64 20.70 8.29
N GLU A 48 -11.94 20.56 8.50
CA GLU A 48 -12.47 19.46 9.28
C GLU A 48 -12.56 18.21 8.40
N GLY A 49 -12.79 18.42 7.12
CA GLY A 49 -12.89 17.32 6.19
C GLY A 49 -11.56 16.65 5.98
N LEU A 50 -10.53 17.48 5.87
CA LEU A 50 -9.16 17.00 5.74
C LEU A 50 -8.78 16.13 6.93
N ILE A 51 -9.14 16.60 8.11
CA ILE A 51 -8.83 15.89 9.34
C ILE A 51 -9.72 14.65 9.51
N SER A 52 -10.98 14.75 9.08
CA SER A 52 -11.89 13.62 9.12
C SER A 52 -11.33 12.47 8.27
N ALA A 53 -10.77 12.82 7.12
CA ALA A 53 -10.14 11.85 6.24
C ALA A 53 -8.90 11.26 6.90
N HIS A 54 -8.21 12.08 7.69
CA HIS A 54 -7.02 11.65 8.41
C HIS A 54 -7.38 10.71 9.55
N ASP A 55 -8.49 11.01 10.21
CA ASP A 55 -8.99 10.17 11.29
C ASP A 55 -9.40 8.80 10.76
N GLN A 56 -10.21 8.81 9.71
CA GLN A 56 -10.65 7.57 9.07
C GLN A 56 -9.47 6.85 8.47
N PHE A 57 -8.42 7.60 8.14
CA PHE A 57 -7.20 7.03 7.63
C PHE A 57 -6.59 6.07 8.64
N LYS A 58 -6.70 6.42 9.91
CA LYS A 58 -6.20 5.59 10.99
C LYS A 58 -7.07 4.36 11.17
N SER A 59 -8.22 4.34 10.53
CA SER A 59 -9.11 3.19 10.58
C SER A 59 -8.87 2.28 9.39
N THR A 60 -8.47 2.88 8.28
CA THR A 60 -8.10 2.12 7.10
C THR A 60 -6.73 1.48 7.26
N LEU A 61 -5.90 2.08 8.11
CA LEU A 61 -4.53 1.61 8.33
C LEU A 61 -4.50 0.15 8.80
N PRO A 62 -5.18 -0.23 9.91
CA PRO A 62 -5.17 -1.61 10.39
C PRO A 62 -5.71 -2.60 9.35
N ASP A 63 -6.64 -2.13 8.52
CA ASP A 63 -7.23 -2.96 7.47
C ASP A 63 -6.21 -3.19 6.35
N ALA A 64 -5.60 -2.10 5.90
CA ALA A 64 -4.62 -2.16 4.83
C ALA A 64 -3.31 -2.80 5.30
N ASP A 65 -3.01 -2.64 6.58
CA ASP A 65 -1.81 -3.24 7.17
C ASP A 65 -1.91 -4.77 7.11
N ARG A 66 -3.05 -5.29 7.51
CA ARG A 66 -3.29 -6.72 7.44
C ARG A 66 -3.30 -7.20 6.00
N GLU A 67 -3.79 -6.32 5.12
CA GLU A 67 -3.80 -6.60 3.69
C GLU A 67 -2.37 -6.74 3.17
N ARG A 68 -1.49 -5.82 3.57
CA ARG A 68 -0.11 -5.86 3.16
C ARG A 68 0.56 -7.15 3.64
N GLU A 69 0.27 -7.54 4.87
CA GLU A 69 0.80 -8.78 5.43
C GLU A 69 0.23 -9.98 4.68
N ALA A 70 -1.04 -9.89 4.30
CA ALA A 70 -1.71 -10.97 3.58
C ALA A 70 -1.24 -11.04 2.14
N ILE A 71 -0.66 -9.96 1.65
CA ILE A 71 -0.18 -9.89 0.28
C ILE A 71 1.23 -10.48 0.25
N LEU A 72 1.99 -10.20 1.30
CA LEU A 72 3.29 -10.81 1.49
C LEU A 72 3.10 -12.30 1.77
N ALA A 73 1.95 -12.62 2.36
CA ALA A 73 1.60 -14.01 2.63
C ALA A 73 1.34 -14.76 1.32
N ILE A 74 0.73 -14.06 0.38
CA ILE A 74 0.47 -14.62 -0.95
C ILE A 74 1.80 -14.82 -1.69
N HIS A 75 2.67 -13.83 -1.58
CA HIS A 75 3.94 -13.86 -2.29
C HIS A 75 4.92 -14.83 -1.61
N LYS A 76 4.59 -15.26 -0.40
CA LYS A 76 5.45 -16.17 0.34
C LYS A 76 5.68 -17.45 -0.42
N GLU A 77 4.60 -18.05 -0.90
CA GLU A 77 4.69 -19.31 -1.63
C GLU A 77 5.09 -19.03 -3.07
N ALA A 78 4.71 -17.87 -3.56
CA ALA A 78 4.98 -17.49 -4.94
C ALA A 78 6.45 -17.10 -5.14
N GLN A 79 7.11 -16.75 -4.05
CA GLN A 79 8.52 -16.36 -4.14
C GLN A 79 9.42 -17.51 -3.74
N ARG A 80 8.95 -18.33 -2.82
CA ARG A 80 9.77 -19.40 -2.25
C ARG A 80 10.20 -20.39 -3.32
N ILE A 81 9.35 -20.58 -4.33
CA ILE A 81 9.69 -21.48 -5.43
C ILE A 81 10.85 -20.93 -6.24
N ALA A 82 10.92 -19.60 -6.32
CA ALA A 82 11.99 -18.93 -7.05
C ALA A 82 13.23 -18.77 -6.18
N GLU A 83 13.03 -18.75 -4.87
CA GLU A 83 14.13 -18.68 -3.93
C GLU A 83 14.82 -20.04 -3.83
N SER A 84 14.05 -21.10 -3.96
CA SER A 84 14.59 -22.45 -4.00
C SER A 84 15.29 -22.70 -5.33
N ASN A 85 14.77 -22.09 -6.40
CA ASN A 85 15.38 -22.16 -7.70
C ASN A 85 16.19 -20.91 -7.94
N HIS A 86 16.35 -20.53 -9.20
CA HIS A 86 16.87 -19.21 -9.54
C HIS A 86 16.14 -18.70 -10.77
N ILE A 87 14.84 -18.98 -10.81
CA ILE A 87 14.02 -18.68 -11.98
C ILE A 87 13.52 -17.24 -11.96
N LYS A 88 12.81 -16.88 -13.01
CA LYS A 88 12.21 -15.56 -13.14
C LYS A 88 10.71 -15.72 -13.29
N LEU A 89 10.03 -15.74 -12.15
CA LEU A 89 8.57 -15.93 -12.06
C LEU A 89 7.80 -15.19 -13.15
N SER A 90 7.41 -15.93 -14.19
CA SER A 90 6.66 -15.38 -15.31
C SER A 90 7.30 -14.10 -15.85
N GLY A 91 8.63 -14.10 -15.92
CA GLY A 91 9.35 -12.93 -16.36
C GLY A 91 9.59 -11.97 -15.20
N SER A 92 8.85 -10.87 -15.19
CA SER A 92 8.91 -9.91 -14.10
C SER A 92 7.52 -9.65 -13.56
N ASN A 93 6.81 -10.75 -13.23
CA ASN A 93 5.41 -10.72 -12.80
C ASN A 93 4.51 -10.38 -14.00
N PRO A 94 3.61 -11.30 -14.34
CA PRO A 94 2.82 -11.22 -15.57
C PRO A 94 1.57 -10.35 -15.44
N TYR A 95 1.10 -10.15 -14.22
CA TYR A 95 -0.18 -9.49 -14.02
C TYR A 95 0.00 -8.15 -13.32
N THR A 96 0.79 -8.13 -12.28
CA THR A 96 0.96 -6.91 -11.49
C THR A 96 2.45 -6.59 -11.31
N THR A 97 2.78 -5.31 -11.34
CA THR A 97 4.16 -4.89 -11.17
C THR A 97 4.38 -4.21 -9.82
N VAL A 98 4.26 -5.01 -8.77
CA VAL A 98 4.46 -4.52 -7.42
C VAL A 98 5.34 -5.48 -6.63
N THR A 99 6.57 -5.05 -6.34
CA THR A 99 7.47 -5.86 -5.56
C THR A 99 7.15 -5.73 -4.07
N PRO A 100 7.57 -6.71 -3.25
CA PRO A 100 7.33 -6.68 -1.81
C PRO A 100 7.88 -5.42 -1.17
N GLN A 101 9.02 -4.97 -1.66
CA GLN A 101 9.67 -3.78 -1.13
C GLN A 101 8.88 -2.54 -1.48
N ILE A 102 8.35 -2.51 -2.70
CA ILE A 102 7.56 -1.38 -3.17
C ILE A 102 6.37 -1.12 -2.24
N ILE A 103 5.72 -2.19 -1.80
CA ILE A 103 4.54 -2.07 -0.97
C ILE A 103 4.90 -1.91 0.51
N ASN A 104 5.95 -2.58 0.95
CA ASN A 104 6.35 -2.54 2.36
C ASN A 104 7.05 -1.22 2.70
N SER A 105 7.89 -0.73 1.81
CA SER A 105 8.62 0.51 2.06
C SER A 105 7.69 1.71 1.89
N LYS A 106 6.71 1.59 1.01
CA LYS A 106 5.72 2.65 0.83
C LYS A 106 4.90 2.80 2.10
N TRP A 107 4.48 1.67 2.66
CA TRP A 107 3.75 1.65 3.92
C TRP A 107 4.56 2.33 5.02
N GLU A 108 5.86 2.03 5.04
CA GLU A 108 6.78 2.59 6.02
C GLU A 108 6.72 4.11 6.04
N LYS A 109 6.66 4.71 4.86
CA LYS A 109 6.62 6.16 4.75
C LYS A 109 5.22 6.68 5.06
N VAL A 110 4.21 5.90 4.70
CA VAL A 110 2.82 6.25 4.99
C VAL A 110 2.62 6.45 6.49
N GLN A 111 3.12 5.51 7.28
CA GLN A 111 2.98 5.54 8.74
C GLN A 111 3.61 6.80 9.34
N GLN A 112 4.77 7.17 8.83
CA GLN A 112 5.52 8.28 9.39
C GLN A 112 5.01 9.62 8.88
N LEU A 113 4.18 9.58 7.85
CA LEU A 113 3.63 10.80 7.27
C LEU A 113 2.32 11.17 7.96
N VAL A 114 1.75 10.23 8.70
CA VAL A 114 0.51 10.47 9.42
C VAL A 114 0.66 11.60 10.45
N PRO A 115 1.59 11.47 11.42
CA PRO A 115 1.79 12.50 12.46
C PRO A 115 2.24 13.84 11.89
N LYS A 116 3.05 13.79 10.83
CA LYS A 116 3.52 15.00 10.17
C LYS A 116 2.36 15.83 9.67
N ARG A 117 1.45 15.19 8.95
CA ARG A 117 0.26 15.84 8.43
C ARG A 117 -0.71 16.17 9.56
N ASP A 118 -0.70 15.34 10.59
CA ASP A 118 -1.55 15.55 11.76
C ASP A 118 -1.18 16.85 12.44
N HIS A 119 0.10 17.16 12.43
CA HIS A 119 0.63 18.33 13.11
C HIS A 119 0.23 19.58 12.36
N ALA A 120 0.37 19.55 11.05
CA ALA A 120 0.03 20.69 10.21
C ALA A 120 -1.48 20.96 10.25
N LEU A 121 -2.25 19.89 10.29
CA LEU A 121 -3.71 19.98 10.28
C LEU A 121 -4.24 20.66 11.53
N LEU A 122 -3.82 20.18 12.68
CA LEU A 122 -4.29 20.71 13.96
C LEU A 122 -3.87 22.17 14.12
N GLU A 123 -2.66 22.49 13.69
CA GLU A 123 -2.16 23.86 13.77
C GLU A 123 -3.00 24.78 12.89
N GLU A 124 -3.35 24.30 11.71
CA GLU A 124 -4.16 25.09 10.79
C GLU A 124 -5.59 25.22 11.28
N GLN A 125 -6.22 24.08 11.59
CA GLN A 125 -7.62 24.05 11.98
C GLN A 125 -7.88 24.92 13.20
N SER A 126 -6.87 25.11 14.03
CA SER A 126 -7.04 25.88 15.26
C SER A 126 -7.35 27.35 14.96
N LYS A 127 -6.79 27.86 13.89
CA LYS A 127 -7.03 29.24 13.51
C LYS A 127 -7.92 29.29 12.27
N GLN A 128 -8.47 28.14 11.89
CA GLN A 128 -9.23 28.04 10.65
C GLN A 128 -10.57 27.33 10.85
N GLN A 129 -11.08 27.35 12.07
CA GLN A 129 -12.37 26.78 12.37
C GLN A 129 -13.03 27.57 13.51
N GLY A 1 13.14 -29.40 -17.06
CA GLY A 1 12.53 -30.51 -16.29
C GLY A 1 11.32 -30.05 -15.51
N SER A 2 11.02 -30.75 -14.41
CA SER A 2 9.87 -30.42 -13.57
C SER A 2 10.09 -29.08 -12.86
N THR A 3 9.62 -28.02 -13.48
CA THR A 3 9.75 -26.68 -12.93
C THR A 3 8.60 -25.79 -13.40
N GLU A 4 8.10 -26.09 -14.59
CA GLU A 4 7.01 -25.35 -15.21
C GLU A 4 5.74 -25.43 -14.37
N LYS A 5 5.64 -26.50 -13.59
CA LYS A 5 4.45 -26.77 -12.80
C LYS A 5 4.53 -25.96 -11.53
N GLN A 6 5.75 -25.71 -11.08
CA GLN A 6 5.98 -24.85 -9.94
C GLN A 6 5.69 -23.41 -10.33
N LEU A 7 6.03 -23.06 -11.56
CA LEU A 7 5.84 -21.70 -12.04
C LEU A 7 4.37 -21.42 -12.32
N GLU A 8 3.73 -22.36 -12.97
CA GLU A 8 2.34 -22.17 -13.40
C GLU A 8 1.38 -22.25 -12.23
N ALA A 9 1.69 -23.09 -11.25
CA ALA A 9 0.82 -23.27 -10.10
C ALA A 9 0.78 -22.00 -9.28
N ILE A 10 1.93 -21.35 -9.17
CA ILE A 10 2.02 -20.11 -8.42
C ILE A 10 1.62 -18.92 -9.29
N ASP A 11 1.55 -19.15 -10.59
CA ASP A 11 1.07 -18.12 -11.51
C ASP A 11 -0.44 -17.98 -11.39
N GLN A 12 -1.10 -19.08 -11.07
CA GLN A 12 -2.54 -19.07 -10.88
C GLN A 12 -2.91 -18.30 -9.62
N LEU A 13 -2.03 -18.30 -8.63
CA LEU A 13 -2.24 -17.52 -7.43
C LEU A 13 -1.56 -16.16 -7.55
N HIS A 14 -0.75 -16.00 -8.60
CA HIS A 14 -0.17 -14.70 -8.95
C HIS A 14 -1.30 -13.73 -9.24
N LEU A 15 -2.42 -14.28 -9.71
CA LEU A 15 -3.61 -13.50 -10.01
C LEU A 15 -4.11 -12.80 -8.75
N GLU A 16 -4.06 -13.51 -7.63
CA GLU A 16 -4.53 -12.95 -6.36
C GLU A 16 -3.67 -11.76 -5.95
N TYR A 17 -2.39 -11.83 -6.28
CA TYR A 17 -1.48 -10.73 -6.01
C TYR A 17 -1.89 -9.54 -6.87
N ALA A 18 -2.16 -9.80 -8.13
CA ALA A 18 -2.52 -8.75 -9.08
C ALA A 18 -3.93 -8.22 -8.81
N LYS A 19 -4.75 -9.01 -8.14
CA LYS A 19 -6.12 -8.59 -7.85
C LYS A 19 -6.19 -7.81 -6.56
N ARG A 20 -5.22 -8.01 -5.68
CA ARG A 20 -5.25 -7.36 -4.37
C ARG A 20 -4.25 -6.21 -4.29
N ALA A 21 -3.09 -6.38 -4.91
CA ALA A 21 -2.09 -5.32 -4.93
C ALA A 21 -2.57 -4.16 -5.80
N ALA A 22 -3.53 -4.46 -6.68
CA ALA A 22 -4.02 -3.45 -7.62
C ALA A 22 -4.75 -2.31 -6.91
N PRO A 23 -5.83 -2.59 -6.13
CA PRO A 23 -6.54 -1.53 -5.41
C PRO A 23 -5.69 -0.94 -4.28
N PHE A 24 -4.86 -1.78 -3.68
CA PHE A 24 -3.98 -1.35 -2.61
C PHE A 24 -2.98 -0.33 -3.12
N ASN A 25 -2.43 -0.57 -4.30
CA ASN A 25 -1.45 0.33 -4.88
C ASN A 25 -2.12 1.61 -5.34
N ASN A 26 -3.41 1.51 -5.60
CA ASN A 26 -4.20 2.66 -5.99
C ASN A 26 -4.42 3.54 -4.76
N TRP A 27 -4.68 2.88 -3.63
CA TRP A 27 -4.87 3.56 -2.36
C TRP A 27 -3.59 4.24 -1.92
N MET A 28 -2.49 3.49 -2.01
CA MET A 28 -1.16 4.00 -1.65
C MET A 28 -0.83 5.28 -2.41
N GLU A 29 -1.24 5.32 -3.67
CA GLU A 29 -0.92 6.44 -4.54
C GLU A 29 -1.63 7.71 -4.05
N SER A 30 -2.93 7.63 -3.86
CA SER A 30 -3.71 8.79 -3.47
C SER A 30 -3.36 9.24 -2.06
N ALA A 31 -3.21 8.27 -1.16
CA ALA A 31 -2.96 8.58 0.25
C ALA A 31 -1.58 9.18 0.46
N MET A 32 -0.55 8.52 -0.04
CA MET A 32 0.82 8.98 0.14
C MET A 32 1.02 10.36 -0.47
N GLU A 33 0.38 10.59 -1.60
CA GLU A 33 0.48 11.86 -2.29
C GLU A 33 -0.11 12.99 -1.45
N ASP A 34 -1.29 12.74 -0.90
CA ASP A 34 -1.98 13.77 -0.12
C ASP A 34 -1.29 13.96 1.23
N LEU A 35 -0.72 12.89 1.75
CA LEU A 35 -0.10 12.91 3.07
C LEU A 35 1.00 13.96 3.19
N GLN A 36 1.67 14.24 2.08
CA GLN A 36 2.73 15.23 2.08
C GLN A 36 2.26 16.57 1.50
N ASP A 37 1.10 16.56 0.89
CA ASP A 37 0.62 17.72 0.16
C ASP A 37 -0.08 18.71 1.09
N MET A 38 -0.04 19.98 0.71
CA MET A 38 -0.67 21.03 1.50
C MET A 38 -2.14 21.15 1.14
N PHE A 39 -2.97 20.77 2.09
CA PHE A 39 -4.41 20.80 1.92
C PHE A 39 -4.93 22.23 1.87
N ILE A 40 -5.88 22.47 0.99
CA ILE A 40 -6.54 23.76 0.92
C ILE A 40 -7.96 23.66 1.47
N VAL A 41 -8.32 24.60 2.32
CA VAL A 41 -9.64 24.61 2.94
C VAL A 41 -10.41 25.87 2.54
N HIS A 42 -11.72 25.82 2.70
CA HIS A 42 -12.57 26.97 2.40
C HIS A 42 -13.33 27.42 3.63
N THR A 43 -13.99 26.47 4.29
CA THR A 43 -14.75 26.78 5.48
C THR A 43 -14.13 26.12 6.71
N ILE A 44 -14.59 26.51 7.89
CA ILE A 44 -14.12 25.93 9.15
C ILE A 44 -14.38 24.42 9.18
N GLU A 45 -15.56 24.03 8.73
CA GLU A 45 -15.96 22.64 8.67
C GLU A 45 -14.99 21.83 7.79
N GLU A 46 -14.47 22.48 6.76
CA GLU A 46 -13.51 21.84 5.87
C GLU A 46 -12.19 21.57 6.57
N ILE A 47 -11.81 22.48 7.45
CA ILE A 47 -10.58 22.32 8.21
C ILE A 47 -10.72 21.14 9.17
N GLU A 48 -11.93 20.95 9.69
CA GLU A 48 -12.22 19.86 10.61
C GLU A 48 -12.38 18.57 9.83
N GLY A 49 -12.91 18.67 8.62
CA GLY A 49 -13.07 17.51 7.78
C GLY A 49 -11.74 17.02 7.26
N LEU A 50 -10.82 17.96 7.09
CA LEU A 50 -9.46 17.64 6.74
C LEU A 50 -8.81 16.81 7.84
N ILE A 51 -9.10 17.16 9.08
CA ILE A 51 -8.64 16.38 10.22
C ILE A 51 -9.20 14.97 10.15
N SER A 52 -10.47 14.85 9.77
CA SER A 52 -11.11 13.55 9.60
C SER A 52 -10.39 12.75 8.52
N ALA A 53 -9.86 13.43 7.52
CA ALA A 53 -9.13 12.76 6.44
C ALA A 53 -7.78 12.22 6.95
N HIS A 54 -7.45 12.57 8.19
CA HIS A 54 -6.28 12.00 8.84
C HIS A 54 -6.73 10.95 9.86
N ASP A 55 -7.78 11.28 10.59
CA ASP A 55 -8.33 10.40 11.60
C ASP A 55 -8.92 9.14 10.98
N GLN A 56 -9.72 9.31 9.93
CA GLN A 56 -10.32 8.17 9.25
C GLN A 56 -9.26 7.44 8.45
N PHE A 57 -8.17 8.14 8.15
CA PHE A 57 -7.04 7.53 7.47
C PHE A 57 -6.36 6.55 8.40
N LYS A 58 -6.31 6.92 9.68
CA LYS A 58 -5.80 6.04 10.71
C LYS A 58 -6.71 4.83 10.88
N SER A 59 -7.95 5.01 10.45
CA SER A 59 -8.97 3.96 10.58
C SER A 59 -8.89 2.98 9.41
N THR A 60 -8.44 3.46 8.26
CA THR A 60 -8.25 2.59 7.11
C THR A 60 -6.93 1.82 7.23
N LEU A 61 -6.04 2.33 8.07
CA LEU A 61 -4.72 1.74 8.25
C LEU A 61 -4.77 0.27 8.68
N PRO A 62 -5.52 -0.08 9.74
CA PRO A 62 -5.60 -1.47 10.22
C PRO A 62 -6.05 -2.45 9.12
N ASP A 63 -6.96 -1.99 8.26
CA ASP A 63 -7.50 -2.84 7.21
C ASP A 63 -6.50 -2.96 6.06
N ALA A 64 -5.89 -1.85 5.69
CA ALA A 64 -4.90 -1.83 4.61
C ALA A 64 -3.62 -2.55 5.04
N ASP A 65 -3.29 -2.45 6.32
CA ASP A 65 -2.14 -3.14 6.88
C ASP A 65 -2.32 -4.65 6.75
N ARG A 66 -3.56 -5.08 6.95
CA ARG A 66 -3.92 -6.49 6.78
C ARG A 66 -3.66 -6.94 5.35
N GLU A 67 -4.07 -6.11 4.40
CA GLU A 67 -3.89 -6.40 2.98
C GLU A 67 -2.41 -6.49 2.63
N ARG A 68 -1.60 -5.63 3.23
CA ARG A 68 -0.17 -5.62 2.97
C ARG A 68 0.46 -6.97 3.34
N GLU A 69 0.04 -7.53 4.47
CA GLU A 69 0.53 -8.83 4.88
C GLU A 69 -0.10 -9.93 4.05
N ALA A 70 -1.38 -9.76 3.71
CA ALA A 70 -2.12 -10.74 2.92
C ALA A 70 -1.61 -10.83 1.49
N ILE A 71 -0.94 -9.77 1.05
CA ILE A 71 -0.39 -9.72 -0.28
C ILE A 71 0.98 -10.39 -0.26
N LEU A 72 1.70 -10.16 0.81
CA LEU A 72 2.96 -10.83 1.06
C LEU A 72 2.70 -12.31 1.25
N ALA A 73 1.53 -12.61 1.81
CA ALA A 73 1.12 -13.99 2.01
C ALA A 73 0.99 -14.71 0.68
N ILE A 74 0.42 -14.03 -0.30
CA ILE A 74 0.29 -14.57 -1.65
C ILE A 74 1.67 -14.84 -2.25
N HIS A 75 2.57 -13.88 -2.09
CA HIS A 75 3.91 -13.98 -2.64
C HIS A 75 4.71 -15.06 -1.92
N LYS A 76 4.25 -15.48 -0.77
CA LYS A 76 4.95 -16.52 -0.02
C LYS A 76 4.96 -17.82 -0.80
N GLU A 77 3.82 -18.14 -1.40
CA GLU A 77 3.72 -19.30 -2.26
C GLU A 77 4.28 -18.98 -3.64
N ALA A 78 4.08 -17.73 -4.06
CA ALA A 78 4.50 -17.30 -5.39
C ALA A 78 5.98 -16.93 -5.43
N GLN A 79 6.67 -17.13 -4.32
CA GLN A 79 8.11 -16.89 -4.28
C GLN A 79 8.86 -18.13 -3.86
N ARG A 80 8.19 -19.01 -3.14
CA ARG A 80 8.83 -20.20 -2.59
C ARG A 80 9.39 -21.09 -3.70
N ILE A 81 8.76 -21.06 -4.86
CA ILE A 81 9.21 -21.86 -6.01
C ILE A 81 10.51 -21.29 -6.58
N ALA A 82 10.69 -19.99 -6.41
CA ALA A 82 11.91 -19.33 -6.85
C ALA A 82 13.02 -19.59 -5.84
N GLU A 83 12.62 -19.75 -4.59
CA GLU A 83 13.56 -19.96 -3.51
C GLU A 83 14.02 -21.42 -3.44
N SER A 84 13.23 -22.33 -4.01
CA SER A 84 13.64 -23.72 -4.13
C SER A 84 14.64 -23.87 -5.26
N ASN A 85 14.60 -22.93 -6.20
CA ASN A 85 15.53 -22.92 -7.31
C ASN A 85 16.56 -21.81 -7.08
N HIS A 86 17.05 -21.21 -8.14
CA HIS A 86 17.95 -20.08 -8.02
C HIS A 86 17.60 -19.02 -9.06
N ILE A 87 16.30 -18.85 -9.29
CA ILE A 87 15.80 -17.94 -10.29
C ILE A 87 15.59 -16.55 -9.70
N LYS A 88 15.14 -15.63 -10.54
CA LYS A 88 14.92 -14.26 -10.11
C LYS A 88 13.52 -13.80 -10.48
N LEU A 89 12.57 -14.08 -9.60
CA LEU A 89 11.19 -13.64 -9.80
C LEU A 89 11.06 -12.16 -9.47
N SER A 90 12.06 -11.62 -8.78
CA SER A 90 12.09 -10.20 -8.45
C SER A 90 12.21 -9.37 -9.72
N GLY A 91 11.09 -8.79 -10.15
CA GLY A 91 11.06 -8.03 -11.38
C GLY A 91 10.45 -8.82 -12.52
N SER A 92 10.13 -10.08 -12.25
CA SER A 92 9.60 -10.97 -13.27
C SER A 92 8.15 -11.36 -12.97
N ASN A 93 7.43 -10.45 -12.33
CA ASN A 93 6.02 -10.66 -12.06
C ASN A 93 5.20 -10.32 -13.30
N PRO A 94 4.39 -11.27 -13.77
CA PRO A 94 3.72 -11.16 -15.08
C PRO A 94 2.44 -10.32 -15.04
N TYR A 95 1.77 -10.28 -13.89
CA TYR A 95 0.48 -9.63 -13.81
C TYR A 95 0.59 -8.33 -13.01
N THR A 96 1.25 -8.41 -11.86
CA THR A 96 1.48 -7.24 -11.05
C THR A 96 2.96 -7.17 -10.70
N THR A 97 3.64 -6.20 -11.29
CA THR A 97 5.09 -6.09 -11.22
C THR A 97 5.60 -5.89 -9.79
N VAL A 98 4.83 -5.17 -8.99
CA VAL A 98 5.22 -4.82 -7.62
C VAL A 98 5.82 -5.99 -6.84
N THR A 99 6.90 -5.72 -6.12
CA THR A 99 7.49 -6.69 -5.23
C THR A 99 6.96 -6.50 -3.82
N PRO A 100 7.19 -7.46 -2.90
CA PRO A 100 6.77 -7.33 -1.49
C PRO A 100 7.37 -6.10 -0.83
N GLN A 101 8.58 -5.76 -1.26
CA GLN A 101 9.30 -4.63 -0.70
C GLN A 101 8.70 -3.33 -1.22
N ILE A 102 8.18 -3.38 -2.45
CA ILE A 102 7.54 -2.24 -3.06
C ILE A 102 6.40 -1.73 -2.19
N ILE A 103 5.51 -2.64 -1.80
CA ILE A 103 4.32 -2.27 -1.06
C ILE A 103 4.62 -2.10 0.43
N ASN A 104 5.58 -2.85 0.95
CA ASN A 104 5.90 -2.79 2.38
C ASN A 104 6.67 -1.51 2.71
N SER A 105 7.67 -1.20 1.91
CA SER A 105 8.47 0.00 2.15
C SER A 105 7.66 1.26 1.86
N LYS A 106 6.74 1.16 0.91
CA LYS A 106 5.81 2.26 0.62
C LYS A 106 4.92 2.51 1.82
N TRP A 107 4.45 1.42 2.42
CA TRP A 107 3.65 1.49 3.63
C TRP A 107 4.43 2.17 4.74
N GLU A 108 5.70 1.81 4.86
CA GLU A 108 6.57 2.37 5.87
C GLU A 108 6.67 3.89 5.71
N LYS A 109 6.81 4.34 4.48
CA LYS A 109 6.87 5.76 4.18
C LYS A 109 5.55 6.44 4.52
N VAL A 110 4.45 5.72 4.33
CA VAL A 110 3.13 6.21 4.66
C VAL A 110 3.01 6.47 6.16
N GLN A 111 3.48 5.50 6.97
CA GLN A 111 3.39 5.60 8.42
C GLN A 111 4.16 6.80 8.95
N GLN A 112 5.30 7.09 8.32
CA GLN A 112 6.15 8.19 8.78
C GLN A 112 5.69 9.53 8.20
N LEU A 113 4.69 9.50 7.33
CA LEU A 113 4.14 10.72 6.76
C LEU A 113 2.94 11.19 7.58
N VAL A 114 2.45 10.29 8.42
CA VAL A 114 1.32 10.61 9.29
C VAL A 114 1.61 11.81 10.21
N PRO A 115 2.72 11.77 11.00
CA PRO A 115 3.07 12.88 11.91
C PRO A 115 3.26 14.22 11.20
N LYS A 116 3.66 14.17 9.93
CA LYS A 116 3.91 15.38 9.17
C LYS A 116 2.61 16.13 8.93
N ARG A 117 1.65 15.45 8.31
CA ARG A 117 0.35 16.04 8.03
C ARG A 117 -0.42 16.28 9.32
N ASP A 118 -0.09 15.53 10.35
CA ASP A 118 -0.69 15.72 11.67
C ASP A 118 -0.42 17.12 12.19
N HIS A 119 0.81 17.59 11.96
CA HIS A 119 1.21 18.89 12.48
C HIS A 119 0.66 20.00 11.60
N ALA A 120 0.70 19.78 10.29
CA ALA A 120 0.18 20.76 9.34
C ALA A 120 -1.30 21.00 9.57
N LEU A 121 -2.02 19.93 9.86
CA LEU A 121 -3.46 19.99 10.11
C LEU A 121 -3.74 20.74 11.40
N LEU A 122 -3.08 20.31 12.47
CA LEU A 122 -3.30 20.90 13.79
C LEU A 122 -3.01 22.39 13.80
N GLU A 123 -1.89 22.78 13.20
CA GLU A 123 -1.50 24.18 13.14
C GLU A 123 -2.51 24.99 12.34
N GLU A 124 -2.99 24.42 11.24
CA GLU A 124 -3.94 25.09 10.37
C GLU A 124 -5.31 25.19 11.01
N GLN A 125 -5.75 24.11 11.65
CA GLN A 125 -7.06 24.09 12.29
C GLN A 125 -7.07 25.01 13.50
N SER A 126 -5.91 25.23 14.09
CA SER A 126 -5.78 26.15 15.21
C SER A 126 -5.73 27.60 14.70
N LYS A 127 -5.50 27.75 13.40
CA LYS A 127 -5.48 29.06 12.78
C LYS A 127 -6.89 29.46 12.37
N GLN A 128 -7.83 28.56 12.58
CA GLN A 128 -9.22 28.80 12.22
C GLN A 128 -10.04 29.14 13.46
N GLN A 129 -11.27 28.63 13.51
CA GLN A 129 -12.19 28.95 14.58
C GLN A 129 -12.19 27.86 15.64
N GLY A 1 13.48 -29.68 -13.42
CA GLY A 1 12.04 -29.73 -13.07
C GLY A 1 11.17 -29.02 -14.10
N SER A 2 9.93 -29.45 -14.22
CA SER A 2 9.00 -28.83 -15.14
C SER A 2 8.59 -27.44 -14.65
N THR A 3 9.30 -26.42 -15.13
CA THR A 3 9.08 -25.06 -14.69
C THR A 3 7.66 -24.59 -14.96
N GLU A 4 7.08 -25.05 -16.07
CA GLU A 4 5.77 -24.57 -16.50
C GLU A 4 4.68 -24.89 -15.47
N LYS A 5 4.98 -25.81 -14.57
CA LYS A 5 4.01 -26.20 -13.54
C LYS A 5 4.29 -25.46 -12.25
N GLN A 6 5.54 -25.06 -12.07
CA GLN A 6 5.93 -24.30 -10.90
C GLN A 6 5.56 -22.85 -11.09
N LEU A 7 5.56 -22.40 -12.34
CA LEU A 7 5.19 -21.02 -12.64
C LEU A 7 3.68 -20.87 -12.65
N GLU A 8 3.00 -21.83 -13.28
CA GLU A 8 1.56 -21.73 -13.47
C GLU A 8 0.81 -21.90 -12.16
N ALA A 9 1.28 -22.81 -11.30
CA ALA A 9 0.60 -23.09 -10.06
C ALA A 9 0.67 -21.91 -9.12
N ILE A 10 1.75 -21.16 -9.23
CA ILE A 10 1.96 -20.00 -8.39
C ILE A 10 1.57 -18.72 -9.12
N ASP A 11 1.18 -18.85 -10.38
CA ASP A 11 0.65 -17.71 -11.13
C ASP A 11 -0.78 -17.47 -10.71
N GLN A 12 -1.49 -18.54 -10.36
CA GLN A 12 -2.80 -18.42 -9.74
C GLN A 12 -2.67 -17.68 -8.42
N LEU A 13 -1.54 -17.91 -7.76
CA LEU A 13 -1.18 -17.19 -6.56
C LEU A 13 -0.91 -15.73 -6.89
N HIS A 14 -0.10 -15.54 -7.93
CA HIS A 14 0.19 -14.21 -8.48
C HIS A 14 -1.09 -13.43 -8.72
N LEU A 15 -2.12 -14.12 -9.19
CA LEU A 15 -3.41 -13.50 -9.43
C LEU A 15 -3.98 -12.91 -8.15
N GLU A 16 -3.97 -13.68 -7.07
CA GLU A 16 -4.49 -13.23 -5.80
C GLU A 16 -3.63 -12.10 -5.24
N TYR A 17 -2.35 -12.15 -5.58
CA TYR A 17 -1.45 -11.07 -5.21
C TYR A 17 -1.85 -9.82 -5.98
N ALA A 18 -1.96 -9.97 -7.29
CA ALA A 18 -2.27 -8.85 -8.16
C ALA A 18 -3.68 -8.32 -7.91
N LYS A 19 -4.56 -9.17 -7.38
CA LYS A 19 -5.94 -8.78 -7.12
C LYS A 19 -6.03 -7.93 -5.86
N ARG A 20 -5.14 -8.17 -4.93
CA ARG A 20 -5.13 -7.42 -3.68
C ARG A 20 -4.12 -6.27 -3.73
N ALA A 21 -3.03 -6.49 -4.46
CA ALA A 21 -2.01 -5.46 -4.63
C ALA A 21 -2.52 -4.33 -5.52
N ALA A 22 -3.59 -4.60 -6.26
CA ALA A 22 -4.13 -3.59 -7.18
C ALA A 22 -4.81 -2.44 -6.43
N PRO A 23 -5.82 -2.73 -5.59
CA PRO A 23 -6.47 -1.70 -4.77
C PRO A 23 -5.51 -1.14 -3.74
N PHE A 24 -4.60 -1.97 -3.28
CA PHE A 24 -3.58 -1.56 -2.34
C PHE A 24 -2.63 -0.54 -2.98
N ASN A 25 -2.26 -0.80 -4.22
CA ASN A 25 -1.37 0.10 -4.94
C ASN A 25 -2.11 1.35 -5.36
N ASN A 26 -3.42 1.23 -5.44
CA ASN A 26 -4.28 2.37 -5.74
C ASN A 26 -4.34 3.26 -4.50
N TRP A 27 -4.44 2.61 -3.36
CA TRP A 27 -4.44 3.30 -2.08
C TRP A 27 -3.08 3.93 -1.82
N MET A 28 -2.03 3.12 -1.97
CA MET A 28 -0.66 3.57 -1.73
C MET A 28 -0.33 4.86 -2.47
N GLU A 29 -0.62 4.90 -3.76
CA GLU A 29 -0.30 6.05 -4.58
C GLU A 29 -1.12 7.27 -4.16
N SER A 30 -2.42 7.07 -3.93
CA SER A 30 -3.30 8.17 -3.58
C SER A 30 -3.01 8.66 -2.16
N ALA A 31 -2.69 7.75 -1.27
CA ALA A 31 -2.44 8.09 0.12
C ALA A 31 -1.09 8.79 0.28
N MET A 32 -0.07 8.26 -0.37
CA MET A 32 1.26 8.85 -0.30
C MET A 32 1.26 10.24 -0.92
N GLU A 33 0.44 10.40 -1.95
CA GLU A 33 0.31 11.67 -2.64
C GLU A 33 -0.47 12.65 -1.77
N ASP A 34 -1.58 12.19 -1.21
CA ASP A 34 -2.41 13.02 -0.36
C ASP A 34 -1.63 13.49 0.86
N LEU A 35 -0.86 12.59 1.43
CA LEU A 35 -0.12 12.88 2.65
C LEU A 35 1.07 13.78 2.38
N GLN A 36 1.53 13.80 1.13
CA GLN A 36 2.66 14.62 0.75
C GLN A 36 2.20 16.00 0.27
N ASP A 37 1.02 16.01 -0.34
CA ASP A 37 0.43 17.25 -0.84
C ASP A 37 0.13 18.22 0.29
N MET A 38 0.54 19.46 0.11
CA MET A 38 0.27 20.50 1.09
C MET A 38 -1.17 20.96 0.95
N PHE A 39 -2.03 20.47 1.83
CA PHE A 39 -3.45 20.78 1.78
C PHE A 39 -3.70 22.28 1.96
N ILE A 40 -4.54 22.84 1.11
CA ILE A 40 -4.91 24.23 1.23
C ILE A 40 -6.35 24.35 1.72
N VAL A 41 -6.57 25.22 2.70
CA VAL A 41 -7.90 25.44 3.23
C VAL A 41 -8.25 26.92 3.20
N HIS A 42 -9.53 27.22 3.19
CA HIS A 42 -10.02 28.58 3.24
C HIS A 42 -10.95 28.76 4.43
N THR A 43 -11.93 27.87 4.51
CA THR A 43 -12.92 27.95 5.56
C THR A 43 -12.77 26.80 6.55
N ILE A 44 -13.57 26.82 7.61
CA ILE A 44 -13.50 25.79 8.63
C ILE A 44 -14.14 24.51 8.14
N GLU A 45 -15.07 24.63 7.20
CA GLU A 45 -15.75 23.50 6.62
C GLU A 45 -14.76 22.55 5.97
N GLU A 46 -13.85 23.09 5.16
CA GLU A 46 -12.85 22.29 4.48
C GLU A 46 -11.79 21.83 5.47
N ILE A 47 -11.57 22.63 6.49
CA ILE A 47 -10.61 22.30 7.54
C ILE A 47 -11.11 21.08 8.30
N GLU A 48 -12.42 21.04 8.54
CA GLU A 48 -13.06 19.94 9.24
C GLU A 48 -13.00 18.68 8.40
N GLY A 49 -13.23 18.85 7.10
CA GLY A 49 -13.27 17.71 6.20
C GLY A 49 -11.89 17.13 5.98
N LEU A 50 -10.91 18.01 6.04
CA LEU A 50 -9.51 17.60 5.99
C LEU A 50 -9.19 16.64 7.13
N ILE A 51 -9.70 16.97 8.31
CA ILE A 51 -9.48 16.13 9.49
C ILE A 51 -10.13 14.77 9.34
N SER A 52 -11.37 14.74 8.85
CA SER A 52 -12.11 13.49 8.68
C SER A 52 -11.39 12.54 7.73
N ALA A 53 -10.71 13.12 6.74
CA ALA A 53 -9.95 12.33 5.78
C ALA A 53 -8.81 11.58 6.46
N HIS A 54 -8.26 12.18 7.52
CA HIS A 54 -7.19 11.57 8.29
C HIS A 54 -7.76 10.64 9.35
N ASP A 55 -8.96 10.97 9.82
CA ASP A 55 -9.67 10.13 10.78
C ASP A 55 -9.94 8.76 10.20
N GLN A 56 -10.53 8.73 9.02
CA GLN A 56 -10.84 7.49 8.34
C GLN A 56 -9.56 6.80 7.87
N PHE A 57 -8.50 7.59 7.77
CA PHE A 57 -7.19 7.06 7.40
C PHE A 57 -6.67 6.14 8.50
N LYS A 58 -6.93 6.53 9.75
CA LYS A 58 -6.56 5.73 10.90
C LYS A 58 -7.40 4.46 10.98
N SER A 59 -8.47 4.44 10.21
CA SER A 59 -9.36 3.28 10.16
C SER A 59 -8.98 2.35 9.01
N THR A 60 -8.38 2.92 7.97
CA THR A 60 -7.92 2.13 6.84
C THR A 60 -6.56 1.51 7.16
N LEU A 61 -5.85 2.12 8.10
CA LEU A 61 -4.52 1.66 8.49
C LEU A 61 -4.52 0.19 8.91
N PRO A 62 -5.30 -0.21 9.96
CA PRO A 62 -5.30 -1.59 10.44
C PRO A 62 -5.72 -2.60 9.36
N ASP A 63 -6.55 -2.13 8.44
CA ASP A 63 -7.02 -2.97 7.34
C ASP A 63 -5.89 -3.22 6.36
N ALA A 64 -5.29 -2.13 5.91
CA ALA A 64 -4.22 -2.21 4.92
C ALA A 64 -2.94 -2.78 5.53
N ASP A 65 -2.72 -2.51 6.80
CA ASP A 65 -1.53 -3.00 7.51
C ASP A 65 -1.52 -4.52 7.55
N ARG A 66 -2.68 -5.11 7.74
CA ARG A 66 -2.82 -6.55 7.75
C ARG A 66 -2.68 -7.09 6.33
N GLU A 67 -3.23 -6.35 5.37
CA GLU A 67 -3.27 -6.78 3.98
C GLU A 67 -1.87 -6.85 3.36
N ARG A 68 -0.97 -5.93 3.72
CA ARG A 68 0.39 -5.96 3.17
C ARG A 68 1.10 -7.23 3.61
N GLU A 69 0.85 -7.65 4.83
CA GLU A 69 1.43 -8.89 5.35
C GLU A 69 0.75 -10.10 4.74
N ALA A 70 -0.56 -9.98 4.51
CA ALA A 70 -1.33 -11.04 3.88
C ALA A 70 -0.98 -11.16 2.39
N ILE A 71 -0.46 -10.08 1.84
CA ILE A 71 -0.05 -10.04 0.45
C ILE A 71 1.34 -10.62 0.35
N LEU A 72 2.15 -10.33 1.36
CA LEU A 72 3.45 -10.95 1.52
C LEU A 72 3.28 -12.43 1.79
N ALA A 73 2.12 -12.79 2.35
CA ALA A 73 1.81 -14.19 2.66
C ALA A 73 1.55 -14.98 1.38
N ILE A 74 0.76 -14.40 0.47
CA ILE A 74 0.53 -15.02 -0.84
C ILE A 74 1.84 -15.08 -1.61
N HIS A 75 2.63 -14.03 -1.46
CA HIS A 75 3.92 -13.92 -2.14
C HIS A 75 4.95 -14.85 -1.52
N LYS A 76 4.65 -15.36 -0.34
CA LYS A 76 5.55 -16.28 0.32
C LYS A 76 5.65 -17.57 -0.48
N GLU A 77 4.51 -18.07 -0.92
CA GLU A 77 4.48 -19.28 -1.72
C GLU A 77 4.85 -18.98 -3.17
N ALA A 78 4.49 -17.79 -3.61
CA ALA A 78 4.70 -17.38 -4.99
C ALA A 78 6.12 -16.84 -5.20
N GLN A 79 6.92 -16.84 -4.15
CA GLN A 79 8.33 -16.45 -4.28
C GLN A 79 9.26 -17.57 -3.81
N ARG A 80 8.91 -18.25 -2.73
CA ARG A 80 9.80 -19.25 -2.15
C ARG A 80 10.04 -20.39 -3.12
N ILE A 81 9.10 -20.63 -4.02
CA ILE A 81 9.27 -21.64 -5.05
C ILE A 81 10.47 -21.27 -5.94
N ALA A 82 10.55 -19.99 -6.29
CA ALA A 82 11.57 -19.49 -7.19
C ALA A 82 12.90 -19.34 -6.48
N GLU A 83 12.87 -18.88 -5.24
CA GLU A 83 14.10 -18.67 -4.47
C GLU A 83 14.80 -19.99 -4.15
N SER A 84 14.12 -21.10 -4.45
CA SER A 84 14.67 -22.43 -4.20
C SER A 84 15.06 -23.14 -5.51
N ASN A 85 14.91 -22.44 -6.63
CA ASN A 85 15.24 -23.02 -7.92
C ASN A 85 15.63 -21.90 -8.88
N HIS A 86 15.45 -22.11 -10.17
CA HIS A 86 15.72 -21.08 -11.14
C HIS A 86 14.62 -20.02 -11.13
N ILE A 87 14.79 -19.01 -10.28
CA ILE A 87 13.94 -17.82 -10.26
C ILE A 87 13.62 -17.35 -11.68
N LYS A 88 12.34 -17.33 -12.01
CA LYS A 88 11.90 -16.90 -13.32
C LYS A 88 11.02 -15.67 -13.22
N LEU A 89 11.60 -14.61 -12.67
CA LEU A 89 10.90 -13.34 -12.53
C LEU A 89 11.84 -12.20 -12.89
N SER A 90 12.46 -11.62 -11.86
CA SER A 90 13.48 -10.57 -12.02
C SER A 90 13.07 -9.51 -13.06
N GLY A 91 11.87 -8.98 -12.90
CA GLY A 91 11.41 -7.94 -13.80
C GLY A 91 10.31 -8.42 -14.72
N SER A 92 10.28 -9.71 -15.00
CA SER A 92 9.26 -10.29 -15.86
C SER A 92 8.02 -10.66 -15.04
N ASN A 93 7.43 -9.68 -14.38
CA ASN A 93 6.23 -9.90 -13.59
C ASN A 93 5.00 -9.68 -14.47
N PRO A 94 4.12 -10.70 -14.55
CA PRO A 94 3.01 -10.69 -15.50
C PRO A 94 1.87 -9.74 -15.11
N TYR A 95 1.32 -9.92 -13.92
CA TYR A 95 0.11 -9.19 -13.53
C TYR A 95 0.46 -8.01 -12.63
N THR A 96 1.32 -8.27 -11.66
CA THR A 96 1.68 -7.26 -10.69
C THR A 96 3.19 -7.04 -10.70
N THR A 97 3.58 -5.84 -11.10
CA THR A 97 4.97 -5.44 -11.09
C THR A 97 5.40 -5.03 -9.68
N VAL A 98 4.42 -4.53 -8.94
CA VAL A 98 4.61 -4.14 -7.54
C VAL A 98 5.33 -5.24 -6.76
N THR A 99 6.39 -4.87 -6.07
CA THR A 99 7.18 -5.79 -5.29
C THR A 99 6.89 -5.62 -3.80
N PRO A 100 7.26 -6.61 -2.97
CA PRO A 100 7.07 -6.54 -1.52
C PRO A 100 7.69 -5.29 -0.91
N GLN A 101 8.86 -4.92 -1.41
CA GLN A 101 9.56 -3.74 -0.94
C GLN A 101 8.80 -2.49 -1.34
N ILE A 102 8.28 -2.48 -2.57
CA ILE A 102 7.51 -1.35 -3.08
C ILE A 102 6.32 -1.05 -2.18
N ILE A 103 5.74 -2.09 -1.61
CA ILE A 103 4.55 -1.93 -0.78
C ILE A 103 4.89 -1.73 0.71
N ASN A 104 5.93 -2.40 1.18
CA ASN A 104 6.31 -2.33 2.59
C ASN A 104 7.08 -1.05 2.90
N SER A 105 7.99 -0.67 2.02
CA SER A 105 8.77 0.54 2.20
C SER A 105 7.90 1.77 2.02
N LYS A 106 6.92 1.67 1.14
CA LYS A 106 5.97 2.76 0.93
C LYS A 106 5.15 2.97 2.18
N TRP A 107 4.69 1.88 2.77
CA TRP A 107 3.96 1.91 4.03
C TRP A 107 4.79 2.62 5.10
N GLU A 108 6.06 2.25 5.18
CA GLU A 108 6.97 2.83 6.15
C GLU A 108 7.07 4.34 6.01
N LYS A 109 6.99 4.82 4.78
CA LYS A 109 7.05 6.25 4.52
C LYS A 109 5.70 6.91 4.78
N VAL A 110 4.63 6.20 4.44
CA VAL A 110 3.27 6.69 4.66
C VAL A 110 3.01 6.90 6.15
N GLN A 111 3.43 5.92 6.96
CA GLN A 111 3.21 5.96 8.40
C GLN A 111 3.81 7.21 9.02
N GLN A 112 5.04 7.49 8.68
CA GLN A 112 5.75 8.63 9.27
C GLN A 112 5.18 9.96 8.76
N LEU A 113 4.41 9.89 7.69
CA LEU A 113 3.74 11.07 7.14
C LEU A 113 2.43 11.34 7.89
N VAL A 114 1.93 10.30 8.56
CA VAL A 114 0.67 10.41 9.29
C VAL A 114 0.73 11.45 10.41
N PRO A 115 1.72 11.37 11.35
CA PRO A 115 1.85 12.35 12.43
C PRO A 115 2.12 13.75 11.89
N LYS A 116 2.90 13.84 10.82
CA LYS A 116 3.20 15.12 10.20
C LYS A 116 1.91 15.80 9.75
N ARG A 117 1.09 15.06 9.03
CA ARG A 117 -0.19 15.56 8.56
C ARG A 117 -1.14 15.77 9.73
N ASP A 118 -1.04 14.93 10.73
CA ASP A 118 -1.88 15.03 11.92
C ASP A 118 -1.61 16.32 12.67
N HIS A 119 -0.37 16.77 12.60
CA HIS A 119 0.03 17.97 13.31
C HIS A 119 -0.24 19.20 12.46
N ALA A 120 0.05 19.10 11.18
CA ALA A 120 -0.22 20.18 10.24
C ALA A 120 -1.70 20.51 10.23
N LEU A 121 -2.53 19.47 10.23
CA LEU A 121 -3.98 19.64 10.24
C LEU A 121 -4.42 20.35 11.51
N LEU A 122 -3.96 19.84 12.65
CA LEU A 122 -4.31 20.43 13.94
C LEU A 122 -3.89 21.89 14.03
N GLU A 123 -2.68 22.20 13.56
CA GLU A 123 -2.19 23.56 13.59
C GLU A 123 -3.08 24.48 12.77
N GLU A 124 -3.43 24.04 11.57
CA GLU A 124 -4.24 24.83 10.65
C GLU A 124 -5.68 24.96 11.12
N GLN A 125 -6.25 23.86 11.61
CA GLN A 125 -7.64 23.87 12.07
C GLN A 125 -7.79 24.70 13.34
N SER A 126 -6.69 24.86 14.08
CA SER A 126 -6.70 25.69 15.28
C SER A 126 -6.43 27.16 14.93
N LYS A 127 -5.99 27.39 13.70
CA LYS A 127 -5.76 28.75 13.21
C LYS A 127 -7.10 29.37 12.82
N GLN A 128 -8.09 28.52 12.60
CA GLN A 128 -9.42 28.97 12.24
C GLN A 128 -10.27 29.12 13.50
N GLN A 129 -11.56 28.82 13.38
CA GLN A 129 -12.47 28.97 14.49
C GLN A 129 -13.23 27.67 14.72
N GLY A 1 6.10 -33.88 -12.37
CA GLY A 1 5.63 -32.77 -11.49
C GLY A 1 6.74 -32.25 -10.59
N SER A 2 7.85 -31.87 -11.19
CA SER A 2 9.00 -31.42 -10.42
C SER A 2 8.81 -29.97 -9.93
N THR A 3 8.93 -29.02 -10.84
CA THR A 3 8.85 -27.61 -10.47
C THR A 3 7.89 -26.85 -11.37
N GLU A 4 7.73 -27.33 -12.60
CA GLU A 4 6.93 -26.63 -13.61
C GLU A 4 5.46 -26.54 -13.21
N LYS A 5 5.04 -27.39 -12.28
CA LYS A 5 3.68 -27.39 -11.79
C LYS A 5 3.59 -26.47 -10.59
N GLN A 6 4.70 -26.35 -9.87
CA GLN A 6 4.80 -25.41 -8.78
C GLN A 6 4.75 -24.00 -9.36
N LEU A 7 5.43 -23.81 -10.48
CA LEU A 7 5.46 -22.51 -11.14
C LEU A 7 4.10 -22.19 -11.76
N GLU A 8 3.49 -23.20 -12.35
CA GLU A 8 2.19 -23.05 -12.99
C GLU A 8 1.12 -22.72 -11.96
N ALA A 9 1.22 -23.35 -10.79
CA ALA A 9 0.24 -23.15 -9.74
C ALA A 9 0.39 -21.78 -9.11
N ILE A 10 1.62 -21.37 -8.88
CA ILE A 10 1.87 -20.11 -8.22
C ILE A 10 1.67 -18.93 -9.15
N ASP A 11 1.63 -19.19 -10.45
CA ASP A 11 1.38 -18.14 -11.41
C ASP A 11 -0.10 -17.85 -11.50
N GLN A 12 -0.91 -18.84 -11.15
CA GLN A 12 -2.34 -18.65 -11.10
C GLN A 12 -2.78 -17.99 -9.80
N LEU A 13 -1.89 -17.95 -8.82
CA LEU A 13 -2.12 -17.14 -7.64
C LEU A 13 -1.29 -15.86 -7.74
N HIS A 14 -0.51 -15.76 -8.81
CA HIS A 14 0.26 -14.55 -9.08
C HIS A 14 -0.68 -13.38 -9.36
N LEU A 15 -1.80 -13.65 -10.02
CA LEU A 15 -2.73 -12.59 -10.34
C LEU A 15 -3.59 -12.26 -9.13
N GLU A 16 -3.61 -13.18 -8.18
CA GLU A 16 -4.24 -12.94 -6.89
C GLU A 16 -3.49 -11.85 -6.15
N TYR A 17 -2.17 -11.93 -6.21
CA TYR A 17 -1.32 -10.86 -5.71
C TYR A 17 -1.66 -9.58 -6.44
N ALA A 18 -1.71 -9.67 -7.76
CA ALA A 18 -2.01 -8.54 -8.63
C ALA A 18 -3.41 -7.97 -8.35
N LYS A 19 -4.33 -8.83 -7.92
CA LYS A 19 -5.71 -8.42 -7.69
C LYS A 19 -5.84 -7.61 -6.40
N ARG A 20 -4.96 -7.88 -5.46
CA ARG A 20 -4.99 -7.17 -4.19
C ARG A 20 -4.00 -6.01 -4.20
N ALA A 21 -2.86 -6.21 -4.83
CA ALA A 21 -1.83 -5.19 -4.91
C ALA A 21 -2.27 -4.04 -5.81
N ALA A 22 -3.26 -4.28 -6.66
CA ALA A 22 -3.71 -3.29 -7.63
C ALA A 22 -4.41 -2.11 -6.94
N PRO A 23 -5.51 -2.34 -6.21
CA PRO A 23 -6.19 -1.27 -5.49
C PRO A 23 -5.36 -0.76 -4.32
N PHE A 24 -4.49 -1.63 -3.81
CA PHE A 24 -3.60 -1.26 -2.72
C PHE A 24 -2.56 -0.26 -3.20
N ASN A 25 -2.04 -0.49 -4.39
CA ASN A 25 -1.06 0.42 -4.98
C ASN A 25 -1.72 1.73 -5.32
N ASN A 26 -2.98 1.65 -5.71
CA ASN A 26 -3.74 2.84 -6.09
C ASN A 26 -4.03 3.67 -4.85
N TRP A 27 -4.28 2.97 -3.76
CA TRP A 27 -4.52 3.59 -2.47
C TRP A 27 -3.24 4.22 -1.95
N MET A 28 -2.15 3.45 -1.98
CA MET A 28 -0.86 3.91 -1.45
C MET A 28 -0.37 5.15 -2.19
N GLU A 29 -0.50 5.16 -3.50
CA GLU A 29 -0.07 6.30 -4.30
C GLU A 29 -0.90 7.53 -3.99
N SER A 30 -2.20 7.34 -3.86
CA SER A 30 -3.10 8.45 -3.53
C SER A 30 -2.82 8.96 -2.11
N ALA A 31 -2.59 8.03 -1.20
CA ALA A 31 -2.31 8.38 0.19
C ALA A 31 -0.99 9.14 0.29
N MET A 32 0.04 8.62 -0.36
CA MET A 32 1.35 9.26 -0.36
C MET A 32 1.27 10.67 -0.94
N GLU A 33 0.42 10.82 -1.93
CA GLU A 33 0.25 12.11 -2.60
C GLU A 33 -0.52 13.08 -1.72
N ASP A 34 -1.65 12.61 -1.17
CA ASP A 34 -2.54 13.47 -0.39
C ASP A 34 -1.91 13.83 0.95
N LEU A 35 -1.12 12.91 1.50
CA LEU A 35 -0.48 13.13 2.79
C LEU A 35 0.70 14.08 2.67
N GLN A 36 1.32 14.08 1.50
CA GLN A 36 2.49 14.92 1.25
C GLN A 36 2.06 16.36 0.96
N ASP A 37 0.98 16.50 0.21
CA ASP A 37 0.55 17.81 -0.25
C ASP A 37 -0.16 18.59 0.85
N MET A 38 -0.11 19.91 0.73
CA MET A 38 -0.77 20.79 1.68
C MET A 38 -2.26 20.87 1.37
N PHE A 39 -3.00 21.46 2.30
CA PHE A 39 -4.43 21.57 2.16
C PHE A 39 -4.86 23.02 2.29
N ILE A 40 -5.55 23.52 1.28
CA ILE A 40 -6.10 24.85 1.34
C ILE A 40 -7.47 24.83 2.01
N VAL A 41 -7.66 25.71 2.97
CA VAL A 41 -8.89 25.74 3.74
C VAL A 41 -9.49 27.15 3.72
N HIS A 42 -10.80 27.21 3.79
CA HIS A 42 -11.49 28.50 3.85
C HIS A 42 -12.12 28.68 5.22
N THR A 43 -12.81 27.65 5.67
CA THR A 43 -13.57 27.71 6.90
C THR A 43 -13.32 26.47 7.75
N ILE A 44 -13.80 26.50 8.99
CA ILE A 44 -13.66 25.37 9.90
C ILE A 44 -14.34 24.12 9.32
N GLU A 45 -15.42 24.35 8.60
CA GLU A 45 -16.16 23.29 7.92
C GLU A 45 -15.22 22.42 7.08
N GLU A 46 -14.24 23.05 6.43
CA GLU A 46 -13.27 22.31 5.63
C GLU A 46 -12.17 21.77 6.52
N ILE A 47 -11.85 22.52 7.57
CA ILE A 47 -10.80 22.13 8.49
C ILE A 47 -11.16 20.82 9.17
N GLU A 48 -12.42 20.67 9.56
CA GLU A 48 -12.88 19.47 10.25
C GLU A 48 -12.98 18.31 9.28
N GLY A 49 -13.24 18.64 8.02
CA GLY A 49 -13.30 17.62 7.00
C GLY A 49 -11.92 17.11 6.66
N LEU A 50 -10.98 18.05 6.65
CA LEU A 50 -9.58 17.74 6.48
C LEU A 50 -9.08 16.78 7.55
N ILE A 51 -9.43 17.05 8.80
CA ILE A 51 -9.06 16.17 9.90
C ILE A 51 -9.72 14.81 9.74
N SER A 52 -10.98 14.81 9.33
CA SER A 52 -11.73 13.57 9.12
C SER A 52 -11.03 12.68 8.10
N ALA A 53 -10.41 13.30 7.10
CA ALA A 53 -9.69 12.56 6.07
C ALA A 53 -8.47 11.84 6.66
N HIS A 54 -8.04 12.29 7.83
CA HIS A 54 -6.94 11.64 8.54
C HIS A 54 -7.51 10.68 9.59
N ASP A 55 -8.68 11.02 10.09
CA ASP A 55 -9.39 10.20 11.08
C ASP A 55 -9.78 8.86 10.47
N GLN A 56 -10.43 8.91 9.31
CA GLN A 56 -10.81 7.70 8.59
C GLN A 56 -9.56 7.01 8.07
N PHE A 57 -8.50 7.78 7.87
CA PHE A 57 -7.22 7.24 7.39
C PHE A 57 -6.58 6.39 8.46
N LYS A 58 -6.59 6.90 9.69
CA LYS A 58 -6.09 6.16 10.84
C LYS A 58 -6.91 4.89 11.05
N SER A 59 -8.10 4.87 10.47
CA SER A 59 -9.00 3.74 10.61
C SER A 59 -8.81 2.74 9.46
N THR A 60 -8.39 3.23 8.30
CA THR A 60 -8.18 2.36 7.15
C THR A 60 -6.79 1.75 7.17
N LEU A 61 -5.88 2.38 7.90
CA LEU A 61 -4.51 1.91 8.02
C LEU A 61 -4.45 0.45 8.50
N PRO A 62 -5.07 0.10 9.66
CA PRO A 62 -5.05 -1.28 10.16
C PRO A 62 -5.65 -2.28 9.17
N ASP A 63 -6.58 -1.80 8.35
CA ASP A 63 -7.23 -2.62 7.35
C ASP A 63 -6.27 -2.90 6.19
N ALA A 64 -5.73 -1.83 5.62
CA ALA A 64 -4.81 -1.94 4.49
C ALA A 64 -3.48 -2.57 4.92
N ASP A 65 -3.11 -2.34 6.18
CA ASP A 65 -1.86 -2.90 6.73
C ASP A 65 -1.92 -4.42 6.73
N ARG A 66 -3.03 -4.97 7.23
CA ARG A 66 -3.20 -6.41 7.26
C ARG A 66 -3.40 -6.95 5.85
N GLU A 67 -3.94 -6.11 4.97
CA GLU A 67 -4.07 -6.46 3.57
C GLU A 67 -2.69 -6.66 2.94
N ARG A 68 -1.76 -5.78 3.28
CA ARG A 68 -0.39 -5.90 2.80
C ARG A 68 0.25 -7.19 3.31
N GLU A 69 -0.05 -7.53 4.55
CA GLU A 69 0.40 -8.79 5.13
C GLU A 69 -0.22 -9.97 4.39
N ALA A 70 -1.51 -9.84 4.10
CA ALA A 70 -2.25 -10.87 3.36
C ALA A 70 -1.80 -10.94 1.90
N ILE A 71 -1.11 -9.90 1.45
CA ILE A 71 -0.61 -9.84 0.09
C ILE A 71 0.70 -10.59 0.02
N LEU A 72 1.49 -10.43 1.08
CA LEU A 72 2.72 -11.18 1.24
C LEU A 72 2.38 -12.64 1.50
N ALA A 73 1.20 -12.86 2.06
CA ALA A 73 0.72 -14.21 2.30
C ALA A 73 0.51 -14.94 0.98
N ILE A 74 0.10 -14.20 -0.04
CA ILE A 74 -0.05 -14.75 -1.37
C ILE A 74 1.33 -15.01 -1.99
N HIS A 75 2.22 -14.07 -1.78
CA HIS A 75 3.58 -14.15 -2.34
C HIS A 75 4.41 -15.20 -1.62
N LYS A 76 3.95 -15.64 -0.46
CA LYS A 76 4.69 -16.61 0.32
C LYS A 76 4.88 -17.91 -0.47
N GLU A 77 3.85 -18.32 -1.18
CA GLU A 77 3.93 -19.50 -2.03
C GLU A 77 4.62 -19.18 -3.35
N ALA A 78 4.39 -17.96 -3.83
CA ALA A 78 4.87 -17.56 -5.15
C ALA A 78 6.32 -17.09 -5.09
N GLN A 79 6.87 -16.99 -3.89
CA GLN A 79 8.26 -16.59 -3.73
C GLN A 79 9.12 -17.76 -3.29
N ARG A 80 8.56 -18.61 -2.44
CA ARG A 80 9.31 -19.76 -1.91
C ARG A 80 9.77 -20.67 -3.05
N ILE A 81 8.95 -20.80 -4.09
CA ILE A 81 9.32 -21.61 -5.25
C ILE A 81 10.54 -21.02 -5.94
N ALA A 82 10.62 -19.69 -5.94
CA ALA A 82 11.71 -18.99 -6.59
C ALA A 82 12.97 -19.02 -5.75
N GLU A 83 12.79 -18.96 -4.44
CA GLU A 83 13.91 -18.98 -3.51
C GLU A 83 14.46 -20.41 -3.38
N SER A 84 13.64 -21.40 -3.71
CA SER A 84 14.10 -22.78 -3.72
C SER A 84 14.84 -23.08 -5.02
N ASN A 85 14.58 -22.25 -6.03
CA ASN A 85 15.25 -22.36 -7.31
C ASN A 85 16.29 -21.27 -7.41
N HIS A 86 16.69 -20.94 -8.62
CA HIS A 86 17.55 -19.80 -8.86
C HIS A 86 17.03 -19.04 -10.06
N ILE A 87 15.71 -18.84 -10.08
CA ILE A 87 15.03 -18.23 -11.22
C ILE A 87 15.09 -16.71 -11.16
N LYS A 88 14.50 -16.07 -12.15
CA LYS A 88 14.46 -14.62 -12.23
C LYS A 88 13.03 -14.15 -12.42
N LEU A 89 12.35 -13.92 -11.31
CA LEU A 89 10.98 -13.41 -11.32
C LEU A 89 10.89 -12.09 -12.08
N SER A 90 11.98 -11.31 -12.01
CA SER A 90 12.07 -10.04 -12.73
C SER A 90 11.97 -10.28 -14.24
N GLY A 91 10.82 -9.93 -14.81
CA GLY A 91 10.60 -10.13 -16.22
C GLY A 91 9.59 -11.24 -16.47
N SER A 92 9.26 -11.98 -15.43
CA SER A 92 8.28 -13.05 -15.50
C SER A 92 7.01 -12.65 -14.76
N ASN A 93 6.87 -11.35 -14.53
CA ASN A 93 5.72 -10.79 -13.85
C ASN A 93 4.77 -10.16 -14.85
N PRO A 94 3.71 -10.88 -15.23
CA PRO A 94 2.77 -10.44 -16.25
C PRO A 94 1.70 -9.49 -15.70
N TYR A 95 1.17 -9.79 -14.52
CA TYR A 95 0.07 -9.00 -13.99
C TYR A 95 0.60 -7.96 -13.00
N THR A 96 1.34 -8.42 -12.01
CA THR A 96 1.84 -7.55 -10.97
C THR A 96 3.37 -7.57 -10.94
N THR A 97 3.95 -6.40 -10.84
CA THR A 97 5.40 -6.26 -10.76
C THR A 97 5.83 -5.95 -9.33
N VAL A 98 4.90 -5.32 -8.60
CA VAL A 98 5.10 -4.93 -7.20
C VAL A 98 5.76 -6.02 -6.37
N THR A 99 7.03 -5.82 -6.06
CA THR A 99 7.78 -6.73 -5.22
C THR A 99 7.50 -6.44 -3.74
N PRO A 100 7.78 -7.39 -2.83
CA PRO A 100 7.56 -7.20 -1.39
C PRO A 100 8.19 -5.91 -0.87
N GLN A 101 9.41 -5.63 -1.31
CA GLN A 101 10.13 -4.45 -0.87
C GLN A 101 9.47 -3.19 -1.43
N ILE A 102 8.93 -3.30 -2.63
CA ILE A 102 8.29 -2.17 -3.27
C ILE A 102 7.00 -1.80 -2.53
N ILE A 103 6.20 -2.81 -2.18
CA ILE A 103 4.93 -2.57 -1.50
C ILE A 103 5.16 -2.20 -0.04
N ASN A 104 6.20 -2.77 0.57
CA ASN A 104 6.53 -2.46 1.96
C ASN A 104 7.10 -1.05 2.07
N SER A 105 8.07 -0.73 1.24
CA SER A 105 8.64 0.62 1.22
C SER A 105 7.56 1.66 0.93
N LYS A 106 6.59 1.30 0.10
CA LYS A 106 5.48 2.19 -0.22
C LYS A 106 4.65 2.46 1.03
N TRP A 107 4.31 1.39 1.75
CA TRP A 107 3.58 1.50 2.99
C TRP A 107 4.36 2.33 4.00
N GLU A 108 5.66 2.09 4.05
CA GLU A 108 6.54 2.77 4.99
C GLU A 108 6.53 4.28 4.72
N LYS A 109 6.47 4.64 3.45
CA LYS A 109 6.41 6.03 3.04
C LYS A 109 5.09 6.66 3.48
N VAL A 110 4.01 5.91 3.34
CA VAL A 110 2.70 6.36 3.78
C VAL A 110 2.69 6.59 5.30
N GLN A 111 3.29 5.66 6.03
CA GLN A 111 3.33 5.72 7.49
C GLN A 111 4.01 6.99 7.98
N GLN A 112 5.15 7.30 7.39
CA GLN A 112 5.96 8.43 7.84
C GLN A 112 5.37 9.76 7.38
N LEU A 113 4.27 9.69 6.64
CA LEU A 113 3.58 10.89 6.19
C LEU A 113 2.37 11.16 7.08
N VAL A 114 1.97 10.16 7.86
CA VAL A 114 0.82 10.28 8.75
C VAL A 114 1.03 11.41 9.78
N PRO A 115 2.09 11.35 10.61
CA PRO A 115 2.34 12.36 11.65
C PRO A 115 2.62 13.73 11.04
N LYS A 116 3.32 13.74 9.91
CA LYS A 116 3.66 14.98 9.22
C LYS A 116 2.38 15.74 8.84
N ARG A 117 1.44 15.03 8.25
CA ARG A 117 0.18 15.61 7.83
C ARG A 117 -0.70 15.92 9.04
N ASP A 118 -0.57 15.12 10.08
CA ASP A 118 -1.33 15.32 11.31
C ASP A 118 -0.89 16.60 11.99
N HIS A 119 0.39 16.92 11.83
CA HIS A 119 0.97 18.11 12.45
C HIS A 119 0.40 19.34 11.77
N ALA A 120 0.43 19.35 10.45
CA ALA A 120 -0.05 20.49 9.68
C ALA A 120 -1.53 20.71 9.94
N LEU A 121 -2.27 19.63 10.11
CA LEU A 121 -3.70 19.70 10.33
C LEU A 121 -4.02 20.30 11.69
N LEU A 122 -3.34 19.82 12.72
CA LEU A 122 -3.63 20.24 14.09
C LEU A 122 -3.28 21.71 14.31
N GLU A 123 -2.14 22.15 13.78
CA GLU A 123 -1.74 23.53 13.96
C GLU A 123 -2.57 24.47 13.09
N GLU A 124 -3.14 23.92 12.02
CA GLU A 124 -4.02 24.70 11.15
C GLU A 124 -5.39 24.83 11.76
N GLN A 125 -5.92 23.72 12.29
CA GLN A 125 -7.23 23.74 12.93
C GLN A 125 -7.20 24.57 14.21
N SER A 126 -6.02 24.69 14.81
CA SER A 126 -5.86 25.53 15.99
C SER A 126 -5.73 27.00 15.60
N LYS A 127 -5.34 27.26 14.35
CA LYS A 127 -5.28 28.61 13.83
C LYS A 127 -6.67 29.07 13.41
N GLN A 128 -7.61 28.14 13.47
CA GLN A 128 -9.00 28.45 13.18
C GLN A 128 -9.77 28.60 14.49
N GLN A 129 -11.05 28.33 14.46
CA GLN A 129 -11.89 28.50 15.62
C GLN A 129 -12.78 27.28 15.79
N GLY A 1 8.09 -31.22 -18.14
CA GLY A 1 8.92 -31.03 -16.93
C GLY A 1 8.08 -30.84 -15.69
N SER A 2 8.75 -30.77 -14.54
CA SER A 2 8.07 -30.62 -13.27
C SER A 2 8.08 -29.17 -12.81
N THR A 3 9.26 -28.56 -12.82
CA THR A 3 9.47 -27.19 -12.35
C THR A 3 8.55 -26.20 -13.08
N GLU A 4 8.35 -26.44 -14.37
CA GLU A 4 7.55 -25.53 -15.20
C GLU A 4 6.07 -25.63 -14.90
N LYS A 5 5.70 -26.55 -14.02
CA LYS A 5 4.31 -26.69 -13.61
C LYS A 5 4.15 -26.13 -12.21
N GLN A 6 5.21 -26.23 -11.43
CA GLN A 6 5.24 -25.62 -10.12
C GLN A 6 5.19 -24.11 -10.26
N LEU A 7 5.96 -23.60 -11.21
CA LEU A 7 6.01 -22.15 -11.45
C LEU A 7 4.77 -21.69 -12.19
N GLU A 8 4.19 -22.58 -12.98
CA GLU A 8 2.98 -22.27 -13.72
C GLU A 8 1.78 -22.18 -12.78
N ALA A 9 1.76 -23.07 -11.79
CA ALA A 9 0.66 -23.12 -10.84
C ALA A 9 0.68 -21.90 -9.94
N ILE A 10 1.88 -21.51 -9.52
CA ILE A 10 2.03 -20.36 -8.66
C ILE A 10 1.87 -19.06 -9.45
N ASP A 11 1.98 -19.14 -10.78
CA ASP A 11 1.72 -18.00 -11.64
C ASP A 11 0.22 -17.75 -11.72
N GLN A 12 -0.56 -18.80 -11.51
CA GLN A 12 -2.00 -18.67 -11.47
C GLN A 12 -2.43 -17.97 -10.19
N LEU A 13 -1.78 -18.28 -9.08
CA LEU A 13 -2.06 -17.60 -7.83
C LEU A 13 -1.29 -16.28 -7.76
N HIS A 14 -0.42 -16.06 -8.75
CA HIS A 14 0.24 -14.77 -8.89
C HIS A 14 -0.78 -13.70 -9.19
N LEU A 15 -1.90 -14.13 -9.76
CA LEU A 15 -2.98 -13.24 -10.11
C LEU A 15 -3.60 -12.63 -8.86
N GLU A 16 -3.61 -13.39 -7.77
CA GLU A 16 -4.17 -12.91 -6.50
C GLU A 16 -3.37 -11.74 -5.98
N TYR A 17 -2.07 -11.77 -6.21
CA TYR A 17 -1.22 -10.66 -5.84
C TYR A 17 -1.61 -9.44 -6.66
N ALA A 18 -1.74 -9.65 -7.96
CA ALA A 18 -2.07 -8.57 -8.88
C ALA A 18 -3.52 -8.09 -8.70
N LYS A 19 -4.35 -8.90 -8.05
CA LYS A 19 -5.73 -8.55 -7.82
C LYS A 19 -5.92 -7.83 -6.48
N ARG A 20 -5.05 -8.13 -5.52
CA ARG A 20 -5.21 -7.55 -4.19
C ARG A 20 -4.23 -6.41 -3.95
N ALA A 21 -3.04 -6.50 -4.53
CA ALA A 21 -2.06 -5.44 -4.41
C ALA A 21 -2.46 -4.25 -5.30
N ALA A 22 -3.36 -4.51 -6.24
CA ALA A 22 -3.80 -3.48 -7.17
C ALA A 22 -4.59 -2.39 -6.44
N PRO A 23 -5.71 -2.72 -5.76
CA PRO A 23 -6.48 -1.72 -5.01
C PRO A 23 -5.68 -1.17 -3.83
N PHE A 24 -4.76 -1.99 -3.32
CA PHE A 24 -3.88 -1.57 -2.25
C PHE A 24 -2.96 -0.45 -2.74
N ASN A 25 -2.39 -0.63 -3.93
CA ASN A 25 -1.49 0.35 -4.50
C ASN A 25 -2.28 1.55 -5.00
N ASN A 26 -3.55 1.32 -5.25
CA ASN A 26 -4.45 2.39 -5.64
C ASN A 26 -4.70 3.27 -4.43
N TRP A 27 -4.93 2.63 -3.30
CA TRP A 27 -5.13 3.32 -2.04
C TRP A 27 -3.87 4.08 -1.66
N MET A 28 -2.73 3.39 -1.74
CA MET A 28 -1.43 3.96 -1.43
C MET A 28 -1.22 5.29 -2.14
N GLU A 29 -1.38 5.28 -3.46
CA GLU A 29 -1.12 6.47 -4.25
C GLU A 29 -2.11 7.58 -3.94
N SER A 30 -3.40 7.25 -3.89
CA SER A 30 -4.44 8.26 -3.70
C SER A 30 -4.34 8.87 -2.29
N ALA A 31 -3.81 8.12 -1.34
CA ALA A 31 -3.68 8.60 0.03
C ALA A 31 -2.35 9.29 0.25
N MET A 32 -1.26 8.64 -0.14
CA MET A 32 0.08 9.16 0.08
C MET A 32 0.28 10.49 -0.64
N GLU A 33 -0.32 10.62 -1.81
CA GLU A 33 -0.18 11.83 -2.61
C GLU A 33 -0.99 12.97 -1.98
N ASP A 34 -2.13 12.62 -1.38
CA ASP A 34 -2.94 13.60 -0.68
C ASP A 34 -2.21 14.08 0.55
N LEU A 35 -1.55 13.15 1.23
CA LEU A 35 -0.79 13.45 2.42
C LEU A 35 0.47 14.26 2.08
N GLN A 36 1.02 13.99 0.91
CA GLN A 36 2.21 14.68 0.44
C GLN A 36 1.88 16.08 -0.06
N ASP A 37 0.72 16.19 -0.70
CA ASP A 37 0.28 17.46 -1.28
C ASP A 37 -0.10 18.44 -0.19
N MET A 38 -0.28 19.70 -0.58
CA MET A 38 -0.61 20.75 0.37
C MET A 38 -2.11 20.98 0.36
N PHE A 39 -2.68 21.15 1.54
CA PHE A 39 -4.10 21.38 1.68
C PHE A 39 -4.37 22.87 1.91
N ILE A 40 -5.29 23.41 1.14
CA ILE A 40 -5.70 24.79 1.30
C ILE A 40 -7.01 24.86 2.09
N VAL A 41 -7.03 25.67 3.13
CA VAL A 41 -8.22 25.82 3.94
C VAL A 41 -8.61 27.29 4.07
N HIS A 42 -9.91 27.54 3.97
CA HIS A 42 -10.46 28.86 4.14
C HIS A 42 -11.40 28.87 5.34
N THR A 43 -12.17 27.80 5.45
CA THR A 43 -13.15 27.68 6.51
C THR A 43 -12.89 26.42 7.33
N ILE A 44 -13.51 26.35 8.50
CA ILE A 44 -13.35 25.20 9.37
C ILE A 44 -14.00 23.96 8.72
N GLU A 45 -15.05 24.21 7.94
CA GLU A 45 -15.73 23.14 7.19
C GLU A 45 -14.74 22.25 6.43
N GLU A 46 -13.82 22.88 5.71
CA GLU A 46 -12.82 22.13 4.94
C GLU A 46 -11.80 21.49 5.87
N ILE A 47 -11.50 22.17 6.97
CA ILE A 47 -10.57 21.65 7.95
C ILE A 47 -11.16 20.41 8.62
N GLU A 48 -12.47 20.42 8.79
CA GLU A 48 -13.20 19.30 9.35
C GLU A 48 -13.05 18.07 8.47
N GLY A 49 -12.96 18.31 7.17
CA GLY A 49 -12.81 17.21 6.23
C GLY A 49 -11.37 16.80 6.07
N LEU A 50 -10.51 17.80 5.90
CA LEU A 50 -9.07 17.60 5.79
C LEU A 50 -8.54 16.75 6.95
N ILE A 51 -8.98 17.08 8.15
CA ILE A 51 -8.57 16.35 9.35
C ILE A 51 -9.27 14.99 9.42
N SER A 52 -10.50 14.90 8.92
CA SER A 52 -11.24 13.64 8.90
C SER A 52 -10.53 12.62 8.02
N ALA A 53 -9.74 13.11 7.07
CA ALA A 53 -8.91 12.25 6.22
C ALA A 53 -7.72 11.71 7.00
N HIS A 54 -7.64 12.09 8.25
CA HIS A 54 -6.67 11.53 9.18
C HIS A 54 -7.42 10.77 10.26
N ASP A 55 -8.56 11.33 10.63
CA ASP A 55 -9.50 10.68 11.54
C ASP A 55 -9.75 9.25 11.12
N GLN A 56 -10.26 9.08 9.91
CA GLN A 56 -10.60 7.75 9.42
C GLN A 56 -9.39 7.10 8.75
N PHE A 57 -8.27 7.81 8.76
CA PHE A 57 -7.02 7.25 8.24
C PHE A 57 -6.48 6.23 9.23
N LYS A 58 -6.70 6.52 10.51
CA LYS A 58 -6.34 5.60 11.58
C LYS A 58 -7.18 4.33 11.50
N SER A 59 -8.30 4.42 10.81
CA SER A 59 -9.20 3.29 10.65
C SER A 59 -8.84 2.48 9.42
N THR A 60 -8.34 3.14 8.38
CA THR A 60 -7.95 2.46 7.16
C THR A 60 -6.63 1.73 7.33
N LEU A 61 -5.79 2.24 8.22
CA LEU A 61 -4.44 1.73 8.39
C LEU A 61 -4.39 0.26 8.83
N PRO A 62 -5.10 -0.14 9.92
CA PRO A 62 -5.06 -1.53 10.39
C PRO A 62 -5.50 -2.53 9.33
N ASP A 63 -6.46 -2.13 8.51
CA ASP A 63 -6.97 -3.00 7.47
C ASP A 63 -5.96 -3.10 6.33
N ALA A 64 -5.46 -1.95 5.90
CA ALA A 64 -4.47 -1.90 4.83
C ALA A 64 -3.15 -2.51 5.28
N ASP A 65 -2.87 -2.42 6.57
CA ASP A 65 -1.68 -3.05 7.14
C ASP A 65 -1.81 -4.57 7.02
N ARG A 66 -3.00 -5.09 7.29
CA ARG A 66 -3.26 -6.50 7.13
C ARG A 66 -3.13 -6.91 5.66
N GLU A 67 -3.48 -5.99 4.77
CA GLU A 67 -3.34 -6.20 3.34
C GLU A 67 -1.90 -6.48 2.95
N ARG A 68 -0.94 -5.72 3.48
CA ARG A 68 0.47 -5.90 3.15
C ARG A 68 0.96 -7.27 3.65
N GLU A 69 0.32 -7.78 4.69
CA GLU A 69 0.67 -9.09 5.23
C GLU A 69 -0.02 -10.19 4.43
N ALA A 70 -1.28 -9.95 4.08
CA ALA A 70 -2.07 -10.92 3.33
C ALA A 70 -1.61 -11.02 1.89
N ILE A 71 -0.92 -9.99 1.43
CA ILE A 71 -0.42 -9.93 0.07
C ILE A 71 0.93 -10.62 0.03
N LEU A 72 1.67 -10.47 1.11
CA LEU A 72 2.91 -11.20 1.30
C LEU A 72 2.58 -12.68 1.43
N ALA A 73 1.40 -12.97 1.94
CA ALA A 73 0.95 -14.35 2.13
C ALA A 73 0.76 -15.04 0.78
N ILE A 74 0.25 -14.30 -0.19
CA ILE A 74 0.09 -14.83 -1.55
C ILE A 74 1.46 -15.10 -2.17
N HIS A 75 2.39 -14.18 -1.94
CA HIS A 75 3.73 -14.27 -2.51
C HIS A 75 4.58 -15.27 -1.74
N LYS A 76 4.06 -15.79 -0.64
CA LYS A 76 4.77 -16.82 0.10
C LYS A 76 4.99 -18.04 -0.78
N GLU A 77 3.92 -18.57 -1.33
CA GLU A 77 4.00 -19.74 -2.18
C GLU A 77 4.47 -19.34 -3.56
N ALA A 78 4.14 -18.12 -3.91
CA ALA A 78 4.44 -17.59 -5.22
C ALA A 78 5.87 -17.06 -5.33
N GLN A 79 6.63 -17.14 -4.23
CA GLN A 79 8.02 -16.72 -4.27
C GLN A 79 8.96 -17.82 -3.80
N ARG A 80 8.62 -18.49 -2.71
CA ARG A 80 9.49 -19.50 -2.10
C ARG A 80 9.91 -20.55 -3.08
N ILE A 81 9.07 -20.80 -4.05
CA ILE A 81 9.39 -21.73 -5.12
C ILE A 81 10.68 -21.31 -5.83
N ALA A 82 10.81 -20.02 -6.10
CA ALA A 82 11.98 -19.49 -6.80
C ALA A 82 13.13 -19.27 -5.84
N GLU A 83 12.81 -19.24 -4.55
CA GLU A 83 13.80 -19.14 -3.51
C GLU A 83 14.43 -20.52 -3.26
N SER A 84 13.64 -21.56 -3.50
CA SER A 84 14.12 -22.94 -3.33
C SER A 84 14.91 -23.39 -4.55
N ASN A 85 14.40 -23.11 -5.75
CA ASN A 85 15.11 -23.44 -6.98
C ASN A 85 15.27 -22.18 -7.79
N HIS A 86 16.48 -21.96 -8.31
CA HIS A 86 16.83 -20.72 -8.97
C HIS A 86 16.17 -20.60 -10.35
N ILE A 87 14.86 -20.51 -10.36
CA ILE A 87 14.11 -20.38 -11.60
C ILE A 87 13.80 -18.93 -11.90
N LYS A 88 13.32 -18.68 -13.10
CA LYS A 88 12.93 -17.35 -13.52
C LYS A 88 11.63 -17.42 -14.31
N LEU A 89 10.52 -17.23 -13.60
CA LEU A 89 9.19 -17.21 -14.22
C LEU A 89 9.17 -16.30 -15.45
N SER A 90 9.07 -15.01 -15.19
CA SER A 90 9.12 -14.01 -16.24
C SER A 90 10.36 -13.13 -16.05
N GLY A 91 10.32 -12.34 -14.99
CA GLY A 91 11.45 -11.51 -14.63
C GLY A 91 11.38 -11.11 -13.17
N SER A 92 11.03 -9.86 -12.94
CA SER A 92 10.83 -9.37 -11.59
C SER A 92 9.36 -9.43 -11.22
N ASN A 93 8.51 -9.27 -12.24
CA ASN A 93 7.07 -9.32 -12.04
C ASN A 93 6.39 -10.05 -13.19
N PRO A 94 5.42 -10.91 -12.86
CA PRO A 94 4.63 -11.60 -13.88
C PRO A 94 3.51 -10.74 -14.44
N TYR A 95 2.73 -10.13 -13.53
CA TYR A 95 1.57 -9.35 -13.92
C TYR A 95 1.58 -8.00 -13.22
N THR A 96 1.92 -8.01 -11.93
CA THR A 96 1.96 -6.79 -11.15
C THR A 96 3.39 -6.51 -10.70
N THR A 97 3.80 -5.27 -10.84
CA THR A 97 5.19 -4.87 -10.58
C THR A 97 5.48 -4.73 -9.09
N VAL A 98 4.43 -4.46 -8.31
CA VAL A 98 4.55 -4.22 -6.88
C VAL A 98 5.28 -5.36 -6.16
N THR A 99 6.47 -5.07 -5.65
CA THR A 99 7.21 -6.05 -4.87
C THR A 99 6.94 -5.84 -3.39
N PRO A 100 7.21 -6.87 -2.56
CA PRO A 100 7.00 -6.79 -1.11
C PRO A 100 7.73 -5.60 -0.49
N GLN A 101 8.91 -5.31 -1.00
CA GLN A 101 9.72 -4.22 -0.48
C GLN A 101 9.16 -2.88 -0.93
N ILE A 102 8.74 -2.79 -2.18
CA ILE A 102 8.17 -1.56 -2.71
C ILE A 102 6.91 -1.18 -1.93
N ILE A 103 6.11 -2.17 -1.61
CA ILE A 103 4.86 -1.94 -0.90
C ILE A 103 5.10 -1.69 0.58
N ASN A 104 6.15 -2.30 1.14
CA ASN A 104 6.46 -2.13 2.56
C ASN A 104 7.13 -0.78 2.81
N SER A 105 8.17 -0.48 2.03
CA SER A 105 8.87 0.79 2.17
C SER A 105 7.93 1.98 1.93
N LYS A 106 7.06 1.86 0.94
CA LYS A 106 6.09 2.91 0.65
C LYS A 106 5.13 3.08 1.81
N TRP A 107 4.70 1.96 2.39
CA TRP A 107 3.84 1.98 3.56
C TRP A 107 4.53 2.71 4.71
N GLU A 108 5.81 2.43 4.89
CA GLU A 108 6.60 3.06 5.94
C GLU A 108 6.61 4.58 5.78
N LYS A 109 6.60 5.03 4.54
CA LYS A 109 6.60 6.45 4.25
C LYS A 109 5.21 7.04 4.50
N VAL A 110 4.20 6.28 4.14
CA VAL A 110 2.81 6.64 4.43
C VAL A 110 2.62 6.86 5.93
N GLN A 111 3.17 5.97 6.73
CA GLN A 111 3.07 6.05 8.19
C GLN A 111 3.73 7.32 8.72
N GLN A 112 4.88 7.67 8.15
CA GLN A 112 5.63 8.84 8.59
C GLN A 112 4.94 10.13 8.17
N LEU A 113 4.16 10.07 7.12
CA LEU A 113 3.45 11.23 6.60
C LEU A 113 2.26 11.56 7.49
N VAL A 114 1.81 10.58 8.27
CA VAL A 114 0.68 10.75 9.16
C VAL A 114 0.96 11.86 10.19
N PRO A 115 1.98 11.71 11.06
CA PRO A 115 2.31 12.73 12.08
C PRO A 115 2.72 14.06 11.46
N LYS A 116 3.25 13.99 10.24
CA LYS A 116 3.66 15.20 9.53
C LYS A 116 2.45 16.06 9.20
N ARG A 117 1.48 15.47 8.51
CA ARG A 117 0.26 16.17 8.15
C ARG A 117 -0.59 16.45 9.38
N ASP A 118 -0.50 15.55 10.36
CA ASP A 118 -1.22 15.71 11.62
C ASP A 118 -0.85 17.02 12.29
N HIS A 119 0.43 17.38 12.18
CA HIS A 119 0.94 18.57 12.85
C HIS A 119 0.52 19.83 12.10
N ALA A 120 0.40 19.71 10.80
CA ALA A 120 -0.02 20.83 9.97
C ALA A 120 -1.50 21.11 10.19
N LEU A 121 -2.29 20.05 10.30
CA LEU A 121 -3.72 20.18 10.49
C LEU A 121 -4.04 20.79 11.85
N LEU A 122 -3.37 20.30 12.88
CA LEU A 122 -3.61 20.75 14.25
C LEU A 122 -3.03 22.16 14.46
N GLU A 123 -2.19 22.61 13.54
CA GLU A 123 -1.65 23.96 13.60
C GLU A 123 -2.55 24.92 12.82
N GLU A 124 -3.29 24.38 11.87
CA GLU A 124 -4.17 25.18 11.03
C GLU A 124 -5.56 25.29 11.67
N GLN A 125 -6.10 24.17 12.13
CA GLN A 125 -7.44 24.15 12.71
C GLN A 125 -7.54 25.04 13.94
N SER A 126 -6.42 25.24 14.62
CA SER A 126 -6.41 26.06 15.82
C SER A 126 -6.58 27.55 15.49
N LYS A 127 -6.49 27.89 14.21
CA LYS A 127 -6.66 29.27 13.77
C LYS A 127 -8.13 29.54 13.44
N GLN A 128 -8.93 28.49 13.51
CA GLN A 128 -10.36 28.60 13.22
C GLN A 128 -11.15 28.82 14.52
N GLN A 129 -12.22 28.07 14.67
CA GLN A 129 -13.08 28.19 15.85
C GLN A 129 -12.41 27.60 17.07
N GLY A 1 14.21 -28.42 -10.07
CA GLY A 1 12.87 -28.84 -9.59
C GLY A 1 11.83 -28.78 -10.69
N SER A 2 10.82 -29.66 -10.61
CA SER A 2 9.74 -29.67 -11.58
C SER A 2 8.92 -28.38 -11.50
N THR A 3 9.28 -27.42 -12.34
CA THR A 3 8.74 -26.08 -12.23
C THR A 3 7.39 -25.93 -12.90
N GLU A 4 6.99 -26.90 -13.71
CA GLU A 4 5.79 -26.76 -14.52
C GLU A 4 4.53 -26.82 -13.66
N LYS A 5 4.68 -27.19 -12.41
CA LYS A 5 3.56 -27.20 -11.49
C LYS A 5 3.76 -26.16 -10.39
N GLN A 6 5.01 -25.88 -10.07
CA GLN A 6 5.29 -24.98 -8.96
C GLN A 6 5.35 -23.54 -9.44
N LEU A 7 5.47 -23.36 -10.75
CA LEU A 7 5.39 -22.04 -11.33
C LEU A 7 3.97 -21.76 -11.82
N GLU A 8 3.33 -22.78 -12.37
CA GLU A 8 1.99 -22.62 -12.93
C GLU A 8 0.96 -22.34 -11.84
N ALA A 9 1.09 -23.05 -10.73
CA ALA A 9 0.14 -22.92 -9.64
C ALA A 9 0.30 -21.58 -8.93
N ILE A 10 1.54 -21.12 -8.83
CA ILE A 10 1.82 -19.89 -8.13
C ILE A 10 1.61 -18.68 -9.04
N ASP A 11 1.51 -18.92 -10.34
CA ASP A 11 1.19 -17.86 -11.27
C ASP A 11 -0.29 -17.60 -11.25
N GLN A 12 -1.05 -18.63 -10.89
CA GLN A 12 -2.47 -18.51 -10.71
C GLN A 12 -2.78 -17.72 -9.45
N LEU A 13 -1.96 -17.89 -8.41
CA LEU A 13 -2.12 -17.10 -7.19
C LEU A 13 -1.34 -15.80 -7.31
N HIS A 14 -0.54 -15.68 -8.36
CA HIS A 14 0.10 -14.41 -8.69
C HIS A 14 -0.98 -13.37 -8.97
N LEU A 15 -2.11 -13.87 -9.48
CA LEU A 15 -3.27 -13.03 -9.72
C LEU A 15 -3.81 -12.49 -8.41
N GLU A 16 -3.76 -13.30 -7.35
CA GLU A 16 -4.24 -12.88 -6.04
C GLU A 16 -3.42 -11.72 -5.52
N TYR A 17 -2.13 -11.72 -5.85
CA TYR A 17 -1.26 -10.62 -5.51
C TYR A 17 -1.72 -9.39 -6.26
N ALA A 18 -1.93 -9.55 -7.57
CA ALA A 18 -2.33 -8.44 -8.42
C ALA A 18 -3.76 -7.99 -8.11
N LYS A 19 -4.55 -8.87 -7.51
CA LYS A 19 -5.91 -8.52 -7.14
C LYS A 19 -5.93 -7.65 -5.89
N ARG A 20 -5.04 -7.94 -4.96
CA ARG A 20 -4.99 -7.23 -3.69
C ARG A 20 -4.07 -6.02 -3.78
N ALA A 21 -2.98 -6.15 -4.51
CA ALA A 21 -2.03 -5.05 -4.69
C ALA A 21 -2.65 -3.94 -5.51
N ALA A 22 -3.73 -4.26 -6.23
CA ALA A 22 -4.36 -3.28 -7.12
C ALA A 22 -5.05 -2.17 -6.31
N PRO A 23 -5.98 -2.49 -5.40
CA PRO A 23 -6.62 -1.49 -4.55
C PRO A 23 -5.62 -0.87 -3.58
N PHE A 24 -4.60 -1.64 -3.22
CA PHE A 24 -3.55 -1.14 -2.34
C PHE A 24 -2.75 -0.06 -3.04
N ASN A 25 -2.45 -0.30 -4.32
CA ASN A 25 -1.73 0.69 -5.13
C ASN A 25 -2.60 1.90 -5.36
N ASN A 26 -3.90 1.67 -5.44
CA ASN A 26 -4.88 2.72 -5.68
C ASN A 26 -5.10 3.53 -4.42
N TRP A 27 -4.79 2.93 -3.29
CA TRP A 27 -4.91 3.59 -2.01
C TRP A 27 -3.64 4.34 -1.70
N MET A 28 -2.50 3.65 -1.78
CA MET A 28 -1.21 4.23 -1.43
C MET A 28 -0.90 5.45 -2.27
N GLU A 29 -1.13 5.36 -3.57
CA GLU A 29 -0.86 6.49 -4.46
C GLU A 29 -1.71 7.71 -4.11
N SER A 30 -2.98 7.47 -3.79
CA SER A 30 -3.89 8.57 -3.47
C SER A 30 -3.64 9.07 -2.05
N ALA A 31 -3.10 8.20 -1.19
CA ALA A 31 -2.82 8.55 0.19
C ALA A 31 -1.49 9.28 0.32
N MET A 32 -0.46 8.72 -0.29
CA MET A 32 0.89 9.29 -0.20
C MET A 32 0.93 10.67 -0.84
N GLU A 33 0.09 10.88 -1.84
CA GLU A 33 0.00 12.18 -2.49
C GLU A 33 -0.63 13.20 -1.55
N ASP A 34 -1.64 12.75 -0.82
CA ASP A 34 -2.29 13.59 0.19
C ASP A 34 -1.31 13.94 1.30
N LEU A 35 -0.52 12.94 1.68
CA LEU A 35 0.41 13.09 2.78
C LEU A 35 1.63 13.93 2.36
N GLN A 36 1.88 13.97 1.05
CA GLN A 36 3.01 14.69 0.52
C GLN A 36 2.64 16.12 0.13
N ASP A 37 1.41 16.32 -0.30
CA ASP A 37 0.96 17.61 -0.80
C ASP A 37 0.70 18.60 0.33
N MET A 38 0.37 19.83 -0.06
CA MET A 38 0.04 20.87 0.89
C MET A 38 -1.45 21.17 0.82
N PHE A 39 -2.05 21.43 1.97
CA PHE A 39 -3.48 21.65 2.05
C PHE A 39 -3.77 23.10 2.45
N ILE A 40 -4.59 23.78 1.68
CA ILE A 40 -5.03 25.11 2.07
C ILE A 40 -6.47 25.06 2.55
N VAL A 41 -6.66 25.48 3.78
CA VAL A 41 -7.97 25.47 4.41
C VAL A 41 -8.30 26.83 5.00
N HIS A 42 -9.04 27.62 4.25
CA HIS A 42 -9.41 28.95 4.71
C HIS A 42 -10.67 28.91 5.55
N THR A 43 -11.56 27.98 5.21
CA THR A 43 -12.85 27.91 5.85
C THR A 43 -12.96 26.68 6.74
N ILE A 44 -13.66 26.83 7.86
CA ILE A 44 -13.79 25.77 8.84
C ILE A 44 -14.60 24.61 8.30
N GLU A 45 -15.59 24.94 7.50
CA GLU A 45 -16.47 23.96 6.88
C GLU A 45 -15.68 22.90 6.11
N GLU A 46 -14.57 23.32 5.51
CA GLU A 46 -13.71 22.38 4.78
C GLU A 46 -12.84 21.61 5.76
N ILE A 47 -12.38 22.28 6.80
CA ILE A 47 -11.49 21.67 7.80
C ILE A 47 -12.17 20.48 8.46
N GLU A 48 -13.48 20.59 8.67
CA GLU A 48 -14.24 19.54 9.33
C GLU A 48 -14.63 18.43 8.34
N GLY A 49 -14.11 18.52 7.13
CA GLY A 49 -14.27 17.44 6.18
C GLY A 49 -12.93 16.94 5.68
N LEU A 50 -12.01 17.89 5.55
CA LEU A 50 -10.66 17.66 5.12
C LEU A 50 -9.89 16.86 6.18
N ILE A 51 -9.98 17.31 7.43
CA ILE A 51 -9.31 16.61 8.53
C ILE A 51 -9.86 15.20 8.71
N SER A 52 -11.17 15.07 8.60
CA SER A 52 -11.85 13.79 8.77
C SER A 52 -11.34 12.75 7.77
N ALA A 53 -10.93 13.23 6.58
CA ALA A 53 -10.39 12.35 5.55
C ALA A 53 -9.04 11.77 5.99
N HIS A 54 -8.37 12.50 6.87
CA HIS A 54 -7.09 12.05 7.42
C HIS A 54 -7.30 11.40 8.78
N ASP A 55 -8.48 11.60 9.35
CA ASP A 55 -8.85 10.97 10.61
C ASP A 55 -9.25 9.53 10.38
N GLN A 56 -10.12 9.32 9.38
CA GLN A 56 -10.52 7.98 8.98
C GLN A 56 -9.34 7.21 8.40
N PHE A 57 -8.27 7.94 8.11
CA PHE A 57 -7.04 7.34 7.64
C PHE A 57 -6.48 6.36 8.66
N LYS A 58 -6.62 6.71 9.94
CA LYS A 58 -6.15 5.87 11.02
C LYS A 58 -7.05 4.65 11.19
N SER A 59 -8.21 4.71 10.56
CA SER A 59 -9.16 3.61 10.63
C SER A 59 -8.90 2.65 9.48
N THR A 60 -8.48 3.19 8.35
CA THR A 60 -8.14 2.37 7.20
C THR A 60 -6.73 1.77 7.35
N LEU A 61 -5.91 2.43 8.16
CA LEU A 61 -4.51 2.01 8.36
C LEU A 61 -4.40 0.53 8.76
N PRO A 62 -4.98 0.09 9.91
CA PRO A 62 -4.84 -1.28 10.38
C PRO A 62 -5.39 -2.31 9.38
N ASP A 63 -6.39 -1.90 8.62
CA ASP A 63 -6.99 -2.78 7.63
C ASP A 63 -6.06 -2.99 6.44
N ALA A 64 -5.56 -1.88 5.90
CA ALA A 64 -4.62 -1.91 4.80
C ALA A 64 -3.27 -2.50 5.25
N ASP A 65 -2.94 -2.24 6.51
CA ASP A 65 -1.72 -2.78 7.11
C ASP A 65 -1.76 -4.30 7.12
N ARG A 66 -2.88 -4.86 7.55
CA ARG A 66 -3.06 -6.30 7.60
C ARG A 66 -3.08 -6.87 6.19
N GLU A 67 -3.69 -6.13 5.26
CA GLU A 67 -3.71 -6.52 3.86
C GLU A 67 -2.29 -6.58 3.29
N ARG A 68 -1.44 -5.66 3.75
CA ARG A 68 -0.04 -5.62 3.31
C ARG A 68 0.65 -6.96 3.59
N GLU A 69 0.40 -7.51 4.77
CA GLU A 69 1.02 -8.78 5.13
C GLU A 69 0.32 -9.94 4.43
N ALA A 70 -0.97 -9.76 4.16
CA ALA A 70 -1.74 -10.76 3.42
C ALA A 70 -1.37 -10.76 1.94
N ILE A 71 -0.61 -9.75 1.54
CA ILE A 71 -0.13 -9.63 0.18
C ILE A 71 1.24 -10.26 0.08
N LEU A 72 2.03 -10.05 1.13
CA LEU A 72 3.33 -10.67 1.26
C LEU A 72 3.16 -12.18 1.41
N ALA A 73 2.04 -12.57 2.02
CA ALA A 73 1.73 -13.97 2.24
C ALA A 73 1.56 -14.71 0.93
N ILE A 74 0.97 -14.04 -0.05
CA ILE A 74 0.78 -14.60 -1.38
C ILE A 74 2.13 -14.82 -2.05
N HIS A 75 3.01 -13.85 -1.91
CA HIS A 75 4.33 -13.91 -2.53
C HIS A 75 5.22 -14.92 -1.83
N LYS A 76 4.84 -15.32 -0.63
CA LYS A 76 5.60 -16.30 0.11
C LYS A 76 5.62 -17.61 -0.67
N GLU A 77 4.46 -18.03 -1.12
CA GLU A 77 4.33 -19.25 -1.89
C GLU A 77 4.77 -19.02 -3.33
N ALA A 78 4.59 -17.80 -3.80
CA ALA A 78 4.90 -17.44 -5.17
C ALA A 78 6.35 -17.03 -5.37
N GLN A 79 7.14 -17.04 -4.30
CA GLN A 79 8.55 -16.72 -4.42
C GLN A 79 9.43 -17.89 -4.03
N ARG A 80 9.07 -18.58 -2.96
CA ARG A 80 9.86 -19.68 -2.43
C ARG A 80 10.09 -20.76 -3.49
N ILE A 81 9.12 -20.94 -4.37
CA ILE A 81 9.21 -21.95 -5.42
C ILE A 81 10.40 -21.69 -6.34
N ALA A 82 10.69 -20.41 -6.56
CA ALA A 82 11.78 -20.01 -7.42
C ALA A 82 13.09 -20.08 -6.68
N GLU A 83 13.01 -19.86 -5.37
CA GLU A 83 14.18 -19.82 -4.52
C GLU A 83 14.71 -21.23 -4.23
N SER A 84 13.88 -22.24 -4.49
CA SER A 84 14.30 -23.63 -4.34
C SER A 84 15.16 -24.06 -5.53
N ASN A 85 15.07 -23.30 -6.61
CA ASN A 85 15.85 -23.59 -7.81
C ASN A 85 16.65 -22.36 -8.20
N HIS A 86 16.95 -22.27 -9.49
CA HIS A 86 17.55 -21.07 -10.05
C HIS A 86 16.81 -20.73 -11.33
N ILE A 87 15.49 -20.82 -11.26
CA ILE A 87 14.64 -20.66 -12.41
C ILE A 87 14.42 -19.20 -12.75
N LYS A 88 13.85 -18.95 -13.91
CA LYS A 88 13.58 -17.61 -14.37
C LYS A 88 12.08 -17.42 -14.53
N LEU A 89 11.43 -17.05 -13.43
CA LEU A 89 10.01 -16.73 -13.44
C LEU A 89 9.73 -15.51 -14.31
N SER A 90 8.47 -15.17 -14.47
CA SER A 90 8.07 -14.00 -15.24
C SER A 90 8.32 -12.71 -14.46
N GLY A 91 9.48 -12.64 -13.80
CA GLY A 91 9.79 -11.52 -12.95
C GLY A 91 9.20 -11.67 -11.56
N SER A 92 9.67 -10.88 -10.62
CA SER A 92 9.12 -10.88 -9.27
C SER A 92 7.70 -10.34 -9.30
N ASN A 93 7.45 -9.45 -10.25
CA ASN A 93 6.14 -8.85 -10.41
C ASN A 93 5.68 -8.97 -11.86
N PRO A 94 5.04 -10.09 -12.21
CA PRO A 94 4.62 -10.37 -13.58
C PRO A 94 3.35 -9.62 -13.99
N TYR A 95 2.36 -9.60 -13.09
CA TYR A 95 1.06 -9.02 -13.41
C TYR A 95 0.96 -7.61 -12.88
N THR A 96 1.34 -7.43 -11.62
CA THR A 96 1.36 -6.13 -10.99
C THR A 96 2.75 -5.82 -10.48
N THR A 97 3.29 -4.67 -10.84
CA THR A 97 4.66 -4.33 -10.51
C THR A 97 4.78 -3.73 -9.10
N VAL A 98 4.59 -4.59 -8.11
CA VAL A 98 4.69 -4.19 -6.73
C VAL A 98 5.50 -5.20 -5.92
N THR A 99 6.82 -5.09 -5.97
CA THR A 99 7.67 -5.97 -5.20
C THR A 99 7.45 -5.73 -3.71
N PRO A 100 7.59 -6.76 -2.87
CA PRO A 100 7.42 -6.67 -1.42
C PRO A 100 8.09 -5.43 -0.84
N GLN A 101 9.31 -5.16 -1.26
CA GLN A 101 10.05 -3.99 -0.79
C GLN A 101 9.35 -2.71 -1.20
N ILE A 102 8.93 -2.68 -2.46
CA ILE A 102 8.30 -1.52 -3.04
C ILE A 102 6.99 -1.18 -2.30
N ILE A 103 6.22 -2.20 -1.94
CA ILE A 103 4.97 -1.97 -1.24
C ILE A 103 5.18 -1.77 0.26
N ASN A 104 6.19 -2.43 0.82
CA ASN A 104 6.48 -2.31 2.24
C ASN A 104 7.11 -0.96 2.55
N SER A 105 8.15 -0.61 1.80
CA SER A 105 8.83 0.67 2.00
C SER A 105 7.91 1.83 1.64
N LYS A 106 6.97 1.59 0.74
CA LYS A 106 5.96 2.60 0.42
C LYS A 106 5.07 2.84 1.62
N TRP A 107 4.62 1.75 2.23
CA TRP A 107 3.83 1.83 3.45
C TRP A 107 4.64 2.52 4.55
N GLU A 108 5.91 2.15 4.64
CA GLU A 108 6.81 2.70 5.63
C GLU A 108 6.97 4.20 5.45
N LYS A 109 7.04 4.64 4.20
CA LYS A 109 7.12 6.05 3.87
C LYS A 109 5.81 6.74 4.23
N VAL A 110 4.70 6.06 3.97
CA VAL A 110 3.39 6.56 4.33
C VAL A 110 3.31 6.80 5.85
N GLN A 111 3.76 5.83 6.62
CA GLN A 111 3.70 5.89 8.09
C GLN A 111 4.43 7.11 8.63
N GLN A 112 5.50 7.52 7.97
CA GLN A 112 6.29 8.67 8.41
C GLN A 112 5.65 9.99 7.97
N LEU A 113 4.79 9.92 6.96
CA LEU A 113 4.16 11.11 6.42
C LEU A 113 2.85 11.41 7.15
N VAL A 114 2.23 10.37 7.71
CA VAL A 114 0.97 10.51 8.43
C VAL A 114 1.06 11.55 9.55
N PRO A 115 1.99 11.37 10.53
CA PRO A 115 2.09 12.27 11.69
C PRO A 115 2.38 13.72 11.30
N LYS A 116 3.10 13.89 10.20
CA LYS A 116 3.40 15.23 9.70
C LYS A 116 2.11 15.97 9.37
N ARG A 117 1.26 15.33 8.58
CA ARG A 117 -0.01 15.91 8.19
C ARG A 117 -1.01 15.88 9.34
N ASP A 118 -0.92 14.84 10.16
CA ASP A 118 -1.79 14.68 11.32
C ASP A 118 -1.56 15.84 12.28
N HIS A 119 -0.32 16.31 12.34
CA HIS A 119 0.04 17.38 13.25
C HIS A 119 -0.30 18.72 12.64
N ALA A 120 -0.04 18.86 11.35
CA ALA A 120 -0.34 20.09 10.63
C ALA A 120 -1.82 20.40 10.66
N LEU A 121 -2.64 19.35 10.52
CA LEU A 121 -4.09 19.50 10.53
C LEU A 121 -4.58 19.92 11.89
N LEU A 122 -4.14 19.22 12.92
CA LEU A 122 -4.54 19.52 14.30
C LEU A 122 -3.82 20.74 14.83
N GLU A 123 -3.17 21.47 13.94
CA GLU A 123 -2.63 22.78 14.26
C GLU A 123 -3.39 23.84 13.46
N GLU A 124 -3.68 23.53 12.21
CA GLU A 124 -4.36 24.46 11.32
C GLU A 124 -5.82 24.62 11.73
N GLN A 125 -6.43 23.55 12.20
CA GLN A 125 -7.83 23.62 12.64
C GLN A 125 -7.93 24.45 13.91
N SER A 126 -6.88 24.41 14.72
CA SER A 126 -6.83 25.20 15.94
C SER A 126 -6.56 26.66 15.62
N LYS A 127 -5.84 26.88 14.52
CA LYS A 127 -5.54 28.23 14.06
C LYS A 127 -6.67 28.77 13.20
N GLN A 128 -7.77 28.02 13.14
CA GLN A 128 -8.95 28.43 12.40
C GLN A 128 -9.94 29.12 13.32
N GLN A 129 -11.21 28.73 13.21
CA GLN A 129 -12.26 29.33 14.01
C GLN A 129 -13.20 28.26 14.54
N GLY A 1 5.30 -25.90 -21.47
CA GLY A 1 6.62 -26.48 -21.14
C GLY A 1 6.82 -26.57 -19.65
N SER A 2 7.99 -27.07 -19.23
CA SER A 2 8.27 -27.32 -17.82
C SER A 2 8.16 -26.04 -16.99
N THR A 3 8.78 -24.98 -17.47
CA THR A 3 8.84 -23.72 -16.73
C THR A 3 7.45 -23.14 -16.50
N GLU A 4 6.59 -23.30 -17.50
CA GLU A 4 5.29 -22.68 -17.51
C GLU A 4 4.36 -23.23 -16.44
N LYS A 5 4.55 -24.47 -16.08
CA LYS A 5 3.69 -25.11 -15.09
C LYS A 5 4.05 -24.65 -13.71
N GLN A 6 5.34 -24.51 -13.45
CA GLN A 6 5.80 -24.09 -12.14
C GLN A 6 5.69 -22.59 -12.00
N LEU A 7 5.46 -21.92 -13.12
CA LEU A 7 5.25 -20.48 -13.10
C LEU A 7 3.75 -20.16 -13.05
N GLU A 8 2.96 -20.91 -13.81
CA GLU A 8 1.52 -20.64 -13.90
C GLU A 8 0.79 -21.06 -12.63
N ALA A 9 1.27 -22.12 -12.00
CA ALA A 9 0.65 -22.62 -10.79
C ALA A 9 0.78 -21.58 -9.68
N ILE A 10 1.90 -20.89 -9.69
CA ILE A 10 2.15 -19.86 -8.70
C ILE A 10 1.80 -18.49 -9.26
N ASP A 11 1.40 -18.46 -10.52
CA ASP A 11 0.91 -17.24 -11.15
C ASP A 11 -0.50 -16.95 -10.68
N GLN A 12 -1.21 -18.01 -10.31
CA GLN A 12 -2.51 -17.87 -9.68
C GLN A 12 -2.34 -17.35 -8.26
N LEU A 13 -1.14 -17.53 -7.71
CA LEU A 13 -0.79 -16.90 -6.45
C LEU A 13 -0.46 -15.44 -6.71
N HIS A 14 0.27 -15.20 -7.80
CA HIS A 14 0.52 -13.83 -8.26
C HIS A 14 -0.81 -13.14 -8.52
N LEU A 15 -1.78 -13.93 -8.95
CA LEU A 15 -3.12 -13.45 -9.24
C LEU A 15 -3.78 -12.84 -8.01
N GLU A 16 -3.72 -13.55 -6.91
CA GLU A 16 -4.30 -13.07 -5.66
C GLU A 16 -3.45 -11.96 -5.07
N TYR A 17 -2.16 -12.01 -5.38
CA TYR A 17 -1.23 -10.99 -4.93
C TYR A 17 -1.54 -9.70 -5.68
N ALA A 18 -1.65 -9.80 -7.00
CA ALA A 18 -1.93 -8.66 -7.85
C ALA A 18 -3.36 -8.19 -7.71
N LYS A 19 -4.20 -9.04 -7.12
CA LYS A 19 -5.60 -8.66 -6.87
C LYS A 19 -5.69 -7.77 -5.65
N ARG A 20 -4.92 -8.09 -4.62
CA ARG A 20 -4.96 -7.31 -3.39
C ARG A 20 -3.98 -6.15 -3.44
N ALA A 21 -2.86 -6.36 -4.13
CA ALA A 21 -1.85 -5.32 -4.28
C ALA A 21 -2.38 -4.17 -5.13
N ALA A 22 -3.41 -4.44 -5.92
CA ALA A 22 -3.93 -3.47 -6.88
C ALA A 22 -4.59 -2.27 -6.17
N PRO A 23 -5.64 -2.48 -5.34
CA PRO A 23 -6.28 -1.39 -4.61
C PRO A 23 -5.39 -0.87 -3.49
N PHE A 24 -4.50 -1.72 -3.01
CA PHE A 24 -3.53 -1.33 -2.00
C PHE A 24 -2.57 -0.29 -2.57
N ASN A 25 -2.08 -0.56 -3.77
CA ASN A 25 -1.15 0.35 -4.42
C ASN A 25 -1.85 1.63 -4.82
N ASN A 26 -3.15 1.52 -5.03
CA ASN A 26 -3.96 2.66 -5.41
C ASN A 26 -4.21 3.54 -4.18
N TRP A 27 -4.37 2.88 -3.06
CA TRP A 27 -4.64 3.54 -1.79
C TRP A 27 -3.44 4.37 -1.35
N MET A 28 -2.28 3.72 -1.22
CA MET A 28 -1.09 4.42 -0.74
C MET A 28 -0.65 5.48 -1.73
N GLU A 29 -0.89 5.26 -3.02
CA GLU A 29 -0.49 6.23 -4.04
C GLU A 29 -1.32 7.49 -3.96
N SER A 30 -2.57 7.35 -3.55
CA SER A 30 -3.45 8.51 -3.43
C SER A 30 -3.31 9.14 -2.05
N ALA A 31 -3.26 8.29 -1.02
CA ALA A 31 -3.25 8.76 0.36
C ALA A 31 -1.92 9.39 0.75
N MET A 32 -0.81 8.71 0.45
CA MET A 32 0.50 9.22 0.82
C MET A 32 0.81 10.50 0.06
N GLU A 33 0.37 10.56 -1.19
CA GLU A 33 0.59 11.74 -2.02
C GLU A 33 -0.13 12.95 -1.42
N ASP A 34 -1.31 12.72 -0.86
CA ASP A 34 -2.04 13.78 -0.18
C ASP A 34 -1.32 14.15 1.11
N LEU A 35 -0.80 13.13 1.79
CA LEU A 35 -0.13 13.31 3.07
C LEU A 35 1.10 14.20 2.96
N GLN A 36 1.82 14.09 1.85
CA GLN A 36 3.04 14.88 1.67
C GLN A 36 2.74 16.24 1.03
N ASP A 37 1.53 16.42 0.57
CA ASP A 37 1.13 17.66 -0.11
C ASP A 37 0.62 18.68 0.91
N MET A 38 0.38 19.89 0.44
CA MET A 38 -0.12 20.96 1.29
C MET A 38 -1.52 21.35 0.87
N PHE A 39 -2.48 20.94 1.69
CA PHE A 39 -3.89 21.15 1.41
C PHE A 39 -4.24 22.63 1.40
N ILE A 40 -5.19 22.98 0.56
CA ILE A 40 -5.74 24.32 0.53
C ILE A 40 -7.23 24.29 0.88
N VAL A 41 -7.65 25.18 1.75
CA VAL A 41 -9.03 25.20 2.21
C VAL A 41 -9.65 26.57 2.00
N HIS A 42 -10.97 26.62 2.06
CA HIS A 42 -11.70 27.88 1.92
C HIS A 42 -12.58 28.09 3.14
N THR A 43 -13.26 27.04 3.54
CA THR A 43 -14.15 27.10 4.69
C THR A 43 -13.70 26.13 5.77
N ILE A 44 -14.19 26.34 6.98
CA ILE A 44 -13.86 25.52 8.12
C ILE A 44 -14.36 24.09 7.92
N GLU A 45 -15.45 23.99 7.19
CA GLU A 45 -16.05 22.71 6.87
C GLU A 45 -15.05 21.79 6.16
N GLU A 46 -14.34 22.33 5.17
CA GLU A 46 -13.35 21.54 4.44
C GLU A 46 -12.14 21.28 5.33
N ILE A 47 -11.83 22.24 6.19
CA ILE A 47 -10.68 22.12 7.08
C ILE A 47 -10.92 20.99 8.09
N GLU A 48 -12.17 20.82 8.49
CA GLU A 48 -12.53 19.76 9.43
C GLU A 48 -12.69 18.44 8.69
N GLY A 49 -13.14 18.53 7.45
CA GLY A 49 -13.26 17.35 6.61
C GLY A 49 -11.89 16.80 6.29
N LEU A 50 -10.93 17.70 6.16
CA LEU A 50 -9.54 17.35 6.00
C LEU A 50 -9.04 16.55 7.19
N ILE A 51 -9.49 16.96 8.38
CA ILE A 51 -9.18 16.23 9.61
C ILE A 51 -9.85 14.86 9.59
N SER A 52 -11.12 14.82 9.20
CA SER A 52 -11.87 13.58 9.12
C SER A 52 -11.20 12.59 8.16
N ALA A 53 -10.62 13.13 7.10
CA ALA A 53 -9.89 12.31 6.14
C ALA A 53 -8.67 11.66 6.78
N HIS A 54 -8.12 12.31 7.79
CA HIS A 54 -7.01 11.76 8.54
C HIS A 54 -7.52 10.88 9.67
N ASP A 55 -8.67 11.25 10.22
CA ASP A 55 -9.32 10.48 11.27
C ASP A 55 -9.65 9.08 10.78
N GLN A 56 -10.39 9.00 9.68
CA GLN A 56 -10.77 7.73 9.11
C GLN A 56 -9.57 7.02 8.52
N PHE A 57 -8.50 7.78 8.28
CA PHE A 57 -7.26 7.22 7.79
C PHE A 57 -6.67 6.27 8.82
N LYS A 58 -6.78 6.66 10.08
CA LYS A 58 -6.29 5.83 11.18
C LYS A 58 -7.18 4.61 11.35
N SER A 59 -8.34 4.66 10.74
CA SER A 59 -9.30 3.58 10.81
C SER A 59 -9.09 2.58 9.67
N THR A 60 -8.60 3.08 8.54
CA THR A 60 -8.27 2.21 7.41
C THR A 60 -6.92 1.54 7.64
N LEU A 61 -6.11 2.13 8.50
CA LEU A 61 -4.75 1.66 8.76
C LEU A 61 -4.71 0.20 9.23
N PRO A 62 -5.45 -0.19 10.31
CA PRO A 62 -5.43 -1.56 10.83
C PRO A 62 -5.70 -2.62 9.76
N ASP A 63 -6.61 -2.31 8.84
CA ASP A 63 -6.98 -3.26 7.80
C ASP A 63 -5.95 -3.27 6.67
N ALA A 64 -5.55 -2.09 6.24
CA ALA A 64 -4.53 -1.97 5.19
C ALA A 64 -3.19 -2.51 5.68
N ASP A 65 -2.98 -2.43 6.98
CA ASP A 65 -1.79 -3.00 7.61
C ASP A 65 -1.82 -4.52 7.49
N ARG A 66 -3.03 -5.08 7.51
CA ARG A 66 -3.21 -6.51 7.35
C ARG A 66 -2.99 -6.91 5.89
N GLU A 67 -3.41 -6.04 4.98
CA GLU A 67 -3.28 -6.26 3.54
C GLU A 67 -1.84 -6.60 3.17
N ARG A 68 -0.90 -5.72 3.52
CA ARG A 68 0.50 -5.92 3.16
C ARG A 68 1.04 -7.25 3.68
N GLU A 69 0.66 -7.61 4.90
CA GLU A 69 1.06 -8.88 5.50
C GLU A 69 0.41 -10.04 4.77
N ALA A 70 -0.88 -9.90 4.48
CA ALA A 70 -1.65 -10.94 3.80
C ALA A 70 -1.32 -10.99 2.32
N ILE A 71 -0.46 -10.09 1.89
CA ILE A 71 -0.03 -10.04 0.50
C ILE A 71 1.35 -10.68 0.40
N LEU A 72 2.18 -10.42 1.40
CA LEU A 72 3.49 -11.03 1.50
C LEU A 72 3.34 -12.52 1.76
N ALA A 73 2.29 -12.87 2.49
CA ALA A 73 1.98 -14.26 2.80
C ALA A 73 1.76 -15.06 1.52
N ILE A 74 1.17 -14.41 0.53
CA ILE A 74 0.93 -15.04 -0.77
C ILE A 74 2.25 -15.27 -1.50
N HIS A 75 3.14 -14.28 -1.42
CA HIS A 75 4.43 -14.34 -2.11
C HIS A 75 5.32 -15.40 -1.49
N LYS A 76 5.02 -15.80 -0.27
CA LYS A 76 5.81 -16.81 0.41
C LYS A 76 5.78 -18.13 -0.36
N GLU A 77 4.60 -18.49 -0.83
CA GLU A 77 4.45 -19.70 -1.62
C GLU A 77 4.81 -19.45 -3.07
N ALA A 78 4.60 -18.22 -3.53
CA ALA A 78 4.86 -17.86 -4.92
C ALA A 78 6.32 -17.46 -5.13
N GLN A 79 7.11 -17.53 -4.05
CA GLN A 79 8.53 -17.26 -4.15
C GLN A 79 9.34 -18.50 -3.83
N ARG A 80 8.84 -19.32 -2.92
CA ARG A 80 9.55 -20.50 -2.46
C ARG A 80 9.88 -21.44 -3.61
N ILE A 81 9.01 -21.48 -4.61
CA ILE A 81 9.23 -22.30 -5.79
C ILE A 81 10.47 -21.83 -6.55
N ALA A 82 10.68 -20.52 -6.57
CA ALA A 82 11.81 -19.93 -7.27
C ALA A 82 13.07 -19.99 -6.42
N GLU A 83 12.87 -20.10 -5.12
CA GLU A 83 13.98 -20.25 -4.19
C GLU A 83 14.55 -21.67 -4.29
N SER A 84 13.67 -22.63 -4.56
CA SER A 84 14.08 -24.02 -4.72
C SER A 84 14.54 -24.30 -6.16
N ASN A 85 13.82 -23.77 -7.13
CA ASN A 85 14.15 -24.01 -8.53
C ASN A 85 14.42 -22.68 -9.20
N HIS A 86 15.53 -22.60 -9.90
CA HIS A 86 15.93 -21.36 -10.55
C HIS A 86 15.08 -21.10 -11.79
N ILE A 87 13.81 -20.76 -11.56
CA ILE A 87 12.90 -20.43 -12.64
C ILE A 87 13.15 -19.01 -13.16
N LYS A 88 12.39 -18.61 -14.17
CA LYS A 88 12.58 -17.33 -14.80
C LYS A 88 11.47 -16.35 -14.44
N LEU A 89 11.57 -15.78 -13.26
CA LEU A 89 10.65 -14.73 -12.84
C LEU A 89 10.88 -13.48 -13.68
N SER A 90 9.85 -13.05 -14.40
CA SER A 90 9.95 -11.83 -15.19
C SER A 90 10.15 -10.62 -14.28
N GLY A 91 11.05 -9.74 -14.66
CA GLY A 91 11.35 -8.57 -13.85
C GLY A 91 10.13 -7.71 -13.61
N SER A 92 9.40 -7.41 -14.68
CA SER A 92 8.19 -6.61 -14.59
C SER A 92 7.03 -7.45 -14.05
N ASN A 93 7.11 -8.77 -14.27
CA ASN A 93 6.08 -9.71 -13.81
C ASN A 93 4.78 -9.53 -14.58
N PRO A 94 4.03 -10.62 -14.80
CA PRO A 94 2.77 -10.59 -15.54
C PRO A 94 1.77 -9.59 -14.98
N TYR A 95 1.50 -9.68 -13.68
CA TYR A 95 0.54 -8.79 -13.04
C TYR A 95 1.14 -8.18 -11.79
N THR A 96 2.02 -8.93 -11.14
CA THR A 96 2.56 -8.53 -9.85
C THR A 96 3.83 -7.72 -9.98
N THR A 97 3.73 -6.47 -10.41
CA THR A 97 4.88 -5.58 -10.42
C THR A 97 5.00 -4.84 -9.09
N VAL A 98 4.92 -5.61 -8.03
CA VAL A 98 4.97 -5.09 -6.67
C VAL A 98 5.87 -5.97 -5.81
N THR A 99 7.09 -5.53 -5.58
CA THR A 99 8.02 -6.28 -4.77
C THR A 99 7.61 -6.21 -3.29
N PRO A 100 7.91 -7.25 -2.51
CA PRO A 100 7.49 -7.33 -1.10
C PRO A 100 8.29 -6.39 -0.19
N GLN A 101 8.94 -5.39 -0.76
CA GLN A 101 9.76 -4.48 0.01
C GLN A 101 9.31 -3.07 -0.24
N ILE A 102 9.26 -2.70 -1.50
CA ILE A 102 8.76 -1.42 -1.93
C ILE A 102 7.39 -1.12 -1.29
N ILE A 103 6.52 -2.11 -1.27
CA ILE A 103 5.19 -1.93 -0.72
C ILE A 103 5.22 -1.81 0.80
N ASN A 104 6.15 -2.51 1.44
CA ASN A 104 6.29 -2.46 2.88
C ASN A 104 7.01 -1.19 3.28
N SER A 105 8.05 -0.85 2.54
CA SER A 105 8.76 0.41 2.71
C SER A 105 7.82 1.59 2.48
N LYS A 106 6.95 1.48 1.46
CA LYS A 106 5.98 2.53 1.17
C LYS A 106 4.99 2.70 2.32
N TRP A 107 4.60 1.58 2.94
CA TRP A 107 3.72 1.63 4.10
C TRP A 107 4.41 2.38 5.24
N GLU A 108 5.69 2.11 5.44
CA GLU A 108 6.48 2.75 6.48
C GLU A 108 6.56 4.25 6.22
N LYS A 109 6.61 4.62 4.95
CA LYS A 109 6.59 6.02 4.55
C LYS A 109 5.26 6.66 4.95
N VAL A 110 4.18 5.93 4.71
CA VAL A 110 2.85 6.38 5.08
C VAL A 110 2.77 6.60 6.58
N GLN A 111 3.30 5.65 7.35
CA GLN A 111 3.26 5.68 8.80
C GLN A 111 3.90 6.96 9.35
N GLN A 112 5.07 7.31 8.82
CA GLN A 112 5.83 8.44 9.35
C GLN A 112 5.29 9.77 8.84
N LEU A 113 4.49 9.73 7.78
CA LEU A 113 3.92 10.94 7.21
C LEU A 113 2.59 11.29 7.89
N VAL A 114 2.04 10.33 8.63
CA VAL A 114 0.78 10.54 9.34
C VAL A 114 0.90 11.68 10.36
N PRO A 115 1.86 11.62 11.32
CA PRO A 115 2.02 12.66 12.33
C PRO A 115 2.34 14.03 11.73
N LYS A 116 3.09 14.03 10.63
CA LYS A 116 3.46 15.27 9.96
C LYS A 116 2.21 16.02 9.49
N ARG A 117 1.39 15.31 8.72
CA ARG A 117 0.15 15.88 8.21
C ARG A 117 -0.83 16.14 9.35
N ASP A 118 -0.72 15.33 10.41
CA ASP A 118 -1.56 15.48 11.59
C ASP A 118 -1.28 16.83 12.27
N HIS A 119 -0.04 17.28 12.18
CA HIS A 119 0.35 18.53 12.81
C HIS A 119 -0.02 19.69 11.90
N ALA A 120 0.21 19.51 10.60
CA ALA A 120 -0.14 20.53 9.62
C ALA A 120 -1.64 20.85 9.69
N LEU A 121 -2.44 19.80 9.80
CA LEU A 121 -3.88 19.95 9.91
C LEU A 121 -4.26 20.70 11.18
N LEU A 122 -3.73 20.23 12.30
CA LEU A 122 -4.06 20.80 13.60
C LEU A 122 -3.32 22.10 13.86
N GLU A 123 -2.67 22.63 12.82
CA GLU A 123 -2.04 23.93 12.90
C GLU A 123 -2.82 24.93 12.05
N GLU A 124 -3.33 24.45 10.92
CA GLU A 124 -4.04 25.30 9.98
C GLU A 124 -5.52 25.39 10.29
N GLN A 125 -6.09 24.29 10.80
CA GLN A 125 -7.51 24.25 11.12
C GLN A 125 -7.83 25.18 12.30
N SER A 126 -6.85 25.35 13.17
CA SER A 126 -7.00 26.19 14.34
C SER A 126 -6.80 27.66 13.96
N LYS A 127 -6.36 27.90 12.73
CA LYS A 127 -6.16 29.25 12.23
C LYS A 127 -7.40 29.72 11.50
N GLN A 128 -8.36 28.82 11.36
CA GLN A 128 -9.64 29.14 10.74
C GLN A 128 -10.60 29.68 11.79
N GLN A 129 -11.84 29.21 11.74
CA GLN A 129 -12.85 29.64 12.68
C GLN A 129 -13.62 28.45 13.20
N GLY A 1 10.35 -33.38 -12.12
CA GLY A 1 9.38 -32.95 -13.14
C GLY A 1 9.87 -31.77 -13.95
N SER A 2 9.01 -31.22 -14.80
CA SER A 2 9.37 -30.10 -15.65
C SER A 2 9.20 -28.77 -14.91
N THR A 3 8.56 -28.83 -13.73
CA THR A 3 8.37 -27.65 -12.89
C THR A 3 7.52 -26.58 -13.58
N GLU A 4 6.65 -26.99 -14.49
CA GLU A 4 5.80 -26.06 -15.22
C GLU A 4 4.52 -25.81 -14.43
N LYS A 5 3.98 -26.87 -13.86
CA LYS A 5 2.75 -26.77 -13.08
C LYS A 5 3.04 -26.09 -11.77
N GLN A 6 4.27 -26.26 -11.31
CA GLN A 6 4.72 -25.66 -10.07
C GLN A 6 5.07 -24.21 -10.30
N LEU A 7 5.14 -23.80 -11.56
CA LEU A 7 5.36 -22.40 -11.89
C LEU A 7 4.05 -21.75 -12.33
N GLU A 8 3.23 -22.52 -13.03
CA GLU A 8 1.97 -22.02 -13.54
C GLU A 8 0.96 -21.79 -12.42
N ALA A 9 1.00 -22.67 -11.42
CA ALA A 9 0.04 -22.58 -10.32
C ALA A 9 0.33 -21.36 -9.48
N ILE A 10 1.61 -21.03 -9.36
CA ILE A 10 2.01 -19.88 -8.58
C ILE A 10 1.85 -18.60 -9.39
N ASP A 11 1.70 -18.76 -10.70
CA ASP A 11 1.36 -17.64 -11.57
C ASP A 11 -0.12 -17.34 -11.46
N GLN A 12 -0.89 -18.35 -11.07
CA GLN A 12 -2.31 -18.16 -10.83
C GLN A 12 -2.53 -17.39 -9.55
N LEU A 13 -1.67 -17.63 -8.56
CA LEU A 13 -1.73 -16.85 -7.32
C LEU A 13 -0.91 -15.57 -7.48
N HIS A 14 -0.15 -15.47 -8.57
CA HIS A 14 0.48 -14.22 -8.95
C HIS A 14 -0.60 -13.17 -9.18
N LEU A 15 -1.74 -13.65 -9.68
CA LEU A 15 -2.89 -12.81 -9.90
C LEU A 15 -3.42 -12.25 -8.60
N GLU A 16 -3.36 -13.04 -7.54
CA GLU A 16 -3.85 -12.63 -6.23
C GLU A 16 -3.02 -11.47 -5.71
N TYR A 17 -1.74 -11.47 -6.02
CA TYR A 17 -0.87 -10.37 -5.65
C TYR A 17 -1.30 -9.13 -6.41
N ALA A 18 -1.58 -9.31 -7.70
CA ALA A 18 -1.98 -8.22 -8.56
C ALA A 18 -3.45 -7.84 -8.34
N LYS A 19 -4.15 -8.58 -7.49
CA LYS A 19 -5.53 -8.27 -7.18
C LYS A 19 -5.65 -7.64 -5.80
N ARG A 20 -4.63 -7.80 -4.98
CA ARG A 20 -4.62 -7.23 -3.64
C ARG A 20 -3.70 -6.02 -3.58
N ALA A 21 -2.55 -6.13 -4.22
CA ALA A 21 -1.59 -5.03 -4.24
C ALA A 21 -2.08 -3.90 -5.13
N ALA A 22 -3.10 -4.19 -5.94
CA ALA A 22 -3.61 -3.22 -6.91
C ALA A 22 -4.42 -2.11 -6.22
N PRO A 23 -5.46 -2.46 -5.43
CA PRO A 23 -6.19 -1.46 -4.65
C PRO A 23 -5.31 -0.86 -3.57
N PHE A 24 -4.37 -1.67 -3.10
CA PHE A 24 -3.41 -1.22 -2.10
C PHE A 24 -2.53 -0.11 -2.67
N ASN A 25 -2.04 -0.31 -3.88
CA ASN A 25 -1.17 0.68 -4.51
C ASN A 25 -1.97 1.91 -4.89
N ASN A 26 -3.25 1.69 -5.13
CA ASN A 26 -4.15 2.78 -5.46
C ASN A 26 -4.36 3.65 -4.23
N TRP A 27 -4.45 2.98 -3.09
CA TRP A 27 -4.56 3.65 -1.80
C TRP A 27 -3.25 4.36 -1.47
N MET A 28 -2.14 3.65 -1.59
CA MET A 28 -0.82 4.18 -1.27
C MET A 28 -0.57 5.51 -1.96
N GLU A 29 -0.91 5.58 -3.24
CA GLU A 29 -0.73 6.80 -4.01
C GLU A 29 -1.57 7.92 -3.44
N SER A 30 -2.87 7.70 -3.34
CA SER A 30 -3.80 8.72 -2.91
C SER A 30 -3.53 9.15 -1.46
N ALA A 31 -3.07 8.21 -0.64
CA ALA A 31 -2.78 8.50 0.76
C ALA A 31 -1.51 9.32 0.89
N MET A 32 -0.43 8.83 0.29
CA MET A 32 0.87 9.49 0.40
C MET A 32 0.83 10.86 -0.27
N GLU A 33 0.03 11.00 -1.32
CA GLU A 33 -0.10 12.27 -2.01
C GLU A 33 -0.81 13.27 -1.11
N ASP A 34 -1.80 12.80 -0.38
CA ASP A 34 -2.54 13.66 0.55
C ASP A 34 -1.65 14.02 1.74
N LEU A 35 -0.77 13.10 2.10
CA LEU A 35 0.11 13.28 3.24
C LEU A 35 1.26 14.22 2.89
N GLN A 36 1.65 14.22 1.62
CA GLN A 36 2.75 15.04 1.16
C GLN A 36 2.29 16.44 0.77
N ASP A 37 1.11 16.52 0.16
CA ASP A 37 0.61 17.78 -0.37
C ASP A 37 -0.11 18.60 0.69
N MET A 38 -0.52 19.80 0.30
CA MET A 38 -1.18 20.72 1.22
C MET A 38 -2.69 20.70 0.98
N PHE A 39 -3.42 21.16 1.97
CA PHE A 39 -4.88 21.20 1.90
C PHE A 39 -5.37 22.63 2.04
N ILE A 40 -6.12 23.08 1.05
CA ILE A 40 -6.67 24.42 1.09
C ILE A 40 -8.02 24.42 1.82
N VAL A 41 -8.17 25.31 2.78
CA VAL A 41 -9.40 25.42 3.54
C VAL A 41 -9.91 26.86 3.50
N HIS A 42 -11.19 27.02 3.78
CA HIS A 42 -11.80 28.33 3.88
C HIS A 42 -12.36 28.52 5.29
N THR A 43 -13.09 27.51 5.75
CA THR A 43 -13.66 27.56 7.09
C THR A 43 -13.26 26.32 7.89
N ILE A 44 -13.62 26.33 9.17
CA ILE A 44 -13.32 25.22 10.09
C ILE A 44 -14.14 23.99 9.71
N GLU A 45 -15.26 24.23 9.04
CA GLU A 45 -16.15 23.16 8.61
C GLU A 45 -15.42 22.19 7.67
N GLU A 46 -14.58 22.74 6.82
CA GLU A 46 -13.80 21.93 5.90
C GLU A 46 -12.53 21.43 6.56
N ILE A 47 -12.15 22.11 7.64
CA ILE A 47 -10.99 21.70 8.43
C ILE A 47 -11.23 20.33 9.04
N GLU A 48 -12.42 20.12 9.61
CA GLU A 48 -12.75 18.87 10.25
C GLU A 48 -13.01 17.79 9.20
N GLY A 49 -13.43 18.22 8.02
CA GLY A 49 -13.62 17.31 6.91
C GLY A 49 -12.29 16.82 6.38
N LEU A 50 -11.34 17.73 6.29
CA LEU A 50 -9.98 17.40 5.88
C LEU A 50 -9.33 16.47 6.88
N ILE A 51 -9.55 16.75 8.16
CA ILE A 51 -9.05 15.89 9.23
C ILE A 51 -9.76 14.54 9.20
N SER A 52 -11.03 14.54 8.83
CA SER A 52 -11.79 13.29 8.67
C SER A 52 -11.15 12.40 7.61
N ALA A 53 -10.51 13.02 6.63
CA ALA A 53 -9.79 12.28 5.59
C ALA A 53 -8.56 11.59 6.16
N HIS A 54 -8.14 12.02 7.35
CA HIS A 54 -7.05 11.39 8.07
C HIS A 54 -7.61 10.48 9.15
N ASP A 55 -8.90 10.62 9.43
CA ASP A 55 -9.58 9.80 10.41
C ASP A 55 -10.02 8.48 9.79
N GLN A 56 -10.61 8.57 8.60
CA GLN A 56 -10.95 7.38 7.82
C GLN A 56 -9.68 6.67 7.40
N PHE A 57 -8.59 7.42 7.39
CA PHE A 57 -7.27 6.89 7.13
C PHE A 57 -6.89 5.87 8.21
N LYS A 58 -7.35 6.12 9.43
CA LYS A 58 -7.10 5.22 10.54
C LYS A 58 -8.06 4.04 10.49
N SER A 59 -9.00 4.09 9.57
CA SER A 59 -9.94 2.99 9.35
C SER A 59 -9.42 2.08 8.25
N THR A 60 -8.73 2.67 7.28
CA THR A 60 -8.12 1.90 6.21
C THR A 60 -6.85 1.20 6.70
N LEU A 61 -6.08 1.91 7.52
CA LEU A 61 -4.78 1.43 8.03
C LEU A 61 -4.82 -0.01 8.54
N PRO A 62 -5.70 -0.35 9.51
CA PRO A 62 -5.74 -1.69 10.11
C PRO A 62 -5.85 -2.80 9.08
N ASP A 63 -6.63 -2.57 8.03
CA ASP A 63 -6.86 -3.59 7.02
C ASP A 63 -5.84 -3.47 5.89
N ALA A 64 -5.36 -2.26 5.66
CA ALA A 64 -4.33 -2.02 4.66
C ALA A 64 -3.00 -2.61 5.12
N ASP A 65 -2.73 -2.52 6.41
CA ASP A 65 -1.56 -3.16 6.99
C ASP A 65 -1.69 -4.67 6.85
N ARG A 66 -2.88 -5.17 7.16
CA ARG A 66 -3.18 -6.59 7.00
C ARG A 66 -3.01 -7.00 5.54
N GLU A 67 -3.47 -6.13 4.64
CA GLU A 67 -3.31 -6.33 3.21
C GLU A 67 -1.85 -6.58 2.84
N ARG A 68 -0.95 -5.70 3.31
CA ARG A 68 0.46 -5.83 3.00
C ARG A 68 1.04 -7.14 3.55
N GLU A 69 0.54 -7.56 4.71
CA GLU A 69 0.97 -8.82 5.31
C GLU A 69 0.42 -10.00 4.54
N ALA A 70 -0.81 -9.86 4.06
CA ALA A 70 -1.47 -10.90 3.28
C ALA A 70 -0.95 -10.92 1.85
N ILE A 71 -0.25 -9.85 1.48
CA ILE A 71 0.29 -9.72 0.14
C ILE A 71 1.66 -10.36 0.10
N LEU A 72 2.39 -10.20 1.20
CA LEU A 72 3.65 -10.89 1.41
C LEU A 72 3.38 -12.38 1.54
N ALA A 73 2.19 -12.71 2.03
CA ALA A 73 1.78 -14.09 2.18
C ALA A 73 1.59 -14.76 0.83
N ILE A 74 1.00 -14.02 -0.10
CA ILE A 74 0.83 -14.50 -1.47
C ILE A 74 2.18 -14.67 -2.16
N HIS A 75 3.05 -13.68 -1.97
CA HIS A 75 4.39 -13.70 -2.55
C HIS A 75 5.24 -14.78 -1.91
N LYS A 76 4.86 -15.19 -0.72
CA LYS A 76 5.54 -16.30 -0.05
C LYS A 76 5.30 -17.59 -0.81
N GLU A 77 4.10 -17.71 -1.36
CA GLU A 77 3.72 -18.87 -2.14
C GLU A 77 4.31 -18.80 -3.55
N ALA A 78 4.54 -17.58 -4.02
CA ALA A 78 4.99 -17.36 -5.38
C ALA A 78 6.49 -17.08 -5.49
N GLN A 79 7.17 -17.02 -4.35
CA GLN A 79 8.62 -16.80 -4.37
C GLN A 79 9.40 -18.02 -3.91
N ARG A 80 8.92 -18.66 -2.84
CA ARG A 80 9.66 -19.74 -2.21
C ARG A 80 9.75 -20.95 -3.11
N ILE A 81 8.84 -21.04 -4.06
CA ILE A 81 8.87 -22.12 -5.04
C ILE A 81 10.11 -21.99 -5.91
N ALA A 82 10.53 -20.76 -6.18
CA ALA A 82 11.70 -20.50 -6.99
C ALA A 82 12.94 -20.57 -6.13
N GLU A 83 12.80 -20.16 -4.87
CA GLU A 83 13.90 -20.18 -3.92
C GLU A 83 14.25 -21.62 -3.51
N SER A 84 13.25 -22.49 -3.48
CA SER A 84 13.48 -23.91 -3.21
C SER A 84 14.10 -24.60 -4.41
N ASN A 85 13.84 -24.07 -5.60
CA ASN A 85 14.39 -24.62 -6.84
C ASN A 85 15.49 -23.71 -7.35
N HIS A 86 15.71 -23.75 -8.66
CA HIS A 86 16.57 -22.79 -9.32
C HIS A 86 15.95 -22.43 -10.66
N ILE A 87 14.62 -22.32 -10.66
CA ILE A 87 13.86 -22.09 -11.87
C ILE A 87 13.96 -20.65 -12.34
N LYS A 88 13.49 -20.41 -13.55
CA LYS A 88 13.58 -19.09 -14.15
C LYS A 88 12.21 -18.44 -14.21
N LEU A 89 11.79 -17.89 -13.07
CA LEU A 89 10.52 -17.17 -12.97
C LEU A 89 10.47 -15.98 -13.92
N SER A 90 11.65 -15.54 -14.37
CA SER A 90 11.79 -14.42 -15.30
C SER A 90 11.47 -13.09 -14.60
N GLY A 91 10.19 -12.86 -14.34
CA GLY A 91 9.79 -11.62 -13.72
C GLY A 91 9.08 -11.84 -12.41
N SER A 92 9.61 -11.24 -11.35
CA SER A 92 8.97 -11.31 -10.03
C SER A 92 7.65 -10.56 -10.05
N ASN A 93 7.53 -9.63 -11.00
CA ASN A 93 6.34 -8.82 -11.14
C ASN A 93 5.79 -8.88 -12.57
N PRO A 94 5.17 -10.02 -12.94
CA PRO A 94 4.60 -10.18 -14.27
C PRO A 94 3.27 -9.46 -14.42
N TYR A 95 2.58 -9.26 -13.30
CA TYR A 95 1.24 -8.68 -13.32
C TYR A 95 1.21 -7.38 -12.53
N THR A 96 1.74 -7.42 -11.32
CA THR A 96 1.74 -6.25 -10.45
C THR A 96 3.16 -5.73 -10.30
N THR A 97 3.37 -4.49 -10.69
CA THR A 97 4.70 -3.87 -10.67
C THR A 97 5.35 -3.92 -9.29
N VAL A 98 4.54 -3.65 -8.27
CA VAL A 98 5.02 -3.53 -6.90
C VAL A 98 5.86 -4.74 -6.44
N THR A 99 7.08 -4.46 -6.03
CA THR A 99 7.88 -5.42 -5.33
C THR A 99 7.66 -5.26 -3.83
N PRO A 100 7.88 -6.32 -3.03
CA PRO A 100 7.68 -6.28 -1.57
C PRO A 100 8.35 -5.08 -0.92
N GLN A 101 9.56 -4.76 -1.37
CA GLN A 101 10.33 -3.67 -0.79
C GLN A 101 9.70 -2.34 -1.11
N ILE A 102 9.20 -2.22 -2.33
CA ILE A 102 8.53 -1.00 -2.77
C ILE A 102 7.27 -0.76 -1.93
N ILE A 103 6.47 -1.80 -1.77
CA ILE A 103 5.23 -1.69 -1.02
C ILE A 103 5.50 -1.54 0.49
N ASN A 104 6.55 -2.18 0.97
CA ASN A 104 6.89 -2.12 2.39
C ASN A 104 7.44 -0.75 2.75
N SER A 105 8.44 -0.30 1.98
CA SER A 105 9.02 1.02 2.19
C SER A 105 7.97 2.11 1.99
N LYS A 106 7.06 1.91 1.04
CA LYS A 106 6.00 2.87 0.79
C LYS A 106 5.14 3.06 2.04
N TRP A 107 4.80 1.96 2.68
CA TRP A 107 4.02 1.99 3.92
C TRP A 107 4.78 2.77 4.99
N GLU A 108 6.09 2.53 5.07
CA GLU A 108 6.93 3.17 6.07
C GLU A 108 6.97 4.68 5.85
N LYS A 109 7.01 5.10 4.59
CA LYS A 109 6.98 6.51 4.26
C LYS A 109 5.60 7.09 4.53
N VAL A 110 4.56 6.30 4.29
CA VAL A 110 3.20 6.73 4.51
C VAL A 110 2.97 7.01 5.99
N GLN A 111 3.39 6.09 6.85
CA GLN A 111 3.20 6.21 8.29
C GLN A 111 3.91 7.43 8.85
N GLN A 112 5.12 7.67 8.36
CA GLN A 112 5.95 8.76 8.87
C GLN A 112 5.47 10.13 8.38
N LEU A 113 4.75 10.15 7.28
CA LEU A 113 4.21 11.40 6.74
C LEU A 113 2.86 11.72 7.39
N VAL A 114 2.33 10.75 8.11
CA VAL A 114 1.03 10.89 8.73
C VAL A 114 1.02 11.92 9.86
N PRO A 115 1.94 11.85 10.85
CA PRO A 115 2.01 12.84 11.94
C PRO A 115 2.39 14.23 11.42
N LYS A 116 3.05 14.26 10.27
CA LYS A 116 3.42 15.53 9.65
C LYS A 116 2.18 16.24 9.12
N ARG A 117 1.36 15.49 8.37
CA ARG A 117 0.10 16.02 7.88
C ARG A 117 -0.84 16.30 9.04
N ASP A 118 -0.79 15.45 10.04
CA ASP A 118 -1.55 15.63 11.26
C ASP A 118 -1.19 16.95 11.93
N HIS A 119 0.07 17.31 11.84
CA HIS A 119 0.56 18.54 12.46
C HIS A 119 0.08 19.74 11.66
N ALA A 120 0.13 19.62 10.34
CA ALA A 120 -0.36 20.66 9.47
C ALA A 120 -1.85 20.90 9.70
N LEU A 121 -2.60 19.83 9.92
CA LEU A 121 -4.03 19.93 10.16
C LEU A 121 -4.31 20.63 11.49
N LEU A 122 -3.54 20.25 12.52
CA LEU A 122 -3.71 20.85 13.85
C LEU A 122 -3.26 22.30 13.86
N GLU A 123 -2.21 22.61 13.13
CA GLU A 123 -1.74 23.98 13.04
C GLU A 123 -2.74 24.83 12.27
N GLU A 124 -3.22 24.31 11.14
CA GLU A 124 -4.13 25.04 10.28
C GLU A 124 -5.51 25.20 10.93
N GLN A 125 -5.92 24.20 11.70
CA GLN A 125 -7.19 24.30 12.42
C GLN A 125 -7.09 25.40 13.48
N SER A 126 -5.90 25.55 14.05
CA SER A 126 -5.68 26.56 15.07
C SER A 126 -5.52 27.95 14.46
N LYS A 127 -5.41 28.01 13.13
CA LYS A 127 -5.46 29.28 12.43
C LYS A 127 -6.90 29.72 12.25
N GLN A 128 -7.81 28.79 12.49
CA GLN A 128 -9.23 29.04 12.38
C GLN A 128 -9.84 29.28 13.75
N GLN A 129 -11.14 28.99 13.87
CA GLN A 129 -11.85 29.20 15.11
C GLN A 129 -12.46 27.89 15.59
N GLY A 1 11.23 -31.49 -16.47
CA GLY A 1 9.76 -31.53 -16.63
C GLY A 1 9.04 -31.12 -15.37
N SER A 2 7.73 -30.88 -15.50
CA SER A 2 6.86 -30.54 -14.37
C SER A 2 7.20 -29.16 -13.78
N THR A 3 8.01 -28.39 -14.48
CA THR A 3 8.35 -27.04 -14.04
C THR A 3 7.23 -26.08 -14.42
N GLU A 4 6.58 -26.38 -15.54
CA GLU A 4 5.47 -25.57 -16.03
C GLU A 4 4.32 -25.53 -15.04
N LYS A 5 4.21 -26.58 -14.24
CA LYS A 5 3.11 -26.72 -13.32
C LYS A 5 3.41 -25.93 -12.06
N GLN A 6 4.66 -25.98 -11.63
CA GLN A 6 5.05 -25.32 -10.40
C GLN A 6 5.26 -23.83 -10.64
N LEU A 7 5.21 -23.44 -11.90
CA LEU A 7 5.29 -22.03 -12.23
C LEU A 7 3.91 -21.46 -12.59
N GLU A 8 3.08 -22.26 -13.25
CA GLU A 8 1.77 -21.79 -13.68
C GLU A 8 0.76 -21.84 -12.55
N ALA A 9 0.92 -22.79 -11.63
CA ALA A 9 0.00 -22.89 -10.51
C ALA A 9 0.20 -21.72 -9.57
N ILE A 10 1.44 -21.30 -9.44
CA ILE A 10 1.77 -20.17 -8.59
C ILE A 10 1.58 -18.85 -9.35
N ASP A 11 1.39 -18.95 -10.65
CA ASP A 11 1.06 -17.77 -11.46
C ASP A 11 -0.36 -17.35 -11.17
N GLN A 12 -1.18 -18.32 -10.77
CA GLN A 12 -2.54 -18.03 -10.32
C GLN A 12 -2.48 -17.28 -9.00
N LEU A 13 -1.46 -17.59 -8.20
CA LEU A 13 -1.21 -16.86 -6.97
C LEU A 13 -0.61 -15.50 -7.31
N HIS A 14 0.16 -15.46 -8.38
CA HIS A 14 0.72 -14.21 -8.89
C HIS A 14 -0.42 -13.25 -9.24
N LEU A 15 -1.50 -13.82 -9.78
CA LEU A 15 -2.71 -13.06 -10.05
C LEU A 15 -3.25 -12.41 -8.79
N GLU A 16 -3.34 -13.19 -7.71
CA GLU A 16 -3.86 -12.70 -6.44
C GLU A 16 -2.98 -11.57 -5.92
N TYR A 17 -1.68 -11.68 -6.17
CA TYR A 17 -0.77 -10.62 -5.78
C TYR A 17 -1.10 -9.36 -6.58
N ALA A 18 -1.33 -9.55 -7.87
CA ALA A 18 -1.65 -8.44 -8.75
C ALA A 18 -3.05 -7.91 -8.51
N LYS A 19 -3.87 -8.68 -7.81
CA LYS A 19 -5.23 -8.27 -7.52
C LYS A 19 -5.32 -7.55 -6.19
N ARG A 20 -4.35 -7.76 -5.31
CA ARG A 20 -4.36 -7.13 -4.00
C ARG A 20 -3.34 -6.01 -3.93
N ALA A 21 -2.19 -6.19 -4.56
CA ALA A 21 -1.17 -5.17 -4.59
C ALA A 21 -1.63 -3.96 -5.41
N ALA A 22 -2.61 -4.19 -6.28
CA ALA A 22 -3.07 -3.17 -7.20
C ALA A 22 -3.89 -2.09 -6.48
N PRO A 23 -4.99 -2.43 -5.78
CA PRO A 23 -5.77 -1.45 -5.03
C PRO A 23 -4.98 -0.90 -3.84
N PHE A 24 -4.03 -1.68 -3.38
CA PHE A 24 -3.15 -1.26 -2.31
C PHE A 24 -2.20 -0.18 -2.82
N ASN A 25 -1.68 -0.39 -4.02
CA ASN A 25 -0.81 0.58 -4.67
C ASN A 25 -1.60 1.83 -4.97
N ASN A 26 -2.86 1.64 -5.28
CA ASN A 26 -3.76 2.73 -5.60
C ASN A 26 -4.04 3.54 -4.34
N TRP A 27 -4.14 2.85 -3.21
CA TRP A 27 -4.36 3.50 -1.93
C TRP A 27 -3.11 4.25 -1.51
N MET A 28 -1.98 3.57 -1.52
CA MET A 28 -0.69 4.15 -1.12
C MET A 28 -0.41 5.45 -1.86
N GLU A 29 -0.59 5.41 -3.18
CA GLU A 29 -0.31 6.56 -4.01
C GLU A 29 -1.25 7.72 -3.71
N SER A 30 -2.54 7.41 -3.59
CA SER A 30 -3.53 8.44 -3.31
C SER A 30 -3.38 8.99 -1.89
N ALA A 31 -3.09 8.11 -0.95
CA ALA A 31 -2.93 8.52 0.44
C ALA A 31 -1.69 9.38 0.61
N MET A 32 -0.56 8.89 0.08
CA MET A 32 0.69 9.62 0.16
C MET A 32 0.54 10.99 -0.49
N GLU A 33 -0.12 11.02 -1.65
CA GLU A 33 -0.35 12.25 -2.39
C GLU A 33 -1.12 13.25 -1.54
N ASP A 34 -2.22 12.78 -0.94
CA ASP A 34 -3.07 13.63 -0.13
C ASP A 34 -2.34 14.06 1.14
N LEU A 35 -1.39 13.23 1.57
CA LEU A 35 -0.67 13.47 2.80
C LEU A 35 0.41 14.54 2.64
N GLN A 36 0.90 14.74 1.41
CA GLN A 36 1.92 15.76 1.17
C GLN A 36 1.31 17.02 0.55
N ASP A 37 0.14 16.87 -0.06
CA ASP A 37 -0.53 17.98 -0.72
C ASP A 37 -0.87 19.08 0.28
N MET A 38 -0.45 20.30 -0.02
CA MET A 38 -0.73 21.44 0.84
C MET A 38 -2.19 21.84 0.73
N PHE A 39 -2.98 21.26 1.61
CA PHE A 39 -4.42 21.51 1.67
C PHE A 39 -4.69 22.97 2.03
N ILE A 40 -5.59 23.60 1.30
CA ILE A 40 -6.01 24.96 1.63
C ILE A 40 -7.42 24.93 2.19
N VAL A 41 -7.63 25.66 3.27
CA VAL A 41 -8.93 25.71 3.90
C VAL A 41 -9.44 27.14 3.94
N HIS A 42 -10.74 27.30 3.81
CA HIS A 42 -11.36 28.63 3.83
C HIS A 42 -12.22 28.75 5.08
N THR A 43 -13.04 27.73 5.31
CA THR A 43 -13.92 27.69 6.46
C THR A 43 -13.48 26.59 7.42
N ILE A 44 -14.06 26.56 8.61
CA ILE A 44 -13.74 25.54 9.60
C ILE A 44 -14.35 24.21 9.19
N GLU A 45 -15.42 24.28 8.40
CA GLU A 45 -16.08 23.10 7.85
C GLU A 45 -15.09 22.18 7.15
N GLU A 46 -14.32 22.74 6.23
CA GLU A 46 -13.37 21.97 5.46
C GLU A 46 -12.17 21.58 6.31
N ILE A 47 -11.86 22.41 7.30
CA ILE A 47 -10.75 22.15 8.18
C ILE A 47 -11.04 20.93 9.05
N GLU A 48 -12.29 20.80 9.46
CA GLU A 48 -12.69 19.68 10.30
C GLU A 48 -12.85 18.42 9.45
N GLY A 49 -13.31 18.60 8.22
CA GLY A 49 -13.48 17.49 7.31
C GLY A 49 -12.14 16.94 6.88
N LEU A 50 -11.17 17.83 6.79
CA LEU A 50 -9.79 17.47 6.48
C LEU A 50 -9.24 16.55 7.56
N ILE A 51 -9.63 16.82 8.80
CA ILE A 51 -9.24 15.97 9.93
C ILE A 51 -9.88 14.60 9.81
N SER A 52 -11.16 14.58 9.42
CA SER A 52 -11.88 13.32 9.24
C SER A 52 -11.18 12.43 8.20
N ALA A 53 -10.45 13.06 7.30
CA ALA A 53 -9.69 12.34 6.28
C ALA A 53 -8.42 11.72 6.87
N HIS A 54 -8.26 11.88 8.18
CA HIS A 54 -7.26 11.12 8.91
C HIS A 54 -7.95 10.23 9.93
N ASP A 55 -9.17 10.62 10.31
CA ASP A 55 -9.98 9.89 11.27
C ASP A 55 -10.35 8.51 10.74
N GLN A 56 -10.82 8.45 9.50
CA GLN A 56 -11.14 7.17 8.88
C GLN A 56 -9.87 6.51 8.36
N PHE A 57 -8.83 7.31 8.22
CA PHE A 57 -7.55 6.81 7.74
C PHE A 57 -6.91 5.90 8.78
N LYS A 58 -7.00 6.31 10.04
CA LYS A 58 -6.53 5.51 11.15
C LYS A 58 -7.30 4.20 11.24
N SER A 59 -8.49 4.18 10.66
CA SER A 59 -9.31 2.98 10.70
C SER A 59 -8.94 2.05 9.56
N THR A 60 -8.53 2.63 8.44
CA THR A 60 -8.11 1.85 7.28
C THR A 60 -6.70 1.30 7.48
N LEU A 61 -5.95 1.91 8.39
CA LEU A 61 -4.55 1.53 8.60
C LEU A 61 -4.41 0.05 8.99
N PRO A 62 -5.06 -0.43 10.09
CA PRO A 62 -4.95 -1.84 10.49
C PRO A 62 -5.50 -2.79 9.43
N ASP A 63 -6.45 -2.30 8.65
CA ASP A 63 -7.06 -3.08 7.59
C ASP A 63 -6.12 -3.21 6.40
N ALA A 64 -5.52 -2.10 6.02
CA ALA A 64 -4.59 -2.07 4.90
C ALA A 64 -3.26 -2.70 5.30
N ASP A 65 -2.87 -2.54 6.56
CA ASP A 65 -1.67 -3.18 7.09
C ASP A 65 -1.83 -4.69 7.01
N ARG A 66 -3.05 -5.16 7.25
CA ARG A 66 -3.40 -6.57 7.12
C ARG A 66 -3.18 -7.03 5.68
N GLU A 67 -3.64 -6.22 4.73
CA GLU A 67 -3.49 -6.52 3.31
C GLU A 67 -2.03 -6.65 2.94
N ARG A 68 -1.20 -5.75 3.46
CA ARG A 68 0.23 -5.79 3.21
C ARG A 68 0.83 -7.12 3.65
N GLU A 69 0.49 -7.54 4.86
CA GLU A 69 0.96 -8.82 5.38
C GLU A 69 0.43 -9.97 4.53
N ALA A 70 -0.82 -9.85 4.11
CA ALA A 70 -1.49 -10.88 3.32
C ALA A 70 -0.97 -10.93 1.89
N ILE A 71 -0.27 -9.89 1.47
CA ILE A 71 0.26 -9.81 0.13
C ILE A 71 1.56 -10.60 0.08
N LEU A 72 2.35 -10.48 1.14
CA LEU A 72 3.53 -11.30 1.29
C LEU A 72 3.12 -12.73 1.57
N ALA A 73 1.91 -12.90 2.08
CA ALA A 73 1.37 -14.24 2.33
C ALA A 73 1.03 -14.91 1.01
N ILE A 74 0.59 -14.11 0.04
CA ILE A 74 0.30 -14.61 -1.30
C ILE A 74 1.60 -14.96 -2.01
N HIS A 75 2.58 -14.06 -1.92
CA HIS A 75 3.87 -14.26 -2.56
C HIS A 75 4.66 -15.37 -1.87
N LYS A 76 4.22 -15.78 -0.69
CA LYS A 76 4.89 -16.84 0.04
C LYS A 76 4.96 -18.11 -0.79
N GLU A 77 3.83 -18.50 -1.36
CA GLU A 77 3.77 -19.71 -2.16
C GLU A 77 4.22 -19.39 -3.59
N ALA A 78 4.02 -18.15 -3.99
CA ALA A 78 4.33 -17.71 -5.34
C ALA A 78 5.79 -17.29 -5.49
N GLN A 79 6.55 -17.37 -4.40
CA GLN A 79 7.97 -17.04 -4.46
C GLN A 79 8.83 -18.20 -3.99
N ARG A 80 8.38 -18.88 -2.95
CA ARG A 80 9.16 -19.94 -2.33
C ARG A 80 9.49 -21.05 -3.32
N ILE A 81 8.62 -21.25 -4.30
CA ILE A 81 8.84 -22.29 -5.30
C ILE A 81 10.06 -21.97 -6.17
N ALA A 82 10.32 -20.69 -6.35
CA ALA A 82 11.45 -20.25 -7.15
C ALA A 82 12.69 -20.19 -6.29
N GLU A 83 12.48 -19.90 -5.01
CA GLU A 83 13.55 -19.80 -4.05
C GLU A 83 14.07 -21.19 -3.67
N SER A 84 13.21 -22.20 -3.76
CA SER A 84 13.61 -23.57 -3.52
C SER A 84 14.32 -24.15 -4.74
N ASN A 85 14.04 -23.56 -5.91
CA ASN A 85 14.68 -23.97 -7.14
C ASN A 85 15.82 -23.01 -7.45
N HIS A 86 16.16 -22.93 -8.72
CA HIS A 86 17.09 -21.92 -9.19
C HIS A 86 16.64 -21.40 -10.54
N ILE A 87 15.32 -21.24 -10.65
CA ILE A 87 14.70 -20.88 -11.91
C ILE A 87 14.84 -19.38 -12.18
N LYS A 88 14.47 -18.98 -13.37
CA LYS A 88 14.63 -17.60 -13.80
C LYS A 88 13.27 -16.98 -14.12
N LEU A 89 12.57 -16.56 -13.08
CA LEU A 89 11.26 -15.92 -13.24
C LEU A 89 11.41 -14.50 -13.78
N SER A 90 12.60 -13.93 -13.57
CA SER A 90 12.91 -12.56 -14.00
C SER A 90 11.98 -11.55 -13.31
N GLY A 91 11.94 -11.62 -11.98
CA GLY A 91 11.08 -10.72 -11.23
C GLY A 91 10.33 -11.42 -10.13
N SER A 92 9.61 -10.66 -9.33
CA SER A 92 8.82 -11.21 -8.25
C SER A 92 7.43 -11.59 -8.73
N ASN A 93 6.99 -10.91 -9.79
CA ASN A 93 5.65 -11.10 -10.34
C ASN A 93 5.58 -10.52 -11.74
N PRO A 94 5.07 -11.30 -12.70
CA PRO A 94 4.95 -10.89 -14.11
C PRO A 94 3.80 -9.92 -14.35
N TYR A 95 2.73 -10.10 -13.59
CA TYR A 95 1.54 -9.30 -13.77
C TYR A 95 1.69 -7.98 -13.05
N THR A 96 2.20 -8.05 -11.83
CA THR A 96 2.48 -6.85 -11.07
C THR A 96 3.90 -6.88 -10.48
N THR A 97 4.81 -6.14 -11.07
CA THR A 97 6.19 -6.17 -10.59
C THR A 97 6.38 -5.25 -9.39
N VAL A 98 5.85 -5.69 -8.26
CA VAL A 98 5.99 -4.97 -7.01
C VAL A 98 6.67 -5.87 -5.98
N THR A 99 7.84 -5.46 -5.53
CA THR A 99 8.60 -6.24 -4.59
C THR A 99 8.01 -6.09 -3.19
N PRO A 100 8.29 -7.06 -2.30
CA PRO A 100 7.87 -6.97 -0.90
C PRO A 100 8.44 -5.73 -0.23
N GLN A 101 9.53 -5.23 -0.80
CA GLN A 101 10.23 -4.08 -0.26
C GLN A 101 9.53 -2.79 -0.69
N ILE A 102 9.08 -2.76 -1.94
CA ILE A 102 8.33 -1.62 -2.44
C ILE A 102 7.07 -1.41 -1.60
N ILE A 103 6.30 -2.48 -1.44
CA ILE A 103 5.06 -2.43 -0.70
C ILE A 103 5.28 -2.10 0.78
N ASN A 104 6.39 -2.57 1.34
CA ASN A 104 6.68 -2.34 2.75
C ASN A 104 7.23 -0.94 2.97
N SER A 105 8.22 -0.56 2.18
CA SER A 105 8.80 0.78 2.29
C SER A 105 7.77 1.87 1.98
N LYS A 106 6.86 1.57 1.04
CA LYS A 106 5.79 2.52 0.71
C LYS A 106 4.87 2.72 1.90
N TRP A 107 4.54 1.63 2.57
CA TRP A 107 3.75 1.69 3.79
C TRP A 107 4.48 2.51 4.84
N GLU A 108 5.77 2.25 4.98
CA GLU A 108 6.60 2.94 5.96
C GLU A 108 6.57 4.45 5.70
N LYS A 109 6.66 4.82 4.42
CA LYS A 109 6.62 6.22 4.02
C LYS A 109 5.25 6.82 4.29
N VAL A 110 4.20 6.03 4.08
CA VAL A 110 2.84 6.50 4.30
C VAL A 110 2.62 6.83 5.77
N GLN A 111 3.01 5.91 6.66
CA GLN A 111 2.84 6.11 8.09
C GLN A 111 3.59 7.35 8.57
N GLN A 112 4.81 7.51 8.09
CA GLN A 112 5.68 8.61 8.54
C GLN A 112 5.24 9.96 7.99
N LEU A 113 4.32 9.95 7.02
CA LEU A 113 3.79 11.20 6.47
C LEU A 113 2.46 11.53 7.14
N VAL A 114 1.96 10.59 7.93
CA VAL A 114 0.68 10.73 8.58
C VAL A 114 0.71 11.80 9.67
N PRO A 115 1.64 11.72 10.66
CA PRO A 115 1.75 12.72 11.72
C PRO A 115 2.20 14.08 11.17
N LYS A 116 2.88 14.04 10.03
CA LYS A 116 3.30 15.26 9.35
C LYS A 116 2.08 16.03 8.86
N ARG A 117 1.18 15.31 8.19
CA ARG A 117 -0.07 15.91 7.73
C ARG A 117 -0.94 16.31 8.92
N ASP A 118 -0.93 15.48 9.95
CA ASP A 118 -1.69 15.77 11.17
C ASP A 118 -1.18 17.04 11.83
N HIS A 119 0.11 17.31 11.63
CA HIS A 119 0.74 18.50 12.21
C HIS A 119 0.31 19.74 11.43
N ALA A 120 0.28 19.60 10.12
CA ALA A 120 -0.16 20.68 9.26
C ALA A 120 -1.63 21.00 9.49
N LEU A 121 -2.42 19.95 9.73
CA LEU A 121 -3.85 20.11 9.99
C LEU A 121 -4.06 20.87 11.29
N LEU A 122 -3.28 20.54 12.31
CA LEU A 122 -3.37 21.19 13.60
C LEU A 122 -3.06 22.67 13.48
N GLU A 123 -2.03 23.00 12.72
CA GLU A 123 -1.65 24.38 12.51
C GLU A 123 -2.77 25.14 11.83
N GLU A 124 -3.31 24.56 10.78
CA GLU A 124 -4.35 25.20 9.98
C GLU A 124 -5.65 25.33 10.76
N GLN A 125 -5.99 24.31 11.53
CA GLN A 125 -7.21 24.33 12.33
C GLN A 125 -7.07 25.30 13.49
N SER A 126 -5.83 25.55 13.91
CA SER A 126 -5.57 26.49 14.99
C SER A 126 -5.64 27.93 14.47
N LYS A 127 -5.55 28.08 13.15
CA LYS A 127 -5.67 29.39 12.52
C LYS A 127 -7.13 29.76 12.35
N GLN A 128 -8.01 28.79 12.59
CA GLN A 128 -9.43 28.99 12.48
C GLN A 128 -10.07 29.11 13.86
N GLN A 129 -11.23 28.49 14.03
CA GLN A 129 -11.94 28.53 15.29
C GLN A 129 -12.50 27.14 15.60
N GLY A 1 7.73 -31.58 -17.45
CA GLY A 1 8.58 -32.20 -16.40
C GLY A 1 7.87 -32.33 -15.07
N SER A 2 7.75 -31.20 -14.37
CA SER A 2 7.13 -31.13 -13.05
C SER A 2 7.14 -29.70 -12.55
N THR A 3 8.26 -29.02 -12.80
CA THR A 3 8.47 -27.66 -12.33
C THR A 3 7.38 -26.71 -12.84
N GLU A 4 7.05 -26.84 -14.12
CA GLU A 4 6.11 -25.94 -14.78
C GLU A 4 4.74 -25.94 -14.10
N LYS A 5 4.40 -27.05 -13.48
CA LYS A 5 3.09 -27.19 -12.84
C LYS A 5 3.15 -26.58 -11.45
N GLN A 6 4.34 -26.58 -10.86
CA GLN A 6 4.56 -25.92 -9.59
C GLN A 6 4.56 -24.42 -9.81
N LEU A 7 5.10 -24.01 -10.94
CA LEU A 7 5.20 -22.59 -11.27
C LEU A 7 3.84 -22.03 -11.65
N GLU A 8 3.10 -22.79 -12.44
CA GLU A 8 1.81 -22.32 -12.91
C GLU A 8 0.74 -22.45 -11.85
N ALA A 9 0.96 -23.35 -10.88
CA ALA A 9 0.06 -23.48 -9.75
C ALA A 9 0.17 -22.25 -8.87
N ILE A 10 1.38 -21.78 -8.71
CA ILE A 10 1.62 -20.59 -7.90
C ILE A 10 1.42 -19.33 -8.73
N ASP A 11 1.34 -19.50 -10.04
CA ASP A 11 1.02 -18.41 -10.95
C ASP A 11 -0.44 -18.01 -10.76
N GLN A 12 -1.25 -18.97 -10.32
CA GLN A 12 -2.65 -18.72 -10.03
C GLN A 12 -2.77 -17.80 -8.81
N LEU A 13 -1.85 -17.94 -7.86
CA LEU A 13 -1.80 -17.05 -6.71
C LEU A 13 -1.12 -15.75 -7.11
N HIS A 14 -0.27 -15.82 -8.14
CA HIS A 14 0.38 -14.63 -8.68
C HIS A 14 -0.67 -13.62 -9.14
N LEU A 15 -1.79 -14.15 -9.62
CA LEU A 15 -2.92 -13.32 -10.01
C LEU A 15 -3.47 -12.55 -8.81
N GLU A 16 -3.54 -13.23 -7.67
CA GLU A 16 -4.04 -12.61 -6.46
C GLU A 16 -3.16 -11.46 -6.02
N TYR A 17 -1.86 -11.58 -6.27
CA TYR A 17 -0.93 -10.50 -5.96
C TYR A 17 -1.24 -9.32 -6.86
N ALA A 18 -1.50 -9.60 -8.13
CA ALA A 18 -1.78 -8.56 -9.11
C ALA A 18 -3.18 -7.98 -8.93
N LYS A 19 -4.04 -8.72 -8.24
CA LYS A 19 -5.41 -8.26 -8.00
C LYS A 19 -5.53 -7.55 -6.67
N ARG A 20 -4.54 -7.72 -5.80
CA ARG A 20 -4.56 -7.10 -4.48
C ARG A 20 -3.58 -5.95 -4.38
N ALA A 21 -2.39 -6.13 -4.96
CA ALA A 21 -1.39 -5.09 -4.95
C ALA A 21 -1.83 -3.92 -5.83
N ALA A 22 -2.76 -4.17 -6.73
CA ALA A 22 -3.22 -3.16 -7.67
C ALA A 22 -4.02 -2.06 -6.96
N PRO A 23 -5.13 -2.38 -6.26
CA PRO A 23 -5.89 -1.39 -5.50
C PRO A 23 -5.08 -0.84 -4.32
N PHE A 24 -4.16 -1.65 -3.83
CA PHE A 24 -3.29 -1.24 -2.75
C PHE A 24 -2.32 -0.16 -3.21
N ASN A 25 -1.79 -0.34 -4.42
CA ASN A 25 -0.87 0.63 -4.99
C ASN A 25 -1.61 1.90 -5.34
N ASN A 26 -2.89 1.74 -5.65
CA ASN A 26 -3.74 2.87 -5.98
C ASN A 26 -4.05 3.67 -4.73
N TRP A 27 -4.24 2.95 -3.63
CA TRP A 27 -4.48 3.58 -2.33
C TRP A 27 -3.23 4.32 -1.87
N MET A 28 -2.10 3.62 -1.90
CA MET A 28 -0.83 4.18 -1.43
C MET A 28 -0.49 5.45 -2.20
N GLU A 29 -0.74 5.43 -3.50
CA GLU A 29 -0.47 6.58 -4.35
C GLU A 29 -1.34 7.77 -3.97
N SER A 30 -2.64 7.53 -3.83
CA SER A 30 -3.58 8.59 -3.48
C SER A 30 -3.34 9.08 -2.05
N ALA A 31 -3.05 8.16 -1.14
CA ALA A 31 -2.82 8.52 0.26
C ALA A 31 -1.54 9.34 0.40
N MET A 32 -0.46 8.83 -0.17
CA MET A 32 0.82 9.52 -0.14
C MET A 32 0.73 10.85 -0.89
N GLU A 33 -0.18 10.92 -1.85
CA GLU A 33 -0.39 12.13 -2.62
C GLU A 33 -0.93 13.23 -1.72
N ASP A 34 -1.90 12.88 -0.89
CA ASP A 34 -2.46 13.81 0.07
C ASP A 34 -1.43 14.09 1.15
N LEU A 35 -0.84 13.03 1.67
CA LEU A 35 0.06 13.14 2.80
C LEU A 35 1.30 13.99 2.46
N GLN A 36 1.67 13.99 1.18
CA GLN A 36 2.79 14.78 0.69
C GLN A 36 2.39 16.24 0.51
N ASP A 37 1.15 16.46 0.11
CA ASP A 37 0.67 17.79 -0.25
C ASP A 37 0.17 18.56 0.96
N MET A 38 0.28 19.88 0.89
CA MET A 38 -0.21 20.73 1.96
C MET A 38 -1.66 21.12 1.69
N PHE A 39 -2.52 20.77 2.63
CA PHE A 39 -3.94 21.02 2.49
C PHE A 39 -4.25 22.52 2.61
N ILE A 40 -5.10 23.00 1.73
CA ILE A 40 -5.57 24.36 1.81
C ILE A 40 -7.04 24.38 2.23
N VAL A 41 -7.36 25.24 3.18
CA VAL A 41 -8.72 25.35 3.67
C VAL A 41 -9.20 26.79 3.60
N HIS A 42 -10.50 26.97 3.43
CA HIS A 42 -11.09 28.30 3.41
C HIS A 42 -11.98 28.48 4.62
N THR A 43 -12.84 27.50 4.86
CA THR A 43 -13.73 27.51 6.01
C THR A 43 -13.30 26.45 7.02
N ILE A 44 -13.87 26.50 8.21
CA ILE A 44 -13.57 25.52 9.24
C ILE A 44 -14.16 24.16 8.88
N GLU A 45 -15.29 24.20 8.19
CA GLU A 45 -15.96 23.01 7.70
C GLU A 45 -15.00 22.11 6.92
N GLU A 46 -14.17 22.73 6.09
CA GLU A 46 -13.17 22.00 5.32
C GLU A 46 -12.08 21.45 6.23
N ILE A 47 -11.76 22.20 7.27
CA ILE A 47 -10.78 21.76 8.24
C ILE A 47 -11.31 20.52 8.95
N GLU A 48 -12.61 20.53 9.25
CA GLU A 48 -13.27 19.41 9.90
C GLU A 48 -13.22 18.19 9.00
N GLY A 49 -13.33 18.43 7.70
CA GLY A 49 -13.28 17.35 6.74
C GLY A 49 -11.88 16.84 6.57
N LEU A 50 -10.94 17.77 6.56
CA LEU A 50 -9.52 17.45 6.50
C LEU A 50 -9.13 16.52 7.64
N ILE A 51 -9.57 16.85 8.84
CA ILE A 51 -9.28 16.02 10.01
C ILE A 51 -9.92 14.64 9.84
N SER A 52 -11.20 14.63 9.47
CA SER A 52 -11.95 13.41 9.30
C SER A 52 -11.30 12.49 8.26
N ALA A 53 -10.79 13.08 7.18
CA ALA A 53 -10.14 12.31 6.13
C ALA A 53 -8.91 11.59 6.66
N HIS A 54 -8.15 12.25 7.53
CA HIS A 54 -6.99 11.63 8.14
C HIS A 54 -7.41 10.68 9.24
N ASP A 55 -8.52 10.99 9.89
CA ASP A 55 -9.04 10.16 10.98
C ASP A 55 -9.48 8.80 10.45
N GLN A 56 -10.32 8.81 9.43
CA GLN A 56 -10.80 7.56 8.83
C GLN A 56 -9.65 6.86 8.11
N PHE A 57 -8.63 7.63 7.78
CA PHE A 57 -7.42 7.08 7.17
C PHE A 57 -6.70 6.21 8.20
N LYS A 58 -6.67 6.66 9.45
CA LYS A 58 -6.07 5.91 10.54
C LYS A 58 -6.85 4.64 10.80
N SER A 59 -8.07 4.59 10.30
CA SER A 59 -8.92 3.41 10.45
C SER A 59 -8.71 2.48 9.26
N THR A 60 -8.40 3.05 8.11
CA THR A 60 -8.10 2.29 6.92
C THR A 60 -6.70 1.66 7.03
N LEU A 61 -5.85 2.29 7.85
CA LEU A 61 -4.47 1.82 8.04
C LEU A 61 -4.42 0.36 8.50
N PRO A 62 -5.06 0.00 9.64
CA PRO A 62 -5.04 -1.39 10.13
C PRO A 62 -5.57 -2.37 9.08
N ASP A 63 -6.54 -1.92 8.29
CA ASP A 63 -7.12 -2.74 7.25
C ASP A 63 -6.09 -3.00 6.15
N ALA A 64 -5.52 -1.93 5.63
CA ALA A 64 -4.53 -2.02 4.56
C ALA A 64 -3.21 -2.62 5.08
N ASP A 65 -2.95 -2.44 6.37
CA ASP A 65 -1.76 -3.01 7.00
C ASP A 65 -1.88 -4.53 7.08
N ARG A 66 -3.12 -5.02 7.15
CA ARG A 66 -3.35 -6.45 7.09
C ARG A 66 -3.28 -6.93 5.65
N GLU A 67 -3.61 -6.04 4.72
CA GLU A 67 -3.57 -6.35 3.30
C GLU A 67 -2.14 -6.53 2.81
N ARG A 68 -1.22 -5.66 3.24
CA ARG A 68 0.18 -5.79 2.85
C ARG A 68 0.74 -7.14 3.32
N GLU A 69 0.27 -7.59 4.48
CA GLU A 69 0.70 -8.87 5.02
C GLU A 69 0.05 -10.01 4.25
N ALA A 70 -1.21 -9.82 3.87
CA ALA A 70 -1.94 -10.81 3.09
C ALA A 70 -1.39 -10.90 1.67
N ILE A 71 -0.74 -9.83 1.25
CA ILE A 71 -0.15 -9.75 -0.09
C ILE A 71 1.20 -10.43 -0.06
N LEU A 72 1.91 -10.23 1.04
CA LEU A 72 3.17 -10.90 1.27
C LEU A 72 2.91 -12.38 1.52
N ALA A 73 1.71 -12.67 2.03
CA ALA A 73 1.30 -14.04 2.28
C ALA A 73 1.11 -14.80 0.97
N ILE A 74 0.59 -14.10 -0.04
CA ILE A 74 0.46 -14.67 -1.37
C ILE A 74 1.83 -14.93 -1.96
N HIS A 75 2.70 -13.94 -1.86
CA HIS A 75 4.07 -14.03 -2.37
C HIS A 75 4.88 -15.03 -1.56
N LYS A 76 4.40 -15.40 -0.39
CA LYS A 76 5.14 -16.31 0.47
C LYS A 76 5.18 -17.70 -0.15
N GLU A 77 4.10 -18.11 -0.79
CA GLU A 77 4.05 -19.40 -1.46
C GLU A 77 4.46 -19.24 -2.92
N ALA A 78 4.19 -18.06 -3.45
CA ALA A 78 4.39 -17.80 -4.86
C ALA A 78 5.76 -17.21 -5.17
N GLN A 79 6.58 -17.01 -4.15
CA GLN A 79 7.94 -16.51 -4.37
C GLN A 79 8.96 -17.51 -3.86
N ARG A 80 8.72 -18.05 -2.68
CA ARG A 80 9.67 -18.94 -2.02
C ARG A 80 10.03 -20.13 -2.90
N ILE A 81 9.09 -20.52 -3.75
CA ILE A 81 9.32 -21.62 -4.68
C ILE A 81 10.44 -21.27 -5.67
N ALA A 82 10.53 -19.99 -6.02
CA ALA A 82 11.54 -19.52 -6.95
C ALA A 82 12.82 -19.17 -6.20
N GLU A 83 12.73 -19.19 -4.88
CA GLU A 83 13.87 -18.93 -4.02
C GLU A 83 14.49 -20.25 -3.56
N SER A 84 13.76 -21.34 -3.75
CA SER A 84 14.25 -22.66 -3.38
C SER A 84 15.13 -23.24 -4.49
N ASN A 85 14.86 -22.82 -5.73
CA ASN A 85 15.64 -23.27 -6.87
C ASN A 85 16.08 -22.04 -7.64
N HIS A 86 16.94 -22.23 -8.62
CA HIS A 86 17.29 -21.13 -9.51
C HIS A 86 16.21 -21.01 -10.58
N ILE A 87 14.98 -20.86 -10.10
CA ILE A 87 13.82 -20.85 -10.96
C ILE A 87 13.42 -19.42 -11.30
N LYS A 88 13.22 -19.17 -12.59
CA LYS A 88 12.88 -17.85 -13.08
C LYS A 88 11.70 -17.94 -14.03
N LEU A 89 10.50 -17.79 -13.48
CA LEU A 89 9.27 -17.84 -14.27
C LEU A 89 9.34 -16.86 -15.43
N SER A 90 9.60 -15.60 -15.10
CA SER A 90 9.75 -14.55 -16.09
C SER A 90 10.69 -13.48 -15.55
N GLY A 91 10.47 -13.15 -14.29
CA GLY A 91 11.31 -12.20 -13.59
C GLY A 91 10.90 -12.11 -12.14
N SER A 92 11.15 -10.97 -11.52
CA SER A 92 10.76 -10.74 -10.14
C SER A 92 9.24 -10.68 -10.01
N ASN A 93 8.59 -10.15 -11.02
CA ASN A 93 7.15 -10.02 -11.04
C ASN A 93 6.60 -10.31 -12.43
N PRO A 94 5.67 -11.27 -12.55
CA PRO A 94 5.15 -11.70 -13.84
C PRO A 94 3.96 -10.87 -14.33
N TYR A 95 2.96 -10.67 -13.47
CA TYR A 95 1.72 -10.02 -13.87
C TYR A 95 1.72 -8.56 -13.48
N THR A 96 1.84 -8.29 -12.18
CA THR A 96 1.89 -6.93 -11.69
C THR A 96 3.33 -6.50 -11.48
N THR A 97 3.63 -5.23 -11.69
CA THR A 97 5.00 -4.75 -11.60
C THR A 97 5.30 -4.16 -10.24
N VAL A 98 5.17 -4.98 -9.23
CA VAL A 98 5.43 -4.58 -7.86
C VAL A 98 6.27 -5.62 -7.15
N THR A 99 7.01 -5.18 -6.16
CA THR A 99 7.74 -6.08 -5.28
C THR A 99 7.33 -5.83 -3.85
N PRO A 100 7.69 -6.74 -2.93
CA PRO A 100 7.47 -6.52 -1.49
C PRO A 100 8.16 -5.25 -1.01
N GLN A 101 9.19 -4.82 -1.72
CA GLN A 101 9.95 -3.64 -1.36
C GLN A 101 9.21 -2.39 -1.81
N ILE A 102 8.75 -2.39 -3.05
CA ILE A 102 7.99 -1.28 -3.60
C ILE A 102 6.74 -1.03 -2.75
N ILE A 103 6.05 -2.10 -2.38
CA ILE A 103 4.85 -2.01 -1.58
C ILE A 103 5.17 -1.56 -0.14
N ASN A 104 6.31 -1.99 0.38
CA ASN A 104 6.68 -1.68 1.75
C ASN A 104 7.21 -0.26 1.86
N SER A 105 8.13 0.11 0.97
CA SER A 105 8.71 1.45 0.97
C SER A 105 7.62 2.52 0.87
N LYS A 106 6.61 2.25 0.04
CA LYS A 106 5.50 3.17 -0.12
C LYS A 106 4.67 3.26 1.15
N TRP A 107 4.34 2.10 1.72
CA TRP A 107 3.60 2.06 2.98
C TRP A 107 4.36 2.80 4.07
N GLU A 108 5.67 2.61 4.10
CA GLU A 108 6.54 3.23 5.08
C GLU A 108 6.48 4.75 4.94
N LYS A 109 6.58 5.23 3.70
CA LYS A 109 6.52 6.66 3.42
C LYS A 109 5.18 7.22 3.83
N VAL A 110 4.13 6.45 3.62
CA VAL A 110 2.79 6.85 4.00
C VAL A 110 2.71 7.03 5.52
N GLN A 111 3.20 6.03 6.26
CA GLN A 111 3.13 6.04 7.73
C GLN A 111 3.88 7.23 8.31
N GLN A 112 5.05 7.51 7.78
CA GLN A 112 5.92 8.55 8.33
C GLN A 112 5.40 9.96 8.02
N LEU A 113 4.58 10.09 6.99
CA LEU A 113 4.03 11.40 6.63
C LEU A 113 2.74 11.65 7.39
N VAL A 114 2.24 10.61 8.04
CA VAL A 114 0.97 10.67 8.73
C VAL A 114 1.00 11.59 9.96
N PRO A 115 1.96 11.41 10.90
CA PRO A 115 2.07 12.28 12.09
C PRO A 115 2.31 13.73 11.71
N LYS A 116 3.08 13.96 10.65
CA LYS A 116 3.37 15.31 10.19
C LYS A 116 2.09 16.01 9.77
N ARG A 117 1.28 15.32 8.97
CA ARG A 117 0.00 15.85 8.54
C ARG A 117 -0.94 16.02 9.72
N ASP A 118 -0.87 15.09 10.66
CA ASP A 118 -1.70 15.17 11.86
C ASP A 118 -1.33 16.40 12.67
N HIS A 119 -0.06 16.80 12.59
CA HIS A 119 0.41 17.97 13.30
C HIS A 119 -0.01 19.24 12.56
N ALA A 120 0.17 19.22 11.25
CA ALA A 120 -0.22 20.34 10.40
C ALA A 120 -1.71 20.60 10.53
N LEU A 121 -2.50 19.53 10.59
CA LEU A 121 -3.94 19.64 10.72
C LEU A 121 -4.32 20.33 12.01
N LEU A 122 -3.73 19.87 13.12
CA LEU A 122 -3.99 20.46 14.42
C LEU A 122 -3.55 21.91 14.47
N GLU A 123 -2.36 22.18 13.94
CA GLU A 123 -1.81 23.53 13.94
C GLU A 123 -2.72 24.49 13.17
N GLU A 124 -3.24 24.05 12.03
CA GLU A 124 -4.08 24.88 11.20
C GLU A 124 -5.50 24.96 11.75
N GLN A 125 -5.99 23.87 12.32
CA GLN A 125 -7.34 23.84 12.85
C GLN A 125 -7.44 24.70 14.11
N SER A 126 -6.32 24.88 14.80
CA SER A 126 -6.28 25.74 15.98
C SER A 126 -6.34 27.21 15.58
N LYS A 127 -6.19 27.49 14.29
CA LYS A 127 -6.29 28.84 13.78
C LYS A 127 -7.71 29.12 13.30
N GLN A 128 -8.54 28.09 13.33
CA GLN A 128 -9.93 28.23 12.94
C GLN A 128 -10.78 28.61 14.14
N GLN A 129 -11.85 27.87 14.36
CA GLN A 129 -12.74 28.14 15.48
C GLN A 129 -12.58 27.08 16.56
N GLY A 1 10.21 -32.78 -15.57
CA GLY A 1 9.01 -31.91 -15.75
C GLY A 1 8.39 -31.53 -14.42
N SER A 2 7.10 -31.15 -14.47
CA SER A 2 6.32 -30.78 -13.28
C SER A 2 6.70 -29.41 -12.73
N THR A 3 7.99 -29.10 -12.71
CA THR A 3 8.48 -27.84 -12.16
C THR A 3 7.89 -26.64 -12.92
N GLU A 4 7.66 -26.80 -14.21
CA GLU A 4 7.11 -25.73 -15.04
C GLU A 4 5.62 -25.58 -14.77
N LYS A 5 5.05 -26.54 -14.08
CA LYS A 5 3.64 -26.49 -13.72
C LYS A 5 3.51 -26.00 -12.30
N GLN A 6 4.57 -26.21 -11.55
CA GLN A 6 4.69 -25.64 -10.22
C GLN A 6 4.79 -24.13 -10.34
N LEU A 7 5.64 -23.68 -11.26
CA LEU A 7 5.88 -22.24 -11.43
C LEU A 7 4.68 -21.59 -12.10
N GLU A 8 3.99 -22.32 -12.96
CA GLU A 8 2.80 -21.80 -13.62
C GLU A 8 1.63 -21.79 -12.64
N ALA A 9 1.64 -22.70 -11.68
CA ALA A 9 0.61 -22.76 -10.66
C ALA A 9 0.79 -21.59 -9.69
N ILE A 10 2.03 -21.31 -9.34
CA ILE A 10 2.32 -20.21 -8.45
C ILE A 10 2.26 -18.88 -9.21
N ASP A 11 2.18 -18.96 -10.53
CA ASP A 11 1.93 -17.78 -11.37
C ASP A 11 0.49 -17.34 -11.17
N GLN A 12 -0.36 -18.29 -10.81
CA GLN A 12 -1.74 -17.98 -10.49
C GLN A 12 -1.80 -17.29 -9.13
N LEU A 13 -0.82 -17.58 -8.29
CA LEU A 13 -0.65 -16.85 -7.04
C LEU A 13 -0.12 -15.46 -7.37
N HIS A 14 0.75 -15.39 -8.39
CA HIS A 14 1.26 -14.11 -8.87
C HIS A 14 0.10 -13.24 -9.33
N LEU A 15 -0.88 -13.87 -9.96
CA LEU A 15 -2.11 -13.22 -10.35
C LEU A 15 -2.81 -12.63 -9.13
N GLU A 16 -2.92 -13.43 -8.08
CA GLU A 16 -3.60 -13.01 -6.87
C GLU A 16 -2.84 -11.89 -6.18
N TYR A 17 -1.53 -11.90 -6.32
CA TYR A 17 -0.71 -10.84 -5.76
C TYR A 17 -0.93 -9.57 -6.57
N ALA A 18 -0.93 -9.72 -7.90
CA ALA A 18 -1.12 -8.59 -8.79
C ALA A 18 -2.55 -8.08 -8.74
N LYS A 19 -3.47 -8.95 -8.34
CA LYS A 19 -4.88 -8.58 -8.22
C LYS A 19 -5.10 -7.81 -6.92
N ARG A 20 -4.37 -8.19 -5.88
CA ARG A 20 -4.51 -7.57 -4.57
C ARG A 20 -3.63 -6.33 -4.45
N ALA A 21 -2.44 -6.39 -5.00
CA ALA A 21 -1.53 -5.26 -4.96
C ALA A 21 -2.04 -4.11 -5.81
N ALA A 22 -2.95 -4.43 -6.73
CA ALA A 22 -3.48 -3.42 -7.66
C ALA A 22 -4.28 -2.34 -6.92
N PRO A 23 -5.37 -2.69 -6.20
CA PRO A 23 -6.14 -1.69 -5.45
C PRO A 23 -5.39 -1.17 -4.24
N PHE A 24 -4.51 -1.99 -3.71
CA PHE A 24 -3.68 -1.60 -2.57
C PHE A 24 -2.75 -0.47 -2.97
N ASN A 25 -2.13 -0.62 -4.14
CA ASN A 25 -1.20 0.38 -4.64
C ASN A 25 -1.97 1.63 -5.06
N ASN A 26 -3.21 1.42 -5.46
CA ASN A 26 -4.08 2.53 -5.87
C ASN A 26 -4.37 3.40 -4.66
N TRP A 27 -4.60 2.75 -3.53
CA TRP A 27 -4.80 3.41 -2.26
C TRP A 27 -3.52 4.13 -1.84
N MET A 28 -2.40 3.41 -1.91
CA MET A 28 -1.10 3.96 -1.57
C MET A 28 -0.72 5.11 -2.50
N GLU A 29 -1.40 5.22 -3.63
CA GLU A 29 -1.18 6.33 -4.55
C GLU A 29 -2.02 7.54 -4.14
N SER A 30 -3.34 7.39 -4.22
CA SER A 30 -4.25 8.51 -4.01
C SER A 30 -4.13 9.10 -2.60
N ALA A 31 -4.05 8.24 -1.60
CA ALA A 31 -3.95 8.70 -0.21
C ALA A 31 -2.63 9.40 0.04
N MET A 32 -1.54 8.80 -0.43
CA MET A 32 -0.21 9.36 -0.23
C MET A 32 -0.07 10.69 -0.97
N GLU A 33 -0.70 10.78 -2.13
CA GLU A 33 -0.65 11.97 -2.94
C GLU A 33 -1.39 13.12 -2.26
N ASP A 34 -2.49 12.78 -1.60
CA ASP A 34 -3.29 13.79 -0.90
C ASP A 34 -2.64 14.16 0.42
N LEU A 35 -2.02 13.16 1.05
CA LEU A 35 -1.37 13.35 2.34
C LEU A 35 -0.13 14.22 2.19
N GLN A 36 0.60 14.01 1.10
CA GLN A 36 1.83 14.74 0.84
C GLN A 36 1.56 16.20 0.50
N ASP A 37 0.50 16.44 -0.27
CA ASP A 37 0.23 17.77 -0.79
C ASP A 37 -0.26 18.70 0.29
N MET A 38 0.15 19.96 0.20
CA MET A 38 -0.29 20.97 1.15
C MET A 38 -1.77 21.28 0.93
N PHE A 39 -2.52 21.21 2.00
CA PHE A 39 -3.96 21.45 1.94
C PHE A 39 -4.25 22.94 2.06
N ILE A 40 -5.12 23.43 1.21
CA ILE A 40 -5.54 24.82 1.30
C ILE A 40 -6.93 24.92 1.90
N VAL A 41 -7.05 25.73 2.94
CA VAL A 41 -8.31 25.89 3.63
C VAL A 41 -8.68 27.37 3.71
N HIS A 42 -9.96 27.64 3.71
CA HIS A 42 -10.47 29.01 3.81
C HIS A 42 -11.43 29.13 4.98
N THR A 43 -12.25 28.11 5.15
CA THR A 43 -13.27 28.10 6.18
C THR A 43 -12.96 27.03 7.22
N ILE A 44 -13.65 27.10 8.35
CA ILE A 44 -13.46 26.14 9.42
C ILE A 44 -13.88 24.74 8.98
N GLU A 45 -14.98 24.67 8.24
CA GLU A 45 -15.54 23.41 7.79
C GLU A 45 -14.54 22.59 6.97
N GLU A 46 -13.75 23.26 6.13
CA GLU A 46 -12.74 22.58 5.33
C GLU A 46 -11.71 21.93 6.22
N ILE A 47 -11.14 22.70 7.14
CA ILE A 47 -10.12 22.19 8.02
C ILE A 47 -10.72 21.17 8.98
N GLU A 48 -12.00 21.35 9.28
CA GLU A 48 -12.71 20.45 10.18
C GLU A 48 -12.93 19.12 9.50
N GLY A 49 -13.02 19.16 8.18
CA GLY A 49 -13.17 17.95 7.40
C GLY A 49 -11.83 17.32 7.11
N LEU A 50 -10.85 18.18 6.90
CA LEU A 50 -9.46 17.77 6.77
C LEU A 50 -9.04 16.84 7.91
N ILE A 51 -9.40 17.20 9.13
CA ILE A 51 -9.08 16.37 10.30
C ILE A 51 -9.82 15.04 10.26
N SER A 52 -11.07 15.06 9.78
CA SER A 52 -11.88 13.85 9.69
C SER A 52 -11.25 12.85 8.71
N ALA A 53 -10.57 13.37 7.69
CA ALA A 53 -9.87 12.54 6.73
C ALA A 53 -8.72 11.80 7.38
N HIS A 54 -8.22 12.34 8.48
CA HIS A 54 -7.15 11.69 9.23
C HIS A 54 -7.75 10.80 10.32
N ASP A 55 -8.94 11.17 10.77
CA ASP A 55 -9.66 10.39 11.76
C ASP A 55 -10.04 9.03 11.20
N GLN A 56 -10.63 9.04 10.01
CA GLN A 56 -11.01 7.79 9.34
C GLN A 56 -9.78 7.06 8.83
N PHE A 57 -8.67 7.78 8.72
CA PHE A 57 -7.41 7.19 8.28
C PHE A 57 -6.91 6.19 9.30
N LYS A 58 -7.13 6.51 10.57
CA LYS A 58 -6.75 5.64 11.68
C LYS A 58 -7.62 4.38 11.70
N SER A 59 -8.70 4.40 10.94
CA SER A 59 -9.60 3.25 10.86
C SER A 59 -9.38 2.47 9.57
N THR A 60 -8.90 3.15 8.54
CA THR A 60 -8.63 2.48 7.27
C THR A 60 -7.26 1.81 7.30
N LEU A 61 -6.36 2.36 8.10
CA LEU A 61 -5.01 1.83 8.22
C LEU A 61 -5.01 0.35 8.64
N PRO A 62 -5.62 -0.01 9.80
CA PRO A 62 -5.62 -1.41 10.28
C PRO A 62 -6.18 -2.39 9.24
N ASP A 63 -7.16 -1.94 8.48
CA ASP A 63 -7.79 -2.78 7.47
C ASP A 63 -6.82 -3.04 6.32
N ALA A 64 -6.21 -1.98 5.82
CA ALA A 64 -5.23 -2.10 4.74
C ALA A 64 -3.94 -2.74 5.24
N ASP A 65 -3.61 -2.48 6.50
CA ASP A 65 -2.41 -3.04 7.13
C ASP A 65 -2.51 -4.57 7.21
N ARG A 66 -3.68 -5.06 7.60
CA ARG A 66 -3.92 -6.49 7.65
C ARG A 66 -3.82 -7.10 6.24
N GLU A 67 -4.19 -6.29 5.25
CA GLU A 67 -4.13 -6.72 3.86
C GLU A 67 -2.68 -6.85 3.38
N ARG A 68 -1.78 -6.00 3.90
CA ARG A 68 -0.37 -6.08 3.52
C ARG A 68 0.22 -7.43 3.95
N GLU A 69 -0.26 -7.92 5.09
CA GLU A 69 0.15 -9.22 5.59
C GLU A 69 -0.47 -10.33 4.75
N ALA A 70 -1.70 -10.09 4.31
CA ALA A 70 -2.45 -11.05 3.50
C ALA A 70 -1.95 -11.07 2.05
N ILE A 71 -1.16 -10.07 1.69
CA ILE A 71 -0.64 -9.96 0.34
C ILE A 71 0.71 -10.66 0.28
N LEU A 72 1.48 -10.52 1.35
CA LEU A 72 2.75 -11.20 1.48
C LEU A 72 2.52 -12.69 1.67
N ALA A 73 1.33 -13.01 2.16
CA ALA A 73 0.93 -14.40 2.37
C ALA A 73 0.79 -15.13 1.05
N ILE A 74 0.69 -14.38 -0.03
CA ILE A 74 0.65 -14.95 -1.37
C ILE A 74 2.08 -15.13 -1.89
N HIS A 75 2.92 -14.18 -1.55
CA HIS A 75 4.29 -14.13 -2.06
C HIS A 75 5.15 -15.22 -1.47
N LYS A 76 4.87 -15.62 -0.25
CA LYS A 76 5.70 -16.62 0.42
C LYS A 76 5.67 -17.95 -0.35
N GLU A 77 4.55 -18.25 -0.97
CA GLU A 77 4.43 -19.48 -1.74
C GLU A 77 4.86 -19.26 -3.19
N ALA A 78 4.65 -18.04 -3.67
CA ALA A 78 4.93 -17.73 -5.07
C ALA A 78 6.32 -17.10 -5.26
N GLN A 79 7.10 -17.04 -4.19
CA GLN A 79 8.46 -16.50 -4.26
C GLN A 79 9.48 -17.52 -3.78
N ARG A 80 9.25 -18.05 -2.58
CA ARG A 80 10.21 -18.94 -1.93
C ARG A 80 10.55 -20.13 -2.82
N ILE A 81 9.60 -20.54 -3.65
CA ILE A 81 9.82 -21.64 -4.58
C ILE A 81 11.03 -21.34 -5.46
N ALA A 82 11.10 -20.11 -5.95
CA ALA A 82 12.14 -19.68 -6.87
C ALA A 82 13.44 -19.43 -6.11
N GLU A 83 13.31 -18.94 -4.90
CA GLU A 83 14.47 -18.69 -4.05
C GLU A 83 15.01 -20.00 -3.48
N SER A 84 14.39 -21.12 -3.88
CA SER A 84 14.83 -22.44 -3.44
C SER A 84 15.30 -23.30 -4.63
N ASN A 85 15.22 -22.76 -5.84
CA ASN A 85 15.50 -23.55 -7.02
C ASN A 85 16.04 -22.65 -8.12
N HIS A 86 16.18 -23.18 -9.33
CA HIS A 86 16.63 -22.37 -10.44
C HIS A 86 15.51 -21.42 -10.89
N ILE A 87 15.48 -20.27 -10.20
CA ILE A 87 14.53 -19.17 -10.48
C ILE A 87 14.09 -19.10 -11.93
N LYS A 88 12.82 -19.37 -12.14
CA LYS A 88 12.22 -19.32 -13.47
C LYS A 88 10.83 -18.67 -13.39
N LEU A 89 10.81 -17.36 -13.30
CA LEU A 89 9.55 -16.62 -13.19
C LEU A 89 9.40 -15.65 -14.35
N SER A 90 9.88 -16.06 -15.52
CA SER A 90 9.86 -15.22 -16.72
C SER A 90 10.70 -13.96 -16.51
N GLY A 91 11.77 -14.10 -15.73
CA GLY A 91 12.62 -12.97 -15.43
C GLY A 91 12.53 -12.56 -13.98
N SER A 92 11.93 -11.42 -13.73
CA SER A 92 11.78 -10.93 -12.37
C SER A 92 10.32 -11.02 -11.93
N ASN A 93 9.44 -10.52 -12.79
CA ASN A 93 8.02 -10.45 -12.47
C ASN A 93 7.17 -10.59 -13.72
N PRO A 94 6.29 -11.61 -13.75
CA PRO A 94 5.34 -11.80 -14.84
C PRO A 94 4.30 -10.66 -14.91
N TYR A 95 3.47 -10.55 -13.87
CA TYR A 95 2.44 -9.52 -13.82
C TYR A 95 2.69 -8.64 -12.60
N THR A 96 3.04 -9.30 -11.52
CA THR A 96 3.32 -8.64 -10.26
C THR A 96 4.70 -7.99 -10.24
N THR A 97 4.84 -6.88 -10.93
CA THR A 97 6.04 -6.06 -10.84
C THR A 97 6.22 -5.57 -9.41
N VAL A 98 5.10 -5.25 -8.79
CA VAL A 98 5.05 -4.84 -7.39
C VAL A 98 5.62 -5.94 -6.48
N THR A 99 6.80 -5.69 -5.98
CA THR A 99 7.46 -6.58 -5.04
C THR A 99 7.09 -6.21 -3.60
N PRO A 100 7.32 -7.11 -2.63
CA PRO A 100 7.07 -6.85 -1.21
C PRO A 100 7.66 -5.53 -0.74
N GLN A 101 8.83 -5.20 -1.24
CA GLN A 101 9.52 -3.99 -0.82
C GLN A 101 8.83 -2.77 -1.40
N ILE A 102 8.31 -2.90 -2.61
CA ILE A 102 7.56 -1.82 -3.23
C ILE A 102 6.29 -1.53 -2.42
N ILE A 103 5.57 -2.58 -2.07
CA ILE A 103 4.33 -2.43 -1.33
C ILE A 103 4.60 -1.99 0.12
N ASN A 104 5.70 -2.45 0.69
CA ASN A 104 6.04 -2.09 2.06
C ASN A 104 6.58 -0.67 2.14
N SER A 105 7.44 -0.29 1.20
CA SER A 105 7.97 1.07 1.15
C SER A 105 6.85 2.08 0.94
N LYS A 106 5.88 1.72 0.08
CA LYS A 106 4.73 2.57 -0.16
C LYS A 106 3.91 2.72 1.11
N TRP A 107 3.65 1.61 1.79
CA TRP A 107 2.93 1.63 3.05
C TRP A 107 3.70 2.45 4.08
N GLU A 108 5.00 2.24 4.12
CA GLU A 108 5.86 2.91 5.07
C GLU A 108 5.83 4.41 4.85
N LYS A 109 5.85 4.81 3.59
CA LYS A 109 5.75 6.21 3.23
C LYS A 109 4.43 6.80 3.72
N VAL A 110 3.37 6.01 3.58
CA VAL A 110 2.06 6.41 4.05
C VAL A 110 2.06 6.59 5.57
N GLN A 111 2.72 5.65 6.26
CA GLN A 111 2.81 5.68 7.73
C GLN A 111 3.50 6.94 8.22
N GLN A 112 4.59 7.31 7.58
CA GLN A 112 5.38 8.47 8.02
C GLN A 112 4.72 9.77 7.56
N LEU A 113 3.74 9.66 6.67
CA LEU A 113 3.01 10.81 6.19
C LEU A 113 1.87 11.14 7.13
N VAL A 114 1.52 10.19 7.98
CA VAL A 114 0.45 10.38 8.96
C VAL A 114 0.81 11.50 9.94
N PRO A 115 1.95 11.40 10.67
CA PRO A 115 2.37 12.46 11.60
C PRO A 115 2.68 13.76 10.88
N LYS A 116 3.16 13.66 9.66
CA LYS A 116 3.46 14.83 8.85
C LYS A 116 2.20 15.66 8.62
N ARG A 117 1.16 14.99 8.15
CA ARG A 117 -0.11 15.65 7.91
C ARG A 117 -0.78 16.02 9.22
N ASP A 118 -0.59 15.19 10.24
CA ASP A 118 -1.16 15.43 11.56
C ASP A 118 -0.58 16.72 12.14
N HIS A 119 0.68 16.97 11.81
CA HIS A 119 1.37 18.14 12.34
C HIS A 119 0.85 19.40 11.68
N ALA A 120 0.68 19.34 10.36
CA ALA A 120 0.21 20.49 9.61
C ALA A 120 -1.21 20.85 10.01
N LEU A 121 -2.03 19.84 10.28
CA LEU A 121 -3.43 20.06 10.63
C LEU A 121 -3.56 20.67 12.02
N LEU A 122 -2.90 20.08 13.00
CA LEU A 122 -3.03 20.53 14.39
C LEU A 122 -2.21 21.79 14.65
N GLU A 123 -1.54 22.29 13.62
CA GLU A 123 -0.85 23.57 13.72
C GLU A 123 -1.65 24.64 12.99
N GLU A 124 -2.61 24.19 12.18
CA GLU A 124 -3.39 25.07 11.33
C GLU A 124 -4.76 25.33 11.92
N GLN A 125 -5.45 24.25 12.31
CA GLN A 125 -6.82 24.36 12.78
C GLN A 125 -6.92 25.11 14.10
N SER A 126 -5.81 25.19 14.82
CA SER A 126 -5.78 25.90 16.09
C SER A 126 -5.75 27.41 15.85
N LYS A 127 -5.36 27.82 14.65
CA LYS A 127 -5.31 29.23 14.30
C LYS A 127 -6.63 29.64 13.63
N GLN A 128 -7.57 28.71 13.60
CA GLN A 128 -8.89 28.97 13.05
C GLN A 128 -9.78 29.62 14.10
N GLN A 129 -10.98 29.07 14.28
CA GLN A 129 -11.89 29.56 15.28
C GLN A 129 -12.21 28.43 16.25
N GLY A 1 14.18 -31.71 -12.24
CA GLY A 1 13.01 -31.70 -11.35
C GLY A 1 11.77 -31.19 -12.04
N SER A 2 10.64 -31.24 -11.37
CA SER A 2 9.38 -30.77 -11.92
C SER A 2 9.28 -29.24 -11.82
N THR A 3 10.01 -28.55 -12.69
CA THR A 3 10.06 -27.11 -12.69
C THR A 3 8.72 -26.49 -13.05
N GLU A 4 8.12 -27.00 -14.12
CA GLU A 4 6.91 -26.44 -14.69
C GLU A 4 5.74 -26.46 -13.71
N LYS A 5 5.75 -27.41 -12.80
CA LYS A 5 4.63 -27.59 -11.89
C LYS A 5 4.79 -26.67 -10.70
N GLN A 6 6.01 -26.23 -10.47
CA GLN A 6 6.27 -25.26 -9.44
C GLN A 6 6.04 -23.86 -9.98
N LEU A 7 6.22 -23.71 -11.28
CA LEU A 7 5.99 -22.42 -11.94
C LEU A 7 4.50 -22.14 -12.06
N GLU A 8 3.78 -23.12 -12.58
CA GLU A 8 2.39 -22.91 -12.96
C GLU A 8 1.45 -22.98 -11.76
N ALA A 9 1.81 -23.79 -10.77
CA ALA A 9 0.94 -23.97 -9.61
C ALA A 9 0.93 -22.73 -8.74
N ILE A 10 2.08 -22.08 -8.67
CA ILE A 10 2.20 -20.87 -7.87
C ILE A 10 1.81 -19.66 -8.67
N ASP A 11 1.75 -19.82 -9.99
CA ASP A 11 1.31 -18.75 -10.87
C ASP A 11 -0.18 -18.56 -10.75
N GLN A 12 -0.89 -19.62 -10.39
CA GLN A 12 -2.33 -19.56 -10.24
C GLN A 12 -2.75 -18.84 -8.97
N LEU A 13 -1.77 -18.51 -8.13
CA LEU A 13 -2.02 -17.64 -6.99
C LEU A 13 -1.27 -16.32 -7.18
N HIS A 14 -0.47 -16.26 -8.24
CA HIS A 14 0.27 -15.05 -8.58
C HIS A 14 -0.68 -13.91 -8.89
N LEU A 15 -1.78 -14.21 -9.57
CA LEU A 15 -2.71 -13.16 -9.97
C LEU A 15 -3.48 -12.63 -8.78
N GLU A 16 -3.54 -13.42 -7.73
CA GLU A 16 -4.20 -13.01 -6.49
C GLU A 16 -3.41 -11.87 -5.84
N TYR A 17 -2.08 -11.99 -5.90
CA TYR A 17 -1.22 -10.92 -5.43
C TYR A 17 -1.46 -9.68 -6.29
N ALA A 18 -1.47 -9.89 -7.60
CA ALA A 18 -1.68 -8.80 -8.56
C ALA A 18 -3.07 -8.20 -8.45
N LYS A 19 -4.02 -9.00 -7.96
CA LYS A 19 -5.39 -8.53 -7.81
C LYS A 19 -5.56 -7.76 -6.50
N ARG A 20 -4.73 -8.07 -5.52
CA ARG A 20 -4.82 -7.40 -4.23
C ARG A 20 -3.90 -6.19 -4.19
N ALA A 21 -2.74 -6.31 -4.81
CA ALA A 21 -1.79 -5.22 -4.89
C ALA A 21 -2.34 -4.10 -5.76
N ALA A 22 -3.27 -4.44 -6.65
CA ALA A 22 -3.80 -3.49 -7.60
C ALA A 22 -4.57 -2.34 -6.91
N PRO A 23 -5.64 -2.63 -6.13
CA PRO A 23 -6.40 -1.58 -5.44
C PRO A 23 -5.58 -0.97 -4.30
N PHE A 24 -4.70 -1.77 -3.73
CA PHE A 24 -3.85 -1.32 -2.64
C PHE A 24 -2.87 -0.25 -3.15
N ASN A 25 -2.31 -0.48 -4.32
CA ASN A 25 -1.35 0.46 -4.88
C ASN A 25 -2.07 1.70 -5.36
N ASN A 26 -3.33 1.52 -5.71
CA ASN A 26 -4.16 2.63 -6.18
C ASN A 26 -4.54 3.51 -5.00
N TRP A 27 -4.80 2.86 -3.87
CA TRP A 27 -5.14 3.56 -2.65
C TRP A 27 -3.94 4.35 -2.16
N MET A 28 -2.78 3.68 -2.13
CA MET A 28 -1.56 4.30 -1.67
C MET A 28 -1.19 5.50 -2.54
N GLU A 29 -1.47 5.39 -3.83
CA GLU A 29 -1.18 6.46 -4.77
C GLU A 29 -1.94 7.72 -4.40
N SER A 30 -3.26 7.61 -4.29
CA SER A 30 -4.09 8.77 -3.98
C SER A 30 -3.81 9.29 -2.58
N ALA A 31 -3.61 8.38 -1.63
CA ALA A 31 -3.37 8.74 -0.24
C ALA A 31 -2.05 9.49 -0.09
N MET A 32 -0.99 8.91 -0.63
CA MET A 32 0.33 9.53 -0.55
C MET A 32 0.38 10.81 -1.38
N GLU A 33 -0.47 10.87 -2.39
CA GLU A 33 -0.57 12.05 -3.24
C GLU A 33 -1.14 13.22 -2.46
N ASP A 34 -2.19 12.95 -1.68
CA ASP A 34 -2.80 13.96 -0.84
C ASP A 34 -1.83 14.35 0.26
N LEU A 35 -1.27 13.34 0.91
CA LEU A 35 -0.40 13.54 2.06
C LEU A 35 0.87 14.30 1.67
N GLN A 36 1.27 14.14 0.41
CA GLN A 36 2.45 14.81 -0.11
C GLN A 36 2.20 16.32 -0.24
N ASP A 37 0.96 16.67 -0.54
CA ASP A 37 0.58 18.05 -0.74
C ASP A 37 0.43 18.79 0.58
N MET A 38 0.02 20.04 0.50
CA MET A 38 -0.24 20.84 1.68
C MET A 38 -1.65 21.38 1.64
N PHE A 39 -2.27 21.47 2.80
CA PHE A 39 -3.67 21.86 2.88
C PHE A 39 -3.80 23.32 3.28
N ILE A 40 -4.68 24.01 2.59
CA ILE A 40 -5.05 25.36 2.96
C ILE A 40 -6.55 25.42 3.24
N VAL A 41 -6.92 26.12 4.29
CA VAL A 41 -8.32 26.22 4.69
C VAL A 41 -8.74 27.69 4.84
N HIS A 42 -10.02 27.95 4.62
CA HIS A 42 -10.56 29.29 4.83
C HIS A 42 -11.39 29.30 6.11
N THR A 43 -12.41 28.46 6.13
CA THR A 43 -13.34 28.40 7.24
C THR A 43 -13.08 27.15 8.09
N ILE A 44 -13.77 27.07 9.23
CA ILE A 44 -13.54 25.97 10.18
C ILE A 44 -14.06 24.65 9.61
N GLU A 45 -15.11 24.73 8.79
CA GLU A 45 -15.67 23.58 8.14
C GLU A 45 -14.66 22.92 7.22
N GLU A 46 -13.82 23.75 6.59
CA GLU A 46 -12.78 23.24 5.70
C GLU A 46 -11.67 22.60 6.51
N ILE A 47 -11.38 23.16 7.66
CA ILE A 47 -10.38 22.60 8.54
C ILE A 47 -10.85 21.23 9.04
N GLU A 48 -12.15 21.14 9.33
CA GLU A 48 -12.73 19.90 9.84
C GLU A 48 -12.86 18.88 8.71
N GLY A 49 -13.07 19.37 7.51
CA GLY A 49 -13.13 18.51 6.36
C GLY A 49 -11.78 17.90 6.08
N LEU A 50 -10.76 18.72 6.28
CA LEU A 50 -9.39 18.26 6.23
C LEU A 50 -9.12 17.22 7.30
N ILE A 51 -9.53 17.52 8.53
CA ILE A 51 -9.34 16.59 9.65
C ILE A 51 -9.99 15.25 9.33
N SER A 52 -11.26 15.28 8.92
CA SER A 52 -12.03 14.08 8.64
C SER A 52 -11.34 13.17 7.62
N ALA A 53 -10.69 13.78 6.64
CA ALA A 53 -10.00 13.02 5.59
C ALA A 53 -8.79 12.28 6.15
N HIS A 54 -8.23 12.81 7.22
CA HIS A 54 -7.12 12.15 7.91
C HIS A 54 -7.66 11.27 9.01
N ASP A 55 -8.80 11.65 9.56
CA ASP A 55 -9.45 10.91 10.63
C ASP A 55 -9.86 9.52 10.15
N GLN A 56 -10.51 9.46 9.00
CA GLN A 56 -10.89 8.19 8.41
C GLN A 56 -9.66 7.46 7.87
N PHE A 57 -8.61 8.22 7.61
CA PHE A 57 -7.37 7.66 7.10
C PHE A 57 -6.73 6.74 8.13
N LYS A 58 -6.86 7.11 9.40
CA LYS A 58 -6.32 6.30 10.48
C LYS A 58 -7.13 5.02 10.63
N SER A 59 -8.32 5.05 10.07
CA SER A 59 -9.24 3.92 10.15
C SER A 59 -8.99 2.96 9.00
N THR A 60 -8.59 3.48 7.84
CA THR A 60 -8.27 2.64 6.69
C THR A 60 -6.90 1.99 6.85
N LEU A 61 -6.05 2.58 7.71
CA LEU A 61 -4.69 2.10 7.91
C LEU A 61 -4.65 0.62 8.29
N PRO A 62 -5.32 0.20 9.39
CA PRO A 62 -5.29 -1.20 9.84
C PRO A 62 -5.74 -2.19 8.77
N ASP A 63 -6.71 -1.78 7.97
CA ASP A 63 -7.26 -2.62 6.91
C ASP A 63 -6.24 -2.81 5.81
N ALA A 64 -5.75 -1.69 5.28
CA ALA A 64 -4.77 -1.71 4.21
C ALA A 64 -3.43 -2.28 4.68
N ASP A 65 -3.11 -2.04 5.94
CA ASP A 65 -1.88 -2.58 6.53
C ASP A 65 -1.90 -4.10 6.51
N ARG A 66 -3.02 -4.66 6.94
CA ARG A 66 -3.19 -6.10 6.97
C ARG A 66 -3.18 -6.67 5.55
N GLU A 67 -3.69 -5.89 4.61
CA GLU A 67 -3.68 -6.27 3.21
C GLU A 67 -2.25 -6.44 2.72
N ARG A 68 -1.37 -5.51 3.09
CA ARG A 68 0.03 -5.56 2.69
C ARG A 68 0.68 -6.86 3.19
N GLU A 69 0.29 -7.27 4.39
CA GLU A 69 0.79 -8.50 4.97
C GLU A 69 0.20 -9.71 4.25
N ALA A 70 -1.10 -9.64 3.96
CA ALA A 70 -1.80 -10.70 3.26
C ALA A 70 -1.31 -10.81 1.81
N ILE A 71 -0.69 -9.75 1.33
CA ILE A 71 -0.18 -9.70 -0.02
C ILE A 71 1.18 -10.35 -0.06
N LEU A 72 1.97 -10.08 0.98
CA LEU A 72 3.27 -10.70 1.12
C LEU A 72 3.10 -12.16 1.47
N ALA A 73 1.93 -12.48 2.03
CA ALA A 73 1.59 -13.87 2.36
C ALA A 73 1.45 -14.70 1.09
N ILE A 74 0.75 -14.15 0.10
CA ILE A 74 0.62 -14.79 -1.20
C ILE A 74 2.00 -14.94 -1.84
N HIS A 75 2.79 -13.88 -1.73
CA HIS A 75 4.14 -13.85 -2.27
C HIS A 75 5.04 -14.85 -1.56
N LYS A 76 4.70 -15.18 -0.33
CA LYS A 76 5.47 -16.16 0.41
C LYS A 76 5.45 -17.50 -0.28
N GLU A 77 4.27 -17.92 -0.74
CA GLU A 77 4.12 -19.21 -1.37
C GLU A 77 4.52 -19.16 -2.84
N ALA A 78 4.45 -17.96 -3.41
CA ALA A 78 4.72 -17.76 -4.83
C ALA A 78 6.10 -17.16 -5.08
N GLN A 79 6.91 -17.02 -4.02
CA GLN A 79 8.27 -16.54 -4.18
C GLN A 79 9.27 -17.51 -3.59
N ARG A 80 8.94 -18.05 -2.43
CA ARG A 80 9.86 -18.94 -1.72
C ARG A 80 10.19 -20.17 -2.55
N ILE A 81 9.32 -20.49 -3.51
CA ILE A 81 9.55 -21.60 -4.43
C ILE A 81 10.77 -21.33 -5.31
N ALA A 82 10.96 -20.07 -5.65
CA ALA A 82 12.12 -19.64 -6.44
C ALA A 82 13.27 -19.33 -5.52
N GLU A 83 12.95 -19.09 -4.26
CA GLU A 83 13.94 -18.84 -3.24
C GLU A 83 14.55 -20.15 -2.76
N SER A 84 13.99 -21.27 -3.21
CA SER A 84 14.55 -22.58 -2.92
C SER A 84 15.38 -23.09 -4.08
N ASN A 85 14.90 -22.85 -5.31
CA ASN A 85 15.55 -23.37 -6.48
C ASN A 85 15.53 -22.33 -7.59
N HIS A 86 16.59 -22.30 -8.38
CA HIS A 86 16.78 -21.25 -9.38
C HIS A 86 15.87 -21.45 -10.58
N ILE A 87 14.62 -21.01 -10.43
CA ILE A 87 13.70 -21.00 -11.55
C ILE A 87 13.59 -19.60 -12.16
N LYS A 88 13.00 -19.53 -13.34
CA LYS A 88 12.73 -18.26 -13.99
C LYS A 88 11.37 -18.31 -14.66
N LEU A 89 10.35 -17.84 -13.94
CA LEU A 89 8.99 -17.78 -14.45
C LEU A 89 8.94 -17.17 -15.85
N SER A 90 9.28 -15.89 -15.93
CA SER A 90 9.37 -15.20 -17.21
C SER A 90 10.32 -14.01 -17.09
N GLY A 91 11.35 -14.18 -16.29
CA GLY A 91 12.25 -13.08 -15.98
C GLY A 91 11.67 -12.17 -14.90
N SER A 92 10.55 -11.54 -15.22
CA SER A 92 9.83 -10.73 -14.26
C SER A 92 8.60 -11.49 -13.77
N ASN A 93 7.41 -10.94 -14.01
CA ASN A 93 6.17 -11.59 -13.61
C ASN A 93 5.04 -11.18 -14.54
N PRO A 94 4.18 -12.12 -14.92
CA PRO A 94 3.10 -11.89 -15.89
C PRO A 94 2.09 -10.84 -15.42
N TYR A 95 1.55 -11.01 -14.22
CA TYR A 95 0.54 -10.09 -13.71
C TYR A 95 1.12 -9.30 -12.56
N THR A 96 1.90 -9.97 -11.73
CA THR A 96 2.48 -9.37 -10.55
C THR A 96 3.78 -8.62 -10.86
N THR A 97 3.67 -7.50 -11.55
CA THR A 97 4.84 -6.68 -11.81
C THR A 97 5.02 -5.68 -10.68
N VAL A 98 4.93 -6.21 -9.49
CA VAL A 98 4.99 -5.44 -8.26
C VAL A 98 5.90 -6.15 -7.25
N THR A 99 7.04 -5.56 -6.96
CA THR A 99 7.99 -6.14 -6.04
C THR A 99 7.58 -5.86 -4.59
N PRO A 100 7.91 -6.78 -3.66
CA PRO A 100 7.55 -6.64 -2.24
C PRO A 100 8.04 -5.31 -1.65
N GLN A 101 9.24 -4.91 -2.04
CA GLN A 101 9.84 -3.68 -1.56
C GLN A 101 9.03 -2.48 -2.03
N ILE A 102 8.52 -2.57 -3.25
CA ILE A 102 7.78 -1.49 -3.86
C ILE A 102 6.49 -1.20 -3.10
N ILE A 103 5.90 -2.24 -2.53
CA ILE A 103 4.65 -2.08 -1.82
C ILE A 103 4.87 -1.87 -0.32
N ASN A 104 5.89 -2.51 0.23
CA ASN A 104 6.15 -2.45 1.66
C ASN A 104 6.79 -1.13 2.05
N SER A 105 7.76 -0.68 1.26
CA SER A 105 8.44 0.57 1.54
C SER A 105 7.54 1.75 1.17
N LYS A 106 6.60 1.53 0.25
CA LYS A 106 5.63 2.55 -0.09
C LYS A 106 4.70 2.79 1.08
N TRP A 107 4.33 1.72 1.78
CA TRP A 107 3.53 1.84 2.98
C TRP A 107 4.27 2.68 4.02
N GLU A 108 5.56 2.43 4.14
CA GLU A 108 6.39 3.18 5.07
C GLU A 108 6.48 4.65 4.64
N LYS A 109 6.44 4.89 3.33
CA LYS A 109 6.40 6.25 2.79
C LYS A 109 5.10 6.93 3.21
N VAL A 110 4.01 6.18 3.16
CA VAL A 110 2.71 6.66 3.60
C VAL A 110 2.76 6.98 5.10
N GLN A 111 3.29 6.05 5.88
CA GLN A 111 3.38 6.20 7.33
C GLN A 111 4.20 7.40 7.72
N GLN A 112 5.20 7.71 6.90
CA GLN A 112 6.11 8.82 7.18
C GLN A 112 5.39 10.17 7.01
N LEU A 113 4.33 10.18 6.22
CA LEU A 113 3.60 11.41 5.94
C LEU A 113 2.36 11.53 6.83
N VAL A 114 2.05 10.47 7.56
CA VAL A 114 0.88 10.45 8.42
C VAL A 114 1.03 11.42 9.60
N PRO A 115 2.11 11.31 10.43
CA PRO A 115 2.32 12.17 11.61
C PRO A 115 2.44 13.64 11.24
N LYS A 116 3.02 13.91 10.08
CA LYS A 116 3.19 15.29 9.61
C LYS A 116 1.83 15.94 9.40
N ARG A 117 0.96 15.24 8.69
CA ARG A 117 -0.38 15.73 8.43
C ARG A 117 -1.26 15.64 9.68
N ASP A 118 -0.95 14.66 10.52
CA ASP A 118 -1.65 14.50 11.79
C ASP A 118 -1.37 15.69 12.71
N HIS A 119 -0.16 16.23 12.60
CA HIS A 119 0.27 17.29 13.47
C HIS A 119 -0.11 18.65 12.89
N ALA A 120 0.12 18.82 11.59
CA ALA A 120 -0.21 20.05 10.91
C ALA A 120 -1.70 20.34 10.99
N LEU A 121 -2.50 19.28 10.87
CA LEU A 121 -3.94 19.43 10.93
C LEU A 121 -4.38 19.82 12.33
N LEU A 122 -3.87 19.12 13.33
CA LEU A 122 -4.18 19.41 14.72
C LEU A 122 -3.79 20.85 15.08
N GLU A 123 -2.61 21.27 14.67
CA GLU A 123 -2.16 22.62 14.94
C GLU A 123 -3.05 23.65 14.25
N GLU A 124 -3.36 23.40 12.99
CA GLU A 124 -4.19 24.31 12.20
C GLU A 124 -5.62 24.37 12.73
N GLN A 125 -6.18 23.22 13.09
CA GLN A 125 -7.54 23.17 13.61
C GLN A 125 -7.61 23.84 14.99
N SER A 126 -6.48 23.86 15.70
CA SER A 126 -6.41 24.53 16.98
C SER A 126 -6.27 26.04 16.79
N LYS A 127 -5.89 26.44 15.58
CA LYS A 127 -5.74 27.85 15.24
C LYS A 127 -7.07 28.42 14.76
N GLN A 128 -8.10 27.60 14.82
CA GLN A 128 -9.45 28.04 14.50
C GLN A 128 -10.27 28.17 15.77
N GLN A 129 -11.52 27.74 15.73
CA GLN A 129 -12.37 27.77 16.90
C GLN A 129 -12.77 26.33 17.28
N GLY A 1 8.11 -33.07 -14.95
CA GLY A 1 8.83 -32.35 -13.87
C GLY A 1 7.87 -31.62 -12.96
N SER A 2 8.28 -31.40 -11.72
CA SER A 2 7.45 -30.70 -10.76
C SER A 2 7.82 -29.22 -10.67
N THR A 3 9.08 -28.91 -10.95
CA THR A 3 9.58 -27.55 -10.84
C THR A 3 8.81 -26.58 -11.75
N GLU A 4 8.59 -26.99 -12.99
CA GLU A 4 7.89 -26.16 -13.97
C GLU A 4 6.40 -26.13 -13.69
N LYS A 5 5.97 -26.91 -12.72
CA LYS A 5 4.58 -26.93 -12.32
C LYS A 5 4.43 -26.11 -11.06
N GLN A 6 5.48 -26.09 -10.26
CA GLN A 6 5.56 -25.19 -9.13
C GLN A 6 5.43 -23.77 -9.61
N LEU A 7 6.23 -23.42 -10.60
CA LEU A 7 6.31 -22.03 -11.06
C LEU A 7 5.06 -21.63 -11.80
N GLU A 8 4.46 -22.58 -12.52
CA GLU A 8 3.25 -22.30 -13.28
C GLU A 8 2.03 -22.20 -12.35
N ALA A 9 2.00 -23.04 -11.32
CA ALA A 9 0.86 -23.07 -10.42
C ALA A 9 0.84 -21.82 -9.55
N ILE A 10 2.03 -21.37 -9.17
CA ILE A 10 2.15 -20.15 -8.38
C ILE A 10 2.02 -18.93 -9.27
N ASP A 11 2.18 -19.11 -10.58
CA ASP A 11 1.96 -18.04 -11.52
C ASP A 11 0.46 -17.77 -11.66
N GLN A 12 -0.33 -18.82 -11.42
CA GLN A 12 -1.78 -18.70 -11.49
C GLN A 12 -2.32 -17.92 -10.29
N LEU A 13 -1.50 -17.78 -9.26
CA LEU A 13 -1.85 -16.90 -8.14
C LEU A 13 -1.02 -15.62 -8.22
N HIS A 14 -0.08 -15.59 -9.15
CA HIS A 14 0.73 -14.40 -9.40
C HIS A 14 -0.14 -13.23 -9.82
N LEU A 15 -1.22 -13.51 -10.55
CA LEU A 15 -2.10 -12.44 -10.99
C LEU A 15 -3.02 -12.00 -9.86
N GLU A 16 -3.27 -12.91 -8.94
CA GLU A 16 -4.08 -12.59 -7.76
C GLU A 16 -3.35 -11.55 -6.92
N TYR A 17 -2.03 -11.68 -6.83
CA TYR A 17 -1.21 -10.67 -6.18
C TYR A 17 -1.43 -9.34 -6.90
N ALA A 18 -1.29 -9.35 -8.21
CA ALA A 18 -1.42 -8.16 -9.03
C ALA A 18 -2.84 -7.59 -8.97
N LYS A 19 -3.82 -8.44 -8.67
CA LYS A 19 -5.20 -8.02 -8.58
C LYS A 19 -5.49 -7.32 -7.25
N ARG A 20 -4.84 -7.77 -6.19
CA ARG A 20 -5.03 -7.19 -4.87
C ARG A 20 -4.11 -6.01 -4.64
N ALA A 21 -2.90 -6.11 -5.15
CA ALA A 21 -1.93 -5.03 -5.04
C ALA A 21 -2.37 -3.81 -5.85
N ALA A 22 -3.26 -4.04 -6.82
CA ALA A 22 -3.73 -2.97 -7.70
C ALA A 22 -4.52 -1.90 -6.94
N PRO A 23 -5.66 -2.24 -6.30
CA PRO A 23 -6.46 -1.26 -5.57
C PRO A 23 -5.76 -0.77 -4.30
N PHE A 24 -4.90 -1.62 -3.76
CA PHE A 24 -4.11 -1.25 -2.60
C PHE A 24 -3.10 -0.16 -2.97
N ASN A 25 -2.47 -0.32 -4.12
CA ASN A 25 -1.50 0.67 -4.59
C ASN A 25 -2.24 1.95 -4.96
N ASN A 26 -3.48 1.80 -5.35
CA ASN A 26 -4.33 2.92 -5.68
C ASN A 26 -4.66 3.72 -4.43
N TRP A 27 -4.86 3.00 -3.32
CA TRP A 27 -5.06 3.63 -2.04
C TRP A 27 -3.80 4.36 -1.62
N MET A 28 -2.66 3.66 -1.74
CA MET A 28 -1.36 4.22 -1.39
C MET A 28 -1.11 5.51 -2.14
N GLU A 29 -1.46 5.52 -3.42
CA GLU A 29 -1.31 6.71 -4.25
C GLU A 29 -2.11 7.87 -3.67
N SER A 30 -3.41 7.65 -3.53
CA SER A 30 -4.31 8.67 -3.02
C SER A 30 -3.87 9.16 -1.64
N ALA A 31 -3.44 8.23 -0.80
CA ALA A 31 -3.03 8.57 0.56
C ALA A 31 -1.72 9.35 0.57
N MET A 32 -0.69 8.79 -0.06
CA MET A 32 0.63 9.40 -0.07
C MET A 32 0.61 10.74 -0.79
N GLU A 33 -0.22 10.83 -1.82
CA GLU A 33 -0.32 12.06 -2.59
C GLU A 33 -1.10 13.12 -1.82
N ASP A 34 -2.13 12.68 -1.09
CA ASP A 34 -2.91 13.58 -0.25
C ASP A 34 -2.02 14.10 0.87
N LEU A 35 -1.24 13.19 1.44
CA LEU A 35 -0.35 13.50 2.55
C LEU A 35 0.82 14.37 2.07
N GLN A 36 1.14 14.25 0.79
CA GLN A 36 2.20 15.05 0.18
C GLN A 36 1.72 16.46 -0.13
N ASP A 37 0.49 16.56 -0.62
CA ASP A 37 -0.08 17.83 -1.03
C ASP A 37 -0.42 18.70 0.17
N MET A 38 -0.72 19.97 -0.11
CA MET A 38 -1.09 20.91 0.93
C MET A 38 -2.60 21.09 0.93
N PHE A 39 -3.17 21.27 2.11
CA PHE A 39 -4.60 21.41 2.23
C PHE A 39 -4.99 22.86 2.47
N ILE A 40 -5.68 23.43 1.50
CA ILE A 40 -6.20 24.78 1.64
C ILE A 40 -7.62 24.74 2.16
N VAL A 41 -7.86 25.46 3.23
CA VAL A 41 -9.16 25.44 3.89
C VAL A 41 -9.77 26.83 3.93
N HIS A 42 -11.07 26.89 3.76
CA HIS A 42 -11.80 28.16 3.80
C HIS A 42 -12.49 28.31 5.13
N THR A 43 -13.12 27.24 5.59
CA THR A 43 -13.87 27.25 6.83
C THR A 43 -13.41 26.12 7.75
N ILE A 44 -13.75 26.23 9.04
CA ILE A 44 -13.33 25.26 10.03
C ILE A 44 -14.00 23.91 9.78
N GLU A 45 -15.15 23.94 9.13
CA GLU A 45 -15.84 22.73 8.72
C GLU A 45 -14.90 21.85 7.90
N GLU A 46 -14.19 22.48 6.98
CA GLU A 46 -13.25 21.78 6.11
C GLU A 46 -12.00 21.40 6.89
N ILE A 47 -11.60 22.24 7.83
CA ILE A 47 -10.45 21.96 8.65
C ILE A 47 -10.70 20.71 9.50
N GLU A 48 -11.93 20.57 9.98
CA GLU A 48 -12.30 19.42 10.79
C GLU A 48 -12.43 18.19 9.91
N GLY A 49 -12.83 18.43 8.66
CA GLY A 49 -12.92 17.35 7.69
C GLY A 49 -11.54 16.89 7.29
N LEU A 50 -10.63 17.85 7.21
CA LEU A 50 -9.23 17.56 6.96
C LEU A 50 -8.66 16.67 8.06
N ILE A 51 -9.00 17.00 9.30
CA ILE A 51 -8.60 16.15 10.44
C ILE A 51 -9.22 14.76 10.29
N SER A 52 -10.48 14.73 9.91
CA SER A 52 -11.18 13.47 9.68
C SER A 52 -10.54 12.66 8.56
N ALA A 53 -9.89 13.35 7.63
CA ALA A 53 -9.19 12.69 6.52
C ALA A 53 -7.89 12.04 7.02
N HIS A 54 -7.56 12.26 8.27
CA HIS A 54 -6.47 11.55 8.91
C HIS A 54 -7.02 10.61 9.98
N ASP A 55 -8.13 11.01 10.59
CA ASP A 55 -8.81 10.18 11.58
C ASP A 55 -9.38 8.93 10.93
N GLN A 56 -10.10 9.09 9.83
CA GLN A 56 -10.68 7.96 9.11
C GLN A 56 -9.60 7.25 8.31
N PHE A 57 -8.47 7.92 8.14
CA PHE A 57 -7.30 7.33 7.52
C PHE A 57 -6.67 6.35 8.51
N LYS A 58 -6.79 6.66 9.79
CA LYS A 58 -6.34 5.78 10.85
C LYS A 58 -7.26 4.59 10.99
N SER A 59 -8.44 4.69 10.42
CA SER A 59 -9.42 3.62 10.47
C SER A 59 -9.23 2.65 9.31
N THR A 60 -8.66 3.16 8.22
CA THR A 60 -8.36 2.32 7.07
C THR A 60 -7.06 1.54 7.28
N LEU A 61 -6.13 2.15 8.01
CA LEU A 61 -4.81 1.57 8.24
C LEU A 61 -4.85 0.13 8.77
N PRO A 62 -5.61 -0.16 9.86
CA PRO A 62 -5.66 -1.52 10.44
C PRO A 62 -6.00 -2.61 9.42
N ASP A 63 -6.87 -2.30 8.48
CA ASP A 63 -7.27 -3.28 7.47
C ASP A 63 -6.33 -3.24 6.28
N ALA A 64 -5.86 -2.04 5.95
CA ALA A 64 -4.93 -1.87 4.85
C ALA A 64 -3.58 -2.55 5.15
N ASP A 65 -3.15 -2.47 6.40
CA ASP A 65 -1.93 -3.15 6.83
C ASP A 65 -2.12 -4.66 6.70
N ARG A 66 -3.33 -5.10 7.04
CA ARG A 66 -3.72 -6.49 6.92
C ARG A 66 -3.68 -6.92 5.45
N GLU A 67 -4.10 -6.03 4.57
CA GLU A 67 -4.06 -6.26 3.13
C GLU A 67 -2.62 -6.47 2.67
N ARG A 68 -1.72 -5.62 3.14
CA ARG A 68 -0.31 -5.71 2.79
C ARG A 68 0.25 -7.07 3.22
N GLU A 69 -0.20 -7.55 4.38
CA GLU A 69 0.20 -8.86 4.87
C GLU A 69 -0.44 -9.97 4.02
N ALA A 70 -1.70 -9.78 3.66
CA ALA A 70 -2.45 -10.76 2.87
C ALA A 70 -1.98 -10.79 1.42
N ILE A 71 -1.24 -9.77 1.03
CA ILE A 71 -0.73 -9.65 -0.32
C ILE A 71 0.62 -10.34 -0.38
N LEU A 72 1.40 -10.16 0.68
CA LEU A 72 2.66 -10.85 0.83
C LEU A 72 2.41 -12.33 1.07
N ALA A 73 1.25 -12.60 1.66
CA ALA A 73 0.82 -13.98 1.90
C ALA A 73 0.69 -14.76 0.59
N ILE A 74 0.14 -14.11 -0.43
CA ILE A 74 0.02 -14.71 -1.76
C ILE A 74 1.42 -14.95 -2.34
N HIS A 75 2.31 -14.02 -2.07
CA HIS A 75 3.67 -14.07 -2.58
C HIS A 75 4.52 -15.05 -1.79
N LYS A 76 4.04 -15.43 -0.63
CA LYS A 76 4.79 -16.30 0.27
C LYS A 76 5.03 -17.65 -0.39
N GLU A 77 4.03 -18.19 -1.06
CA GLU A 77 4.17 -19.47 -1.73
C GLU A 77 4.71 -19.26 -3.14
N ALA A 78 4.42 -18.08 -3.68
CA ALA A 78 4.84 -17.72 -5.03
C ALA A 78 6.30 -17.30 -5.07
N GLN A 79 6.90 -17.17 -3.90
CA GLN A 79 8.33 -16.90 -3.81
C GLN A 79 9.08 -18.05 -3.16
N ARG A 80 8.41 -18.77 -2.27
CA ARG A 80 9.05 -19.86 -1.52
C ARG A 80 9.55 -20.94 -2.47
N ILE A 81 8.89 -21.07 -3.62
CA ILE A 81 9.33 -22.02 -4.64
C ILE A 81 10.70 -21.62 -5.18
N ALA A 82 10.89 -20.33 -5.42
CA ALA A 82 12.15 -19.82 -5.93
C ALA A 82 13.18 -19.71 -4.81
N GLU A 83 12.69 -19.67 -3.58
CA GLU A 83 13.55 -19.65 -2.41
C GLU A 83 14.09 -21.04 -2.12
N SER A 84 13.50 -22.05 -2.75
CA SER A 84 13.98 -23.41 -2.63
C SER A 84 14.94 -23.74 -3.76
N ASN A 85 14.55 -23.36 -4.98
CA ASN A 85 15.40 -23.55 -6.14
C ASN A 85 15.50 -22.23 -6.87
N HIS A 86 16.73 -21.80 -7.12
CA HIS A 86 16.97 -20.54 -7.83
C HIS A 86 16.55 -20.67 -9.29
N ILE A 87 15.24 -20.70 -9.51
CA ILE A 87 14.68 -20.85 -10.85
C ILE A 87 14.14 -19.52 -11.37
N LYS A 88 13.98 -19.45 -12.67
CA LYS A 88 13.44 -18.26 -13.32
C LYS A 88 11.94 -18.41 -13.51
N LEU A 89 11.22 -18.26 -12.39
CA LEU A 89 9.75 -18.45 -12.30
C LEU A 89 9.04 -18.34 -13.65
N SER A 90 8.68 -17.12 -14.04
CA SER A 90 8.02 -16.91 -15.32
C SER A 90 8.88 -16.04 -16.23
N GLY A 91 10.19 -16.14 -16.07
CA GLY A 91 11.12 -15.33 -16.85
C GLY A 91 11.21 -13.92 -16.33
N SER A 92 10.08 -13.23 -16.30
CA SER A 92 10.00 -11.89 -15.75
C SER A 92 8.73 -11.77 -14.90
N ASN A 93 8.29 -10.55 -14.66
CA ASN A 93 7.04 -10.32 -13.93
C ASN A 93 5.90 -10.19 -14.92
N PRO A 94 5.05 -11.22 -15.05
CA PRO A 94 3.96 -11.23 -16.04
C PRO A 94 2.90 -10.17 -15.75
N TYR A 95 2.30 -10.23 -14.57
CA TYR A 95 1.26 -9.28 -14.19
C TYR A 95 1.71 -8.53 -12.94
N THR A 96 2.47 -9.23 -12.10
CA THR A 96 2.93 -8.70 -10.85
C THR A 96 4.15 -7.79 -11.02
N THR A 97 3.92 -6.61 -11.58
CA THR A 97 4.94 -5.57 -11.61
C THR A 97 5.22 -5.08 -10.19
N VAL A 98 4.16 -5.04 -9.41
CA VAL A 98 4.22 -4.68 -8.00
C VAL A 98 5.04 -5.70 -7.21
N THR A 99 6.07 -5.21 -6.53
CA THR A 99 6.92 -6.06 -5.73
C THR A 99 6.57 -5.93 -4.25
N PRO A 100 7.08 -6.83 -3.41
CA PRO A 100 6.94 -6.73 -1.95
C PRO A 100 7.57 -5.44 -1.43
N GLN A 101 8.64 -5.03 -2.10
CA GLN A 101 9.35 -3.82 -1.71
C GLN A 101 8.51 -2.61 -2.02
N ILE A 102 7.90 -2.61 -3.20
CA ILE A 102 7.02 -1.53 -3.61
C ILE A 102 5.90 -1.34 -2.59
N ILE A 103 5.21 -2.42 -2.24
CA ILE A 103 4.06 -2.33 -1.34
C ILE A 103 4.49 -2.05 0.10
N ASN A 104 5.59 -2.63 0.55
CA ASN A 104 6.02 -2.48 1.93
C ASN A 104 6.65 -1.11 2.18
N SER A 105 7.59 -0.73 1.32
CA SER A 105 8.30 0.53 1.48
C SER A 105 7.37 1.72 1.23
N LYS A 106 6.38 1.55 0.37
CA LYS A 106 5.40 2.60 0.12
C LYS A 106 4.48 2.76 1.31
N TRP A 107 4.18 1.66 1.98
CA TRP A 107 3.39 1.70 3.21
C TRP A 107 4.14 2.50 4.28
N GLU A 108 5.43 2.21 4.41
CA GLU A 108 6.27 2.89 5.37
C GLU A 108 6.40 4.37 5.01
N LYS A 109 6.39 4.65 3.71
CA LYS A 109 6.41 6.02 3.21
C LYS A 109 5.10 6.72 3.55
N VAL A 110 4.01 5.98 3.47
CA VAL A 110 2.69 6.50 3.83
C VAL A 110 2.67 6.86 5.31
N GLN A 111 3.12 5.92 6.15
CA GLN A 111 3.17 6.13 7.59
C GLN A 111 4.08 7.29 7.96
N GLN A 112 5.18 7.41 7.23
CA GLN A 112 6.17 8.46 7.51
C GLN A 112 5.70 9.82 7.00
N LEU A 113 4.56 9.85 6.31
CA LEU A 113 3.98 11.12 5.86
C LEU A 113 2.82 11.52 6.75
N VAL A 114 2.46 10.62 7.64
CA VAL A 114 1.31 10.81 8.51
C VAL A 114 1.56 11.86 9.60
N PRO A 115 2.66 11.76 10.39
CA PRO A 115 2.95 12.70 11.48
C PRO A 115 3.06 14.15 11.01
N LYS A 116 3.79 14.39 9.93
CA LYS A 116 3.97 15.74 9.41
C LYS A 116 2.62 16.37 9.05
N ARG A 117 1.71 15.55 8.53
CA ARG A 117 0.38 16.04 8.17
C ARG A 117 -0.47 16.22 9.42
N ASP A 118 -0.33 15.31 10.36
CA ASP A 118 -1.05 15.40 11.63
C ASP A 118 -0.66 16.66 12.37
N HIS A 119 0.58 17.09 12.17
CA HIS A 119 1.10 18.28 12.82
C HIS A 119 0.62 19.53 12.10
N ALA A 120 0.68 19.49 10.78
CA ALA A 120 0.22 20.61 9.96
C ALA A 120 -1.28 20.82 10.13
N LEU A 121 -2.01 19.73 10.27
CA LEU A 121 -3.46 19.80 10.48
C LEU A 121 -3.77 20.53 11.78
N LEU A 122 -3.06 20.14 12.84
CA LEU A 122 -3.22 20.79 14.13
C LEU A 122 -2.83 22.26 14.07
N GLU A 123 -1.80 22.56 13.29
CA GLU A 123 -1.36 23.94 13.09
C GLU A 123 -2.50 24.78 12.53
N GLU A 124 -3.14 24.28 11.48
CA GLU A 124 -4.21 25.02 10.81
C GLU A 124 -5.47 25.07 11.65
N GLN A 125 -5.83 23.95 12.28
CA GLN A 125 -7.06 23.89 13.07
C GLN A 125 -7.01 24.87 14.24
N SER A 126 -5.82 25.17 14.72
CA SER A 126 -5.65 26.12 15.81
C SER A 126 -5.40 27.52 15.27
N LYS A 127 -5.29 27.62 13.94
CA LYS A 127 -5.14 28.90 13.29
C LYS A 127 -6.47 29.37 12.74
N GLN A 128 -7.50 28.58 12.96
CA GLN A 128 -8.84 28.91 12.54
C GLN A 128 -9.55 29.74 13.62
N GLN A 129 -10.78 29.39 13.91
CA GLN A 129 -11.58 30.12 14.88
C GLN A 129 -12.29 29.15 15.80
N GLY A 1 4.71 -30.72 -18.44
CA GLY A 1 5.34 -31.51 -17.35
C GLY A 1 5.03 -30.94 -15.98
N SER A 2 6.05 -30.70 -15.19
CA SER A 2 5.88 -30.17 -13.85
C SER A 2 6.33 -28.71 -13.77
N THR A 3 7.40 -28.39 -14.49
CA THR A 3 8.01 -27.06 -14.41
C THR A 3 7.02 -25.95 -14.76
N GLU A 4 6.34 -26.09 -15.90
CA GLU A 4 5.47 -25.03 -16.39
C GLU A 4 4.12 -25.04 -15.69
N LYS A 5 3.90 -26.04 -14.87
CA LYS A 5 2.66 -26.13 -14.10
C LYS A 5 2.88 -25.61 -12.70
N GLN A 6 4.07 -25.88 -12.18
CA GLN A 6 4.44 -25.40 -10.86
C GLN A 6 4.58 -23.88 -10.88
N LEU A 7 4.91 -23.33 -12.04
CA LEU A 7 4.98 -21.87 -12.19
C LEU A 7 3.61 -21.33 -12.58
N GLU A 8 2.85 -22.14 -13.31
CA GLU A 8 1.50 -21.75 -13.73
C GLU A 8 0.57 -21.65 -12.54
N ALA A 9 0.72 -22.58 -11.61
CA ALA A 9 -0.13 -22.62 -10.43
C ALA A 9 0.17 -21.43 -9.54
N ILE A 10 1.44 -21.08 -9.44
CA ILE A 10 1.85 -19.97 -8.61
C ILE A 10 1.71 -18.64 -9.36
N ASP A 11 1.40 -18.72 -10.65
CA ASP A 11 1.15 -17.51 -11.44
C ASP A 11 -0.30 -17.10 -11.33
N GLN A 12 -1.17 -18.05 -11.00
CA GLN A 12 -2.57 -17.77 -10.77
C GLN A 12 -2.72 -17.44 -9.31
N LEU A 13 -1.69 -17.82 -8.59
CA LEU A 13 -1.48 -17.39 -7.23
C LEU A 13 -0.94 -15.96 -7.26
N HIS A 14 -0.03 -15.70 -8.21
CA HIS A 14 0.44 -14.35 -8.49
C HIS A 14 -0.74 -13.44 -8.79
N LEU A 15 -1.76 -14.03 -9.39
CA LEU A 15 -2.97 -13.32 -9.76
C LEU A 15 -3.59 -12.61 -8.57
N GLU A 16 -3.68 -13.32 -7.45
CA GLU A 16 -4.27 -12.76 -6.24
C GLU A 16 -3.38 -11.67 -5.66
N TYR A 17 -2.09 -11.81 -5.88
CA TYR A 17 -1.14 -10.79 -5.44
C TYR A 17 -1.33 -9.55 -6.29
N ALA A 18 -1.41 -9.76 -7.60
CA ALA A 18 -1.59 -8.66 -8.54
C ALA A 18 -3.02 -8.10 -8.46
N LYS A 19 -3.90 -8.81 -7.78
CA LYS A 19 -5.26 -8.33 -7.59
C LYS A 19 -5.37 -7.51 -6.32
N ARG A 20 -4.56 -7.83 -5.32
CA ARG A 20 -4.61 -7.14 -4.05
C ARG A 20 -3.59 -6.00 -3.98
N ALA A 21 -2.39 -6.26 -4.47
CA ALA A 21 -1.33 -5.27 -4.43
C ALA A 21 -1.61 -4.13 -5.41
N ALA A 22 -2.55 -4.36 -6.32
CA ALA A 22 -2.83 -3.36 -7.35
C ALA A 22 -3.61 -2.17 -6.80
N PRO A 23 -4.77 -2.40 -6.14
CA PRO A 23 -5.51 -1.33 -5.49
C PRO A 23 -4.79 -0.81 -4.27
N PHE A 24 -3.99 -1.67 -3.67
CA PHE A 24 -3.19 -1.29 -2.51
C PHE A 24 -2.09 -0.31 -2.92
N ASN A 25 -1.46 -0.58 -4.05
CA ASN A 25 -0.42 0.31 -4.57
C ASN A 25 -1.04 1.61 -5.02
N ASN A 26 -2.28 1.50 -5.49
CA ASN A 26 -3.02 2.67 -5.95
C ASN A 26 -3.42 3.52 -4.75
N TRP A 27 -3.76 2.84 -3.68
CA TRP A 27 -4.09 3.48 -2.40
C TRP A 27 -2.86 4.21 -1.88
N MET A 28 -1.71 3.52 -1.93
CA MET A 28 -0.46 4.08 -1.47
C MET A 28 -0.05 5.31 -2.27
N GLU A 29 -0.28 5.26 -3.57
CA GLU A 29 0.00 6.41 -4.43
C GLU A 29 -0.80 7.61 -3.99
N SER A 30 -2.10 7.40 -3.79
CA SER A 30 -2.98 8.44 -3.31
C SER A 30 -2.55 8.92 -1.93
N ALA A 31 -2.24 7.98 -1.04
CA ALA A 31 -1.89 8.30 0.34
C ALA A 31 -0.57 9.06 0.43
N MET A 32 0.46 8.55 -0.24
CA MET A 32 1.78 9.16 -0.20
C MET A 32 1.76 10.56 -0.81
N GLU A 33 0.88 10.76 -1.77
CA GLU A 33 0.77 12.03 -2.44
C GLU A 33 -0.14 12.97 -1.66
N ASP A 34 -1.23 12.41 -1.12
CA ASP A 34 -2.19 13.18 -0.34
C ASP A 34 -1.51 13.79 0.88
N LEU A 35 -0.72 12.97 1.56
CA LEU A 35 -0.08 13.37 2.80
C LEU A 35 1.02 14.39 2.54
N GLN A 36 1.55 14.38 1.33
CA GLN A 36 2.62 15.28 0.95
C GLN A 36 2.07 16.59 0.37
N ASP A 37 0.85 16.53 -0.14
CA ASP A 37 0.23 17.68 -0.78
C ASP A 37 -0.26 18.68 0.23
N MET A 38 -0.38 19.93 -0.20
CA MET A 38 -0.79 21.02 0.69
C MET A 38 -2.29 21.25 0.59
N PHE A 39 -2.91 21.43 1.74
CA PHE A 39 -4.34 21.68 1.80
C PHE A 39 -4.61 23.17 2.02
N ILE A 40 -5.56 23.69 1.29
CA ILE A 40 -6.01 25.06 1.49
C ILE A 40 -7.49 25.05 1.85
N VAL A 41 -7.86 25.87 2.83
CA VAL A 41 -9.22 25.88 3.34
C VAL A 41 -9.81 27.28 3.29
N HIS A 42 -11.13 27.36 3.25
CA HIS A 42 -11.83 28.63 3.20
C HIS A 42 -12.65 28.83 4.47
N THR A 43 -13.24 27.74 4.92
CA THR A 43 -14.12 27.77 6.08
C THR A 43 -13.74 26.68 7.06
N ILE A 44 -14.36 26.70 8.24
CA ILE A 44 -14.07 25.72 9.27
C ILE A 44 -14.74 24.38 8.94
N GLU A 45 -15.81 24.47 8.15
CA GLU A 45 -16.55 23.30 7.72
C GLU A 45 -15.66 22.30 6.99
N GLU A 46 -14.86 22.80 6.04
CA GLU A 46 -13.94 21.92 5.30
C GLU A 46 -12.74 21.58 6.15
N ILE A 47 -12.43 22.46 7.10
CA ILE A 47 -11.28 22.26 7.97
C ILE A 47 -11.50 21.03 8.86
N GLU A 48 -12.73 20.83 9.32
CA GLU A 48 -13.06 19.68 10.15
C GLU A 48 -13.11 18.42 9.30
N GLY A 49 -13.48 18.59 8.03
CA GLY A 49 -13.54 17.47 7.11
C GLY A 49 -12.16 17.02 6.74
N LEU A 50 -11.27 17.99 6.57
CA LEU A 50 -9.86 17.75 6.33
C LEU A 50 -9.28 16.83 7.39
N ILE A 51 -9.60 17.14 8.65
CA ILE A 51 -9.10 16.33 9.77
C ILE A 51 -9.72 14.94 9.78
N SER A 52 -11.04 14.88 9.59
CA SER A 52 -11.75 13.61 9.60
C SER A 52 -11.20 12.66 8.54
N ALA A 53 -10.89 13.20 7.36
CA ALA A 53 -10.35 12.39 6.28
C ALA A 53 -9.02 11.75 6.67
N HIS A 54 -8.27 12.45 7.50
CA HIS A 54 -6.99 11.95 8.00
C HIS A 54 -7.21 11.03 9.20
N ASP A 55 -8.22 11.35 9.99
CA ASP A 55 -8.55 10.57 11.18
C ASP A 55 -9.05 9.19 10.80
N GLN A 56 -9.95 9.14 9.82
CA GLN A 56 -10.47 7.88 9.32
C GLN A 56 -9.38 7.13 8.58
N PHE A 57 -8.42 7.87 8.05
CA PHE A 57 -7.28 7.29 7.37
C PHE A 57 -6.40 6.56 8.39
N LYS A 58 -6.29 7.17 9.56
CA LYS A 58 -5.60 6.58 10.69
C LYS A 58 -6.26 5.25 11.10
N SER A 59 -7.55 5.12 10.82
CA SER A 59 -8.30 3.94 11.21
C SER A 59 -8.28 2.90 10.10
N THR A 60 -8.06 3.33 8.88
CA THR A 60 -7.98 2.43 7.74
C THR A 60 -6.60 1.77 7.70
N LEU A 61 -5.63 2.40 8.35
CA LEU A 61 -4.25 1.93 8.35
C LEU A 61 -4.12 0.50 8.89
N PRO A 62 -4.58 0.22 10.14
CA PRO A 62 -4.45 -1.12 10.73
C PRO A 62 -5.03 -2.24 9.85
N ASP A 63 -6.09 -1.92 9.11
CA ASP A 63 -6.72 -2.89 8.22
C ASP A 63 -5.86 -3.13 6.99
N ALA A 64 -5.41 -2.04 6.39
CA ALA A 64 -4.57 -2.12 5.19
C ALA A 64 -3.21 -2.73 5.53
N ASP A 65 -2.76 -2.50 6.77
CA ASP A 65 -1.51 -3.07 7.26
C ASP A 65 -1.56 -4.58 7.20
N ARG A 66 -2.68 -5.15 7.64
CA ARG A 66 -2.86 -6.58 7.64
C ARG A 66 -2.89 -7.14 6.21
N GLU A 67 -3.47 -6.37 5.30
CA GLU A 67 -3.51 -6.75 3.89
C GLU A 67 -2.11 -6.86 3.33
N ARG A 68 -1.23 -5.93 3.71
CA ARG A 68 0.15 -5.93 3.24
C ARG A 68 0.86 -7.21 3.64
N GLU A 69 0.62 -7.67 4.87
CA GLU A 69 1.24 -8.91 5.34
C GLU A 69 0.57 -10.11 4.68
N ALA A 70 -0.74 -10.01 4.49
CA ALA A 70 -1.51 -11.08 3.84
C ALA A 70 -1.16 -11.18 2.36
N ILE A 71 -0.51 -10.14 1.85
CA ILE A 71 -0.13 -10.08 0.46
C ILE A 71 1.22 -10.77 0.29
N LEU A 72 2.09 -10.57 1.29
CA LEU A 72 3.35 -11.28 1.34
C LEU A 72 3.09 -12.74 1.60
N ALA A 73 1.95 -13.03 2.22
CA ALA A 73 1.54 -14.40 2.48
C ALA A 73 1.26 -15.14 1.17
N ILE A 74 0.74 -14.41 0.19
CA ILE A 74 0.53 -14.95 -1.15
C ILE A 74 1.87 -15.16 -1.83
N HIS A 75 2.75 -14.17 -1.70
CA HIS A 75 4.06 -14.20 -2.32
C HIS A 75 4.92 -15.32 -1.71
N LYS A 76 4.53 -15.80 -0.56
CA LYS A 76 5.25 -16.88 0.09
C LYS A 76 5.25 -18.12 -0.80
N GLU A 77 4.09 -18.48 -1.31
CA GLU A 77 3.98 -19.67 -2.15
C GLU A 77 4.38 -19.34 -3.57
N ALA A 78 4.24 -18.08 -3.94
CA ALA A 78 4.52 -17.62 -5.28
C ALA A 78 5.99 -17.23 -5.46
N GLN A 79 6.76 -17.32 -4.39
CA GLN A 79 8.19 -17.01 -4.47
C GLN A 79 9.03 -18.17 -3.98
N ARG A 80 8.54 -18.91 -2.98
CA ARG A 80 9.31 -19.99 -2.37
C ARG A 80 9.72 -21.04 -3.39
N ILE A 81 8.93 -21.17 -4.46
CA ILE A 81 9.28 -22.09 -5.54
C ILE A 81 10.61 -21.70 -6.18
N ALA A 82 10.78 -20.40 -6.41
CA ALA A 82 11.99 -19.90 -7.04
C ALA A 82 13.11 -19.79 -6.00
N GLU A 83 12.71 -19.74 -4.74
CA GLU A 83 13.67 -19.68 -3.64
C GLU A 83 14.18 -21.08 -3.31
N SER A 84 13.52 -22.10 -3.84
CA SER A 84 13.98 -23.48 -3.69
C SER A 84 14.72 -23.94 -4.94
N ASN A 85 14.16 -23.63 -6.10
CA ASN A 85 14.79 -23.95 -7.36
C ASN A 85 14.89 -22.69 -8.18
N HIS A 86 16.08 -22.37 -8.66
CA HIS A 86 16.31 -21.16 -9.44
C HIS A 86 15.75 -21.32 -10.85
N ILE A 87 14.44 -21.50 -10.94
CA ILE A 87 13.78 -21.65 -12.21
C ILE A 87 13.63 -20.31 -12.90
N LYS A 88 13.51 -20.35 -14.21
CA LYS A 88 13.37 -19.16 -15.02
C LYS A 88 11.91 -18.76 -15.09
N LEU A 89 11.47 -18.07 -14.05
CA LEU A 89 10.12 -17.52 -13.99
C LEU A 89 9.79 -16.69 -15.23
N SER A 90 8.50 -16.46 -15.45
CA SER A 90 8.01 -15.74 -16.62
C SER A 90 8.58 -14.32 -16.70
N GLY A 91 9.65 -14.16 -17.49
CA GLY A 91 10.28 -12.87 -17.63
C GLY A 91 10.96 -12.42 -16.35
N SER A 92 10.27 -11.59 -15.60
CA SER A 92 10.75 -11.13 -14.31
C SER A 92 9.56 -10.87 -13.40
N ASN A 93 8.60 -10.11 -13.91
CA ASN A 93 7.34 -9.88 -13.23
C ASN A 93 6.20 -10.02 -14.21
N PRO A 94 5.45 -11.14 -14.14
CA PRO A 94 4.32 -11.39 -15.02
C PRO A 94 3.23 -10.32 -14.86
N TYR A 95 2.62 -10.30 -13.68
CA TYR A 95 1.63 -9.28 -13.35
C TYR A 95 2.05 -8.57 -12.08
N THR A 96 2.84 -9.28 -11.28
CA THR A 96 3.30 -8.80 -10.01
C THR A 96 4.65 -8.09 -10.13
N THR A 97 4.63 -6.90 -10.69
CA THR A 97 5.82 -6.05 -10.73
C THR A 97 5.99 -5.42 -9.35
N VAL A 98 4.87 -5.08 -8.76
CA VAL A 98 4.80 -4.63 -7.38
C VAL A 98 5.49 -5.64 -6.47
N THR A 99 6.65 -5.26 -5.94
CA THR A 99 7.45 -6.15 -5.14
C THR A 99 7.20 -5.93 -3.66
N PRO A 100 7.50 -6.94 -2.81
CA PRO A 100 7.34 -6.85 -1.36
C PRO A 100 7.98 -5.60 -0.77
N GLN A 101 9.17 -5.27 -1.26
CA GLN A 101 9.89 -4.09 -0.78
C GLN A 101 9.17 -2.82 -1.19
N ILE A 102 8.63 -2.84 -2.40
CA ILE A 102 7.92 -1.69 -2.94
C ILE A 102 6.69 -1.37 -2.09
N ILE A 103 6.04 -2.39 -1.59
CA ILE A 103 4.82 -2.19 -0.79
C ILE A 103 5.15 -1.94 0.67
N ASN A 104 6.19 -2.57 1.18
CA ASN A 104 6.57 -2.43 2.59
C ASN A 104 7.20 -1.08 2.86
N SER A 105 8.17 -0.70 2.04
CA SER A 105 8.86 0.57 2.21
C SER A 105 7.92 1.75 1.94
N LYS A 106 6.99 1.56 1.00
CA LYS A 106 6.00 2.57 0.71
C LYS A 106 5.10 2.80 1.92
N TRP A 107 4.61 1.69 2.48
CA TRP A 107 3.80 1.74 3.69
C TRP A 107 4.54 2.47 4.80
N GLU A 108 5.82 2.14 4.94
CA GLU A 108 6.66 2.71 5.98
C GLU A 108 6.71 4.23 5.87
N LYS A 109 6.86 4.72 4.65
CA LYS A 109 6.97 6.16 4.43
C LYS A 109 5.60 6.82 4.55
N VAL A 110 4.55 6.08 4.24
CA VAL A 110 3.18 6.57 4.43
C VAL A 110 2.92 6.82 5.91
N GLN A 111 3.38 5.89 6.74
CA GLN A 111 3.20 5.98 8.19
C GLN A 111 3.85 7.23 8.77
N GLN A 112 5.07 7.51 8.32
CA GLN A 112 5.84 8.61 8.87
C GLN A 112 5.32 9.96 8.38
N LEU A 113 4.46 9.94 7.36
CA LEU A 113 3.88 11.16 6.82
C LEU A 113 2.59 11.51 7.56
N VAL A 114 2.04 10.52 8.26
CA VAL A 114 0.77 10.69 8.97
C VAL A 114 0.84 11.81 10.02
N PRO A 115 1.77 11.73 10.99
CA PRO A 115 1.87 12.72 12.08
C PRO A 115 2.16 14.13 11.58
N LYS A 116 2.98 14.23 10.54
CA LYS A 116 3.34 15.53 9.97
C LYS A 116 2.11 16.24 9.44
N ARG A 117 1.29 15.52 8.69
CA ARG A 117 0.07 16.08 8.12
C ARG A 117 -0.95 16.34 9.22
N ASP A 118 -0.97 15.49 10.23
CA ASP A 118 -1.91 15.67 11.35
C ASP A 118 -1.59 16.96 12.09
N HIS A 119 -0.31 17.31 12.11
CA HIS A 119 0.14 18.49 12.84
C HIS A 119 -0.20 19.74 12.05
N ALA A 120 0.02 19.69 10.74
CA ALA A 120 -0.29 20.82 9.88
C ALA A 120 -1.79 21.08 9.85
N LEU A 121 -2.57 20.01 9.91
CA LEU A 121 -4.02 20.11 9.86
C LEU A 121 -4.56 20.77 11.11
N LEU A 122 -4.19 20.24 12.27
CA LEU A 122 -4.72 20.72 13.54
C LEU A 122 -4.30 22.15 13.83
N GLU A 123 -3.10 22.52 13.39
CA GLU A 123 -2.61 23.88 13.60
C GLU A 123 -3.54 24.89 12.94
N GLU A 124 -3.83 24.69 11.66
CA GLU A 124 -4.66 25.60 10.91
C GLU A 124 -6.13 25.46 11.30
N GLN A 125 -6.55 24.24 11.62
CA GLN A 125 -7.94 23.98 12.00
C GLN A 125 -8.30 24.77 13.26
N SER A 126 -7.32 24.98 14.12
CA SER A 126 -7.56 25.71 15.35
C SER A 126 -7.38 27.22 15.14
N LYS A 127 -7.21 27.61 13.88
CA LYS A 127 -7.12 29.02 13.53
C LYS A 127 -8.37 29.46 12.79
N GLN A 128 -9.16 28.49 12.37
CA GLN A 128 -10.34 28.78 11.55
C GLN A 128 -11.55 29.07 12.42
N GLN A 129 -11.71 28.27 13.44
CA GLN A 129 -12.82 28.42 14.37
C GLN A 129 -12.29 28.57 15.79
N GLY A 1 10.25 -31.17 -16.03
CA GLY A 1 9.19 -32.19 -15.93
C GLY A 1 7.89 -31.63 -15.43
N SER A 2 7.90 -31.09 -14.21
CA SER A 2 6.71 -30.48 -13.63
C SER A 2 6.92 -29.00 -13.41
N THR A 3 8.04 -28.47 -13.89
CA THR A 3 8.42 -27.09 -13.66
C THR A 3 7.33 -26.10 -14.10
N GLU A 4 6.72 -26.38 -15.25
CA GLU A 4 5.72 -25.47 -15.81
C GLU A 4 4.44 -25.47 -15.00
N LYS A 5 4.23 -26.51 -14.22
CA LYS A 5 3.03 -26.63 -13.42
C LYS A 5 3.31 -26.16 -12.01
N GLN A 6 4.57 -26.26 -11.62
CA GLN A 6 5.02 -25.72 -10.35
C GLN A 6 4.97 -24.20 -10.40
N LEU A 7 5.35 -23.65 -11.54
CA LEU A 7 5.39 -22.21 -11.70
C LEU A 7 4.01 -21.66 -12.07
N GLU A 8 3.22 -22.45 -12.77
CA GLU A 8 1.88 -22.02 -13.18
C GLU A 8 0.92 -22.08 -12.00
N ALA A 9 1.18 -22.97 -11.06
CA ALA A 9 0.34 -23.08 -9.88
C ALA A 9 0.49 -21.83 -9.04
N ILE A 10 1.72 -21.36 -8.92
CA ILE A 10 2.00 -20.16 -8.19
C ILE A 10 1.78 -18.93 -9.07
N ASP A 11 1.50 -19.18 -10.35
CA ASP A 11 1.11 -18.11 -11.26
C ASP A 11 -0.37 -17.85 -11.16
N GLN A 12 -1.10 -18.81 -10.61
CA GLN A 12 -2.52 -18.63 -10.36
C GLN A 12 -2.65 -18.01 -9.00
N LEU A 13 -1.67 -18.35 -8.19
CA LEU A 13 -1.45 -17.72 -6.91
C LEU A 13 -1.05 -16.26 -7.13
N HIS A 14 -0.25 -16.04 -8.17
CA HIS A 14 0.21 -14.71 -8.57
C HIS A 14 -0.97 -13.77 -8.76
N LEU A 15 -2.10 -14.32 -9.20
CA LEU A 15 -3.30 -13.53 -9.44
C LEU A 15 -3.79 -12.86 -8.16
N GLU A 16 -3.74 -13.57 -7.05
CA GLU A 16 -4.21 -13.03 -5.78
C GLU A 16 -3.31 -11.90 -5.33
N TYR A 17 -2.04 -11.98 -5.69
CA TYR A 17 -1.12 -10.90 -5.38
C TYR A 17 -1.46 -9.71 -6.25
N ALA A 18 -1.64 -9.96 -7.53
CA ALA A 18 -1.95 -8.92 -8.48
C ALA A 18 -3.30 -8.27 -8.20
N LYS A 19 -4.24 -9.06 -7.68
CA LYS A 19 -5.58 -8.56 -7.49
C LYS A 19 -5.71 -7.80 -6.18
N ARG A 20 -4.69 -7.91 -5.35
CA ARG A 20 -4.68 -7.20 -4.08
C ARG A 20 -3.66 -6.07 -4.09
N ALA A 21 -2.51 -6.32 -4.68
CA ALA A 21 -1.47 -5.30 -4.76
C ALA A 21 -1.85 -4.20 -5.74
N ALA A 22 -2.83 -4.47 -6.60
CA ALA A 22 -3.21 -3.49 -7.61
C ALA A 22 -3.95 -2.31 -6.99
N PRO A 23 -5.09 -2.53 -6.31
CA PRO A 23 -5.80 -1.45 -5.64
C PRO A 23 -5.02 -0.92 -4.45
N PHE A 24 -4.13 -1.75 -3.91
CA PHE A 24 -3.31 -1.35 -2.80
C PHE A 24 -2.23 -0.37 -3.24
N ASN A 25 -1.64 -0.64 -4.39
CA ASN A 25 -0.58 0.24 -4.91
C ASN A 25 -1.19 1.52 -5.44
N ASN A 26 -2.47 1.46 -5.74
CA ASN A 26 -3.23 2.63 -6.12
C ASN A 26 -3.54 3.43 -4.86
N TRP A 27 -3.97 2.71 -3.84
CA TRP A 27 -4.34 3.29 -2.55
C TRP A 27 -3.15 4.05 -1.95
N MET A 28 -2.02 3.37 -1.88
CA MET A 28 -0.81 3.94 -1.31
C MET A 28 -0.43 5.25 -2.00
N GLU A 29 -0.55 5.27 -3.32
CA GLU A 29 -0.17 6.45 -4.09
C GLU A 29 -1.16 7.59 -3.87
N SER A 30 -2.45 7.30 -3.88
CA SER A 30 -3.47 8.32 -3.65
C SER A 30 -3.38 8.84 -2.22
N ALA A 31 -3.12 7.94 -1.28
CA ALA A 31 -3.00 8.29 0.13
C ALA A 31 -1.74 9.10 0.39
N MET A 32 -0.63 8.66 -0.21
CA MET A 32 0.64 9.36 -0.07
C MET A 32 0.57 10.73 -0.74
N GLU A 33 -0.25 10.83 -1.77
CA GLU A 33 -0.48 12.09 -2.46
C GLU A 33 -1.22 13.04 -1.54
N ASP A 34 -2.27 12.53 -0.90
CA ASP A 34 -3.05 13.32 0.06
C ASP A 34 -2.15 13.77 1.20
N LEU A 35 -1.31 12.86 1.67
CA LEU A 35 -0.43 13.15 2.78
C LEU A 35 0.64 14.18 2.40
N GLN A 36 1.06 14.13 1.14
CA GLN A 36 2.11 15.01 0.64
C GLN A 36 1.55 16.38 0.27
N ASP A 37 0.32 16.38 -0.25
CA ASP A 37 -0.30 17.61 -0.75
C ASP A 37 -0.52 18.62 0.36
N MET A 38 -0.27 19.88 0.05
CA MET A 38 -0.49 20.94 1.00
C MET A 38 -1.93 21.42 0.89
N PHE A 39 -2.69 21.15 1.92
CA PHE A 39 -4.09 21.54 1.95
C PHE A 39 -4.23 23.02 2.28
N ILE A 40 -5.10 23.71 1.57
CA ILE A 40 -5.38 25.09 1.88
C ILE A 40 -6.79 25.22 2.44
N VAL A 41 -6.93 25.95 3.52
CA VAL A 41 -8.22 26.14 4.15
C VAL A 41 -8.51 27.63 4.29
N HIS A 42 -9.79 27.96 4.27
CA HIS A 42 -10.23 29.34 4.43
C HIS A 42 -11.10 29.46 5.66
N THR A 43 -11.97 28.48 5.84
CA THR A 43 -12.93 28.48 6.92
C THR A 43 -12.82 27.20 7.75
N ILE A 44 -13.54 27.18 8.87
CA ILE A 44 -13.53 26.03 9.76
C ILE A 44 -14.25 24.85 9.10
N GLU A 45 -15.18 25.16 8.20
CA GLU A 45 -15.92 24.16 7.45
C GLU A 45 -14.97 23.17 6.77
N GLU A 46 -13.92 23.70 6.16
CA GLU A 46 -12.96 22.87 5.45
C GLU A 46 -12.10 22.06 6.42
N ILE A 47 -11.74 22.65 7.56
CA ILE A 47 -10.92 21.93 8.54
C ILE A 47 -11.76 20.83 9.20
N GLU A 48 -13.07 20.97 9.13
CA GLU A 48 -13.98 19.93 9.56
C GLU A 48 -14.24 18.94 8.42
N GLY A 49 -13.45 19.10 7.35
CA GLY A 49 -13.57 18.23 6.20
C GLY A 49 -12.30 17.43 5.94
N LEU A 50 -11.20 18.14 5.64
CA LEU A 50 -9.95 17.45 5.27
C LEU A 50 -9.24 16.85 6.49
N ILE A 51 -9.76 17.09 7.68
CA ILE A 51 -9.21 16.50 8.89
C ILE A 51 -9.88 15.15 9.14
N SER A 52 -11.19 15.10 8.97
CA SER A 52 -11.95 13.87 9.15
C SER A 52 -11.51 12.81 8.14
N ALA A 53 -11.09 13.27 6.96
CA ALA A 53 -10.54 12.40 5.94
C ALA A 53 -9.29 11.69 6.44
N HIS A 54 -8.51 12.39 7.26
CA HIS A 54 -7.30 11.85 7.84
C HIS A 54 -7.62 11.04 9.08
N ASP A 55 -8.74 11.34 9.71
CA ASP A 55 -9.20 10.59 10.87
C ASP A 55 -9.62 9.19 10.43
N GLN A 56 -10.46 9.12 9.41
CA GLN A 56 -10.90 7.86 8.85
C GLN A 56 -9.73 7.14 8.20
N PHE A 57 -8.72 7.90 7.81
CA PHE A 57 -7.50 7.35 7.26
C PHE A 57 -6.81 6.46 8.29
N LYS A 58 -6.94 6.85 9.55
CA LYS A 58 -6.39 6.06 10.66
C LYS A 58 -7.19 4.79 10.87
N SER A 59 -8.39 4.77 10.32
CA SER A 59 -9.27 3.62 10.44
C SER A 59 -9.02 2.63 9.29
N THR A 60 -8.66 3.17 8.13
CA THR A 60 -8.32 2.32 6.99
C THR A 60 -6.94 1.67 7.17
N LEU A 61 -6.09 2.32 7.96
CA LEU A 61 -4.72 1.85 8.17
C LEU A 61 -4.65 0.41 8.71
N PRO A 62 -5.31 0.10 9.85
CA PRO A 62 -5.22 -1.24 10.46
C PRO A 62 -5.58 -2.38 9.51
N ASP A 63 -6.50 -2.13 8.60
CA ASP A 63 -6.92 -3.17 7.66
C ASP A 63 -5.94 -3.28 6.51
N ALA A 64 -5.55 -2.13 5.95
CA ALA A 64 -4.59 -2.11 4.85
C ALA A 64 -3.23 -2.63 5.30
N ASP A 65 -2.90 -2.37 6.57
CA ASP A 65 -1.68 -2.87 7.18
C ASP A 65 -1.70 -4.40 7.18
N ARG A 66 -2.81 -4.96 7.61
CA ARG A 66 -2.98 -6.41 7.64
C ARG A 66 -2.92 -6.99 6.23
N GLU A 67 -3.58 -6.31 5.29
CA GLU A 67 -3.63 -6.75 3.91
C GLU A 67 -2.23 -6.73 3.28
N ARG A 68 -1.42 -5.73 3.65
CA ARG A 68 -0.05 -5.63 3.14
C ARG A 68 0.74 -6.89 3.50
N GLU A 69 0.52 -7.39 4.71
CA GLU A 69 1.19 -8.61 5.15
C GLU A 69 0.56 -9.83 4.46
N ALA A 70 -0.74 -9.76 4.20
CA ALA A 70 -1.45 -10.82 3.52
C ALA A 70 -1.09 -10.86 2.03
N ILE A 71 -0.41 -9.82 1.58
CA ILE A 71 0.06 -9.73 0.21
C ILE A 71 1.45 -10.37 0.15
N LEU A 72 2.24 -10.10 1.18
CA LEU A 72 3.52 -10.74 1.33
C LEU A 72 3.32 -12.24 1.53
N ALA A 73 2.18 -12.59 2.12
CA ALA A 73 1.83 -13.98 2.36
C ALA A 73 1.68 -14.75 1.05
N ILE A 74 1.07 -14.10 0.06
CA ILE A 74 0.92 -14.71 -1.26
C ILE A 74 2.29 -14.95 -1.89
N HIS A 75 3.15 -13.95 -1.78
CA HIS A 75 4.46 -14.00 -2.40
C HIS A 75 5.36 -15.02 -1.72
N LYS A 76 4.99 -15.44 -0.53
CA LYS A 76 5.74 -16.47 0.18
C LYS A 76 5.76 -17.74 -0.65
N GLU A 77 4.58 -18.16 -1.07
CA GLU A 77 4.44 -19.37 -1.85
C GLU A 77 4.91 -19.13 -3.29
N ALA A 78 4.69 -17.91 -3.75
CA ALA A 78 5.02 -17.54 -5.12
C ALA A 78 6.50 -17.21 -5.27
N GLN A 79 7.23 -17.21 -4.17
CA GLN A 79 8.67 -16.97 -4.21
C GLN A 79 9.45 -18.19 -3.76
N ARG A 80 8.88 -18.92 -2.81
CA ARG A 80 9.55 -20.09 -2.24
C ARG A 80 9.95 -21.09 -3.31
N ILE A 81 9.19 -21.17 -4.38
CA ILE A 81 9.51 -22.06 -5.49
C ILE A 81 10.79 -21.61 -6.19
N ALA A 82 10.99 -20.30 -6.29
CA ALA A 82 12.16 -19.76 -6.96
C ALA A 82 13.35 -19.75 -6.02
N GLU A 83 13.07 -19.78 -4.72
CA GLU A 83 14.11 -19.84 -3.72
C GLU A 83 14.60 -21.29 -3.56
N SER A 84 13.77 -22.24 -3.99
CA SER A 84 14.14 -23.65 -3.93
C SER A 84 14.84 -24.08 -5.22
N ASN A 85 14.30 -23.65 -6.35
CA ASN A 85 14.92 -23.94 -7.63
C ASN A 85 15.26 -22.62 -8.30
N HIS A 86 16.51 -22.45 -8.68
CA HIS A 86 16.97 -21.21 -9.26
C HIS A 86 16.51 -21.09 -10.71
N ILE A 87 15.19 -21.02 -10.86
CA ILE A 87 14.57 -20.93 -12.18
C ILE A 87 14.38 -19.48 -12.61
N LYS A 88 13.78 -19.31 -13.78
CA LYS A 88 13.42 -17.99 -14.27
C LYS A 88 11.92 -17.94 -14.46
N LEU A 89 11.24 -17.48 -13.42
CA LEU A 89 9.78 -17.30 -13.43
C LEU A 89 9.32 -16.42 -14.59
N SER A 90 8.01 -16.26 -14.71
CA SER A 90 7.42 -15.40 -15.73
C SER A 90 7.79 -13.94 -15.46
N GLY A 91 8.94 -13.52 -15.99
CA GLY A 91 9.47 -12.22 -15.68
C GLY A 91 9.82 -12.11 -14.20
N SER A 92 9.78 -10.91 -13.67
CA SER A 92 9.90 -10.72 -12.23
C SER A 92 8.53 -10.94 -11.59
N ASN A 93 7.50 -10.64 -12.37
CA ASN A 93 6.11 -10.86 -11.99
C ASN A 93 5.24 -10.42 -13.15
N PRO A 94 4.49 -11.36 -13.74
CA PRO A 94 3.73 -11.10 -14.96
C PRO A 94 2.52 -10.18 -14.73
N TYR A 95 1.95 -10.27 -13.54
CA TYR A 95 0.72 -9.55 -13.26
C TYR A 95 0.98 -8.37 -12.34
N THR A 96 1.84 -8.58 -11.35
CA THR A 96 2.08 -7.57 -10.34
C THR A 96 3.57 -7.27 -10.23
N THR A 97 4.04 -6.32 -11.03
CA THR A 97 5.44 -5.93 -11.06
C THR A 97 5.91 -5.41 -9.70
N VAL A 98 4.95 -4.91 -8.92
CA VAL A 98 5.22 -4.42 -7.58
C VAL A 98 5.90 -5.51 -6.73
N THR A 99 7.01 -5.13 -6.11
CA THR A 99 7.76 -6.03 -5.26
C THR A 99 7.42 -5.79 -3.79
N PRO A 100 7.70 -6.78 -2.92
CA PRO A 100 7.44 -6.66 -1.48
C PRO A 100 8.05 -5.40 -0.87
N GLN A 101 9.28 -5.09 -1.29
CA GLN A 101 9.98 -3.93 -0.78
C GLN A 101 9.33 -2.65 -1.28
N ILE A 102 8.85 -2.69 -2.52
CA ILE A 102 8.20 -1.53 -3.12
C ILE A 102 6.94 -1.18 -2.34
N ILE A 103 6.16 -2.19 -1.96
CA ILE A 103 4.92 -1.97 -1.25
C ILE A 103 5.17 -1.69 0.25
N ASN A 104 6.18 -2.33 0.82
CA ASN A 104 6.47 -2.14 2.24
C ASN A 104 7.08 -0.76 2.48
N SER A 105 8.02 -0.37 1.63
CA SER A 105 8.63 0.97 1.73
C SER A 105 7.59 2.06 1.48
N LYS A 106 6.61 1.77 0.62
CA LYS A 106 5.53 2.71 0.37
C LYS A 106 4.69 2.92 1.62
N TRP A 107 4.36 1.83 2.29
CA TRP A 107 3.62 1.89 3.54
C TRP A 107 4.39 2.68 4.58
N GLU A 108 5.70 2.45 4.61
CA GLU A 108 6.57 3.14 5.56
C GLU A 108 6.53 4.65 5.30
N LYS A 109 6.51 5.03 4.03
CA LYS A 109 6.42 6.43 3.65
C LYS A 109 5.07 7.00 4.08
N VAL A 110 4.02 6.24 3.86
CA VAL A 110 2.68 6.64 4.29
C VAL A 110 2.65 6.86 5.80
N GLN A 111 3.17 5.89 6.54
CA GLN A 111 3.19 5.95 8.00
C GLN A 111 3.88 7.20 8.51
N GLN A 112 5.05 7.47 7.98
CA GLN A 112 5.87 8.60 8.45
C GLN A 112 5.27 9.94 8.04
N LEU A 113 4.35 9.92 7.08
CA LEU A 113 3.71 11.13 6.62
C LEU A 113 2.43 11.40 7.41
N VAL A 114 1.97 10.38 8.13
CA VAL A 114 0.73 10.49 8.90
C VAL A 114 0.84 11.58 9.97
N PRO A 115 1.83 11.50 10.90
CA PRO A 115 1.97 12.49 11.98
C PRO A 115 2.27 13.89 11.45
N LYS A 116 2.95 13.97 10.30
CA LYS A 116 3.26 15.24 9.69
C LYS A 116 1.98 15.97 9.27
N ARG A 117 1.15 15.27 8.50
CA ARG A 117 -0.12 15.83 8.05
C ARG A 117 -1.08 15.99 9.21
N ASP A 118 -0.98 15.08 10.18
CA ASP A 118 -1.81 15.15 11.38
C ASP A 118 -1.49 16.43 12.15
N HIS A 119 -0.23 16.83 12.11
CA HIS A 119 0.22 18.00 12.85
C HIS A 119 -0.22 19.27 12.12
N ALA A 120 -0.04 19.27 10.81
CA ALA A 120 -0.42 20.41 9.99
C ALA A 120 -1.91 20.69 10.09
N LEU A 121 -2.71 19.63 10.12
CA LEU A 121 -4.16 19.76 10.19
C LEU A 121 -4.57 20.37 11.53
N LEU A 122 -4.08 19.79 12.61
CA LEU A 122 -4.41 20.25 13.94
C LEU A 122 -3.96 21.69 14.16
N GLU A 123 -2.74 22.01 13.72
CA GLU A 123 -2.21 23.35 13.87
C GLU A 123 -3.08 24.38 13.14
N GLU A 124 -3.57 24.00 11.96
CA GLU A 124 -4.39 24.90 11.16
C GLU A 124 -5.77 25.10 11.79
N GLN A 125 -6.39 24.00 12.20
CA GLN A 125 -7.70 24.07 12.84
C GLN A 125 -7.61 24.72 14.22
N SER A 126 -6.43 24.72 14.82
CA SER A 126 -6.23 25.39 16.11
C SER A 126 -6.09 26.89 15.89
N LYS A 127 -5.64 27.27 14.70
CA LYS A 127 -5.59 28.68 14.33
C LYS A 127 -7.00 29.20 14.07
N GLN A 128 -7.91 28.28 13.84
CA GLN A 128 -9.30 28.62 13.62
C GLN A 128 -10.13 28.29 14.86
N GLN A 129 -11.38 27.91 14.66
CA GLN A 129 -12.26 27.59 15.76
C GLN A 129 -13.12 26.37 15.42
N GLY A 1 7.71 -32.46 -15.65
CA GLY A 1 8.74 -31.73 -14.86
C GLY A 1 8.14 -31.04 -13.67
N SER A 2 8.96 -30.78 -12.66
CA SER A 2 8.46 -30.19 -11.42
C SER A 2 8.49 -28.66 -11.48
N THR A 3 9.59 -28.11 -11.96
CA THR A 3 9.82 -26.66 -11.92
C THR A 3 8.73 -25.87 -12.61
N GLU A 4 8.48 -26.16 -13.89
CA GLU A 4 7.52 -25.41 -14.70
C GLU A 4 6.11 -25.51 -14.14
N LYS A 5 5.84 -26.60 -13.45
CA LYS A 5 4.51 -26.85 -12.91
C LYS A 5 4.39 -26.21 -11.55
N GLN A 6 5.52 -26.11 -10.87
CA GLN A 6 5.59 -25.38 -9.63
C GLN A 6 5.30 -23.92 -9.89
N LEU A 7 5.90 -23.40 -10.96
CA LEU A 7 5.73 -21.97 -11.27
C LEU A 7 4.39 -21.73 -11.97
N GLU A 8 3.90 -22.74 -12.68
CA GLU A 8 2.60 -22.64 -13.35
C GLU A 8 1.48 -22.63 -12.33
N ALA A 9 1.67 -23.37 -11.25
CA ALA A 9 0.66 -23.44 -10.20
C ALA A 9 0.66 -22.16 -9.38
N ILE A 10 1.84 -21.67 -9.06
CA ILE A 10 1.97 -20.46 -8.25
C ILE A 10 1.69 -19.21 -9.07
N ASP A 11 1.66 -19.37 -10.39
CA ASP A 11 1.27 -18.27 -11.28
C ASP A 11 -0.22 -18.01 -11.15
N GLN A 12 -0.95 -19.01 -10.66
CA GLN A 12 -2.37 -18.86 -10.45
C GLN A 12 -2.64 -18.02 -9.21
N LEU A 13 -1.77 -18.14 -8.20
CA LEU A 13 -1.89 -17.29 -7.01
C LEU A 13 -1.18 -15.97 -7.26
N HIS A 14 -0.33 -15.94 -8.28
CA HIS A 14 0.29 -14.69 -8.74
C HIS A 14 -0.80 -13.69 -9.10
N LEU A 15 -1.92 -14.21 -9.58
CA LEU A 15 -3.07 -13.41 -9.94
C LEU A 15 -3.63 -12.69 -8.73
N GLU A 16 -3.66 -13.38 -7.60
CA GLU A 16 -4.18 -12.80 -6.36
C GLU A 16 -3.31 -11.64 -5.92
N TYR A 17 -2.02 -11.79 -6.15
CA TYR A 17 -1.07 -10.74 -5.82
C TYR A 17 -1.37 -9.53 -6.69
N ALA A 18 -1.51 -9.77 -7.98
CA ALA A 18 -1.79 -8.70 -8.93
C ALA A 18 -3.15 -8.07 -8.68
N LYS A 19 -4.08 -8.86 -8.17
CA LYS A 19 -5.44 -8.37 -7.95
C LYS A 19 -5.54 -7.54 -6.69
N ARG A 20 -4.61 -7.74 -5.76
CA ARG A 20 -4.65 -7.03 -4.50
C ARG A 20 -3.61 -5.92 -4.45
N ALA A 21 -2.46 -6.16 -5.07
CA ALA A 21 -1.42 -5.14 -5.14
C ALA A 21 -1.87 -3.96 -5.99
N ALA A 22 -2.83 -4.22 -6.88
CA ALA A 22 -3.29 -3.20 -7.81
C ALA A 22 -4.04 -2.07 -7.09
N PRO A 23 -5.16 -2.37 -6.38
CA PRO A 23 -5.90 -1.33 -5.66
C PRO A 23 -5.10 -0.78 -4.49
N PHE A 24 -4.22 -1.61 -3.95
CA PHE A 24 -3.39 -1.21 -2.84
C PHE A 24 -2.38 -0.16 -3.27
N ASN A 25 -1.83 -0.34 -4.47
CA ASN A 25 -0.87 0.60 -5.01
C ASN A 25 -1.58 1.89 -5.39
N ASN A 26 -2.85 1.76 -5.71
CA ASN A 26 -3.69 2.90 -6.03
C ASN A 26 -3.91 3.74 -4.78
N TRP A 27 -4.16 3.04 -3.68
CA TRP A 27 -4.39 3.68 -2.40
C TRP A 27 -3.11 4.32 -1.89
N MET A 28 -2.04 3.53 -1.87
CA MET A 28 -0.75 3.98 -1.38
C MET A 28 -0.29 5.26 -2.07
N GLU A 29 -0.41 5.28 -3.39
CA GLU A 29 0.03 6.43 -4.17
C GLU A 29 -0.84 7.64 -3.87
N SER A 30 -2.15 7.45 -3.90
CA SER A 30 -3.07 8.55 -3.68
C SER A 30 -2.95 9.08 -2.25
N ALA A 31 -2.77 8.18 -1.29
CA ALA A 31 -2.67 8.58 0.12
C ALA A 31 -1.36 9.31 0.38
N MET A 32 -0.25 8.69 0.00
CA MET A 32 1.07 9.27 0.22
C MET A 32 1.18 10.65 -0.42
N GLU A 33 0.69 10.77 -1.65
CA GLU A 33 0.81 12.01 -2.40
C GLU A 33 -0.16 13.06 -1.85
N ASP A 34 -1.27 12.61 -1.29
CA ASP A 34 -2.25 13.52 -0.69
C ASP A 34 -1.74 14.02 0.65
N LEU A 35 -1.04 13.14 1.36
CA LEU A 35 -0.59 13.42 2.72
C LEU A 35 0.45 14.53 2.76
N GLN A 36 1.31 14.60 1.75
CA GLN A 36 2.35 15.63 1.70
C GLN A 36 1.88 16.88 0.97
N ASP A 37 0.81 16.73 0.19
CA ASP A 37 0.35 17.82 -0.67
C ASP A 37 -0.20 18.98 0.13
N MET A 38 -0.24 20.14 -0.49
CA MET A 38 -0.71 21.36 0.17
C MET A 38 -2.23 21.41 0.18
N PHE A 39 -2.80 21.08 1.31
CA PHE A 39 -4.26 21.13 1.46
C PHE A 39 -4.70 22.58 1.66
N ILE A 40 -5.79 22.94 1.02
CA ILE A 40 -6.33 24.28 1.18
C ILE A 40 -7.72 24.21 1.83
N VAL A 41 -7.90 25.01 2.87
CA VAL A 41 -9.17 25.07 3.56
C VAL A 41 -9.64 26.51 3.66
N HIS A 42 -10.94 26.71 3.79
CA HIS A 42 -11.48 28.06 3.97
C HIS A 42 -11.83 28.30 5.43
N THR A 43 -12.75 27.51 5.94
CA THR A 43 -13.26 27.68 7.29
C THR A 43 -12.96 26.46 8.16
N ILE A 44 -13.21 26.58 9.45
CA ILE A 44 -13.03 25.49 10.39
C ILE A 44 -13.98 24.34 10.06
N GLU A 45 -15.14 24.69 9.52
CA GLU A 45 -16.13 23.71 9.08
C GLU A 45 -15.50 22.72 8.08
N GLU A 46 -14.65 23.24 7.20
CA GLU A 46 -13.96 22.39 6.23
C GLU A 46 -12.93 21.52 6.95
N ILE A 47 -12.25 22.11 7.91
CA ILE A 47 -11.23 21.43 8.68
C ILE A 47 -11.85 20.26 9.45
N GLU A 48 -13.09 20.45 9.87
CA GLU A 48 -13.81 19.42 10.60
C GLU A 48 -14.08 18.21 9.72
N GLY A 49 -13.96 18.40 8.42
CA GLY A 49 -14.12 17.29 7.49
C GLY A 49 -12.80 16.86 6.91
N LEU A 50 -12.00 17.85 6.51
CA LEU A 50 -10.70 17.64 5.91
C LEU A 50 -9.77 16.86 6.85
N ILE A 51 -9.67 17.31 8.09
CA ILE A 51 -8.84 16.61 9.08
C ILE A 51 -9.41 15.22 9.36
N SER A 52 -10.73 15.12 9.37
CA SER A 52 -11.39 13.84 9.61
C SER A 52 -11.08 12.84 8.50
N ALA A 53 -10.69 13.34 7.34
CA ALA A 53 -10.27 12.47 6.24
C ALA A 53 -8.96 11.76 6.60
N HIS A 54 -8.23 12.34 7.55
CA HIS A 54 -7.02 11.72 8.07
C HIS A 54 -7.37 10.87 9.29
N ASP A 55 -8.42 11.29 9.99
CA ASP A 55 -8.95 10.54 11.14
C ASP A 55 -9.44 9.17 10.70
N GLN A 56 -10.33 9.14 9.71
CA GLN A 56 -10.85 7.89 9.18
C GLN A 56 -9.77 7.14 8.43
N PHE A 57 -8.75 7.88 8.01
CA PHE A 57 -7.58 7.29 7.37
C PHE A 57 -6.84 6.41 8.37
N LYS A 58 -6.86 6.84 9.63
CA LYS A 58 -6.26 6.07 10.71
C LYS A 58 -7.07 4.81 10.97
N SER A 59 -8.29 4.80 10.48
CA SER A 59 -9.18 3.67 10.65
C SER A 59 -9.06 2.70 9.47
N THR A 60 -8.69 3.24 8.31
CA THR A 60 -8.44 2.41 7.14
C THR A 60 -7.06 1.75 7.21
N LEU A 61 -6.18 2.31 8.05
CA LEU A 61 -4.81 1.82 8.17
C LEU A 61 -4.76 0.34 8.59
N PRO A 62 -5.40 -0.07 9.71
CA PRO A 62 -5.37 -1.48 10.15
C PRO A 62 -5.89 -2.45 9.08
N ASP A 63 -6.80 -1.97 8.25
CA ASP A 63 -7.36 -2.77 7.18
C ASP A 63 -6.34 -2.93 6.05
N ALA A 64 -5.78 -1.80 5.62
CA ALA A 64 -4.80 -1.80 4.55
C ALA A 64 -3.50 -2.46 4.98
N ASP A 65 -3.15 -2.32 6.26
CA ASP A 65 -1.96 -2.97 6.81
C ASP A 65 -2.06 -4.48 6.67
N ARG A 66 -3.26 -5.00 6.94
CA ARG A 66 -3.53 -6.41 6.81
C ARG A 66 -3.28 -6.88 5.39
N GLU A 67 -3.74 -6.08 4.43
CA GLU A 67 -3.61 -6.41 3.02
C GLU A 67 -2.15 -6.57 2.63
N ARG A 68 -1.28 -5.70 3.14
CA ARG A 68 0.14 -5.75 2.81
C ARG A 68 0.76 -7.06 3.26
N GLU A 69 0.30 -7.58 4.40
CA GLU A 69 0.82 -8.82 4.92
C GLU A 69 0.16 -10.01 4.23
N ALA A 70 -1.10 -9.84 3.85
CA ALA A 70 -1.83 -10.88 3.11
C ALA A 70 -1.30 -10.97 1.68
N ILE A 71 -0.68 -9.90 1.23
CA ILE A 71 -0.11 -9.84 -0.11
C ILE A 71 1.25 -10.50 -0.08
N LEU A 72 1.96 -10.25 1.01
CA LEU A 72 3.20 -10.94 1.28
C LEU A 72 2.94 -12.42 1.50
N ALA A 73 1.76 -12.72 2.05
CA ALA A 73 1.36 -14.09 2.29
C ALA A 73 1.19 -14.84 0.97
N ILE A 74 0.53 -14.20 0.01
CA ILE A 74 0.36 -14.77 -1.32
C ILE A 74 1.72 -14.98 -1.99
N HIS A 75 2.62 -14.03 -1.80
CA HIS A 75 3.95 -14.10 -2.40
C HIS A 75 4.82 -15.09 -1.66
N LYS A 76 4.40 -15.51 -0.49
CA LYS A 76 5.17 -16.46 0.30
C LYS A 76 5.25 -17.79 -0.45
N GLU A 77 4.13 -18.24 -0.99
CA GLU A 77 4.10 -19.47 -1.75
C GLU A 77 4.63 -19.23 -3.16
N ALA A 78 4.34 -18.05 -3.67
CA ALA A 78 4.70 -17.68 -5.03
C ALA A 78 6.15 -17.25 -5.14
N GLN A 79 6.86 -17.26 -4.02
CA GLN A 79 8.28 -16.93 -4.03
C GLN A 79 9.12 -18.07 -3.47
N ARG A 80 8.60 -18.77 -2.47
CA ARG A 80 9.36 -19.82 -1.79
C ARG A 80 9.79 -20.91 -2.76
N ILE A 81 9.03 -21.08 -3.84
CA ILE A 81 9.36 -22.05 -4.87
C ILE A 81 10.56 -21.56 -5.68
N ALA A 82 10.68 -20.24 -5.80
CA ALA A 82 11.75 -19.63 -6.58
C ALA A 82 12.99 -19.43 -5.72
N GLU A 83 12.82 -19.50 -4.41
CA GLU A 83 13.93 -19.37 -3.49
C GLU A 83 14.68 -20.69 -3.37
N SER A 84 14.01 -21.79 -3.70
CA SER A 84 14.61 -23.10 -3.64
C SER A 84 15.04 -23.58 -5.03
N ASN A 85 14.37 -23.09 -6.06
CA ASN A 85 14.70 -23.48 -7.43
C ASN A 85 14.98 -22.24 -8.25
N HIS A 86 16.03 -22.29 -9.05
CA HIS A 86 16.35 -21.16 -9.91
C HIS A 86 15.42 -21.16 -11.12
N ILE A 87 14.16 -20.88 -10.87
CA ILE A 87 13.16 -20.83 -11.94
C ILE A 87 13.33 -19.58 -12.78
N LYS A 88 12.60 -19.54 -13.87
CA LYS A 88 12.70 -18.44 -14.83
C LYS A 88 11.44 -17.60 -14.79
N LEU A 89 11.39 -16.71 -13.81
CA LEU A 89 10.28 -15.77 -13.67
C LEU A 89 10.29 -14.77 -14.82
N SER A 90 11.47 -14.55 -15.39
CA SER A 90 11.66 -13.63 -16.51
C SER A 90 11.23 -12.22 -16.13
N GLY A 91 11.70 -11.77 -14.97
CA GLY A 91 11.37 -10.46 -14.48
C GLY A 91 11.09 -10.45 -13.00
N SER A 92 10.38 -9.43 -12.54
CA SER A 92 10.01 -9.34 -11.15
C SER A 92 8.70 -10.09 -10.91
N ASN A 93 7.80 -9.98 -11.88
CA ASN A 93 6.50 -10.62 -11.81
C ASN A 93 5.79 -10.41 -13.14
N PRO A 94 5.06 -11.41 -13.64
CA PRO A 94 4.37 -11.32 -14.91
C PRO A 94 3.14 -10.39 -14.87
N TYR A 95 2.42 -10.42 -13.76
CA TYR A 95 1.18 -9.64 -13.66
C TYR A 95 1.36 -8.41 -12.76
N THR A 96 2.08 -8.59 -11.66
CA THR A 96 2.22 -7.54 -10.67
C THR A 96 3.68 -7.15 -10.48
N THR A 97 4.14 -6.21 -11.30
CA THR A 97 5.53 -5.75 -11.25
C THR A 97 5.91 -5.29 -9.85
N VAL A 98 4.94 -4.73 -9.15
CA VAL A 98 5.10 -4.29 -7.77
C VAL A 98 5.68 -5.44 -6.91
N THR A 99 6.77 -5.14 -6.23
CA THR A 99 7.45 -6.10 -5.38
C THR A 99 7.07 -5.88 -3.91
N PRO A 100 7.23 -6.90 -3.06
CA PRO A 100 6.90 -6.81 -1.63
C PRO A 100 7.60 -5.64 -0.94
N GLN A 101 8.88 -5.45 -1.25
CA GLN A 101 9.64 -4.37 -0.67
C GLN A 101 9.14 -3.03 -1.16
N ILE A 102 8.73 -2.99 -2.42
CA ILE A 102 8.20 -1.78 -3.00
C ILE A 102 6.92 -1.35 -2.30
N ILE A 103 6.10 -2.31 -1.92
CA ILE A 103 4.84 -2.03 -1.25
C ILE A 103 5.06 -1.83 0.26
N ASN A 104 5.99 -2.57 0.84
CA ASN A 104 6.24 -2.50 2.28
C ASN A 104 6.88 -1.17 2.67
N SER A 105 7.96 -0.81 1.99
CA SER A 105 8.65 0.45 2.27
C SER A 105 7.78 1.65 1.89
N LYS A 106 6.85 1.44 0.97
CA LYS A 106 5.91 2.49 0.57
C LYS A 106 4.92 2.76 1.70
N TRP A 107 4.44 1.69 2.32
CA TRP A 107 3.57 1.79 3.48
C TRP A 107 4.25 2.57 4.59
N GLU A 108 5.53 2.28 4.78
CA GLU A 108 6.34 2.96 5.76
C GLU A 108 6.40 4.45 5.46
N LYS A 109 6.55 4.77 4.18
CA LYS A 109 6.59 6.16 3.73
C LYS A 109 5.26 6.85 3.98
N VAL A 110 4.19 6.08 3.96
CA VAL A 110 2.86 6.60 4.21
C VAL A 110 2.70 6.94 5.70
N GLN A 111 3.15 6.01 6.55
CA GLN A 111 3.02 6.14 8.00
C GLN A 111 3.76 7.35 8.53
N GLN A 112 4.98 7.56 8.05
CA GLN A 112 5.83 8.63 8.54
C GLN A 112 5.22 10.01 8.26
N LEU A 113 4.35 10.08 7.27
CA LEU A 113 3.72 11.34 6.90
C LEU A 113 2.44 11.57 7.69
N VAL A 114 1.96 10.51 8.35
CA VAL A 114 0.69 10.56 9.05
C VAL A 114 0.72 11.54 10.24
N PRO A 115 1.66 11.37 11.21
CA PRO A 115 1.77 12.29 12.34
C PRO A 115 2.18 13.70 11.91
N LYS A 116 2.98 13.78 10.84
CA LYS A 116 3.42 15.07 10.31
C LYS A 116 2.22 15.83 9.75
N ARG A 117 1.41 15.14 8.96
CA ARG A 117 0.20 15.72 8.39
C ARG A 117 -0.79 16.07 9.48
N ASP A 118 -0.87 15.21 10.49
CA ASP A 118 -1.71 15.47 11.66
C ASP A 118 -1.36 16.83 12.28
N HIS A 119 -0.07 17.15 12.28
CA HIS A 119 0.40 18.39 12.87
C HIS A 119 0.13 19.56 11.93
N ALA A 120 0.34 19.33 10.65
CA ALA A 120 0.07 20.33 9.63
C ALA A 120 -1.39 20.77 9.68
N LEU A 121 -2.27 19.79 9.83
CA LEU A 121 -3.70 20.05 9.91
C LEU A 121 -4.04 20.81 11.19
N LEU A 122 -3.48 20.35 12.30
CA LEU A 122 -3.74 20.97 13.59
C LEU A 122 -3.21 22.39 13.64
N GLU A 123 -2.04 22.61 13.04
CA GLU A 123 -1.44 23.94 12.98
C GLU A 123 -2.38 24.93 12.32
N GLU A 124 -3.01 24.50 11.24
CA GLU A 124 -3.93 25.33 10.50
C GLU A 124 -5.22 25.54 11.29
N GLN A 125 -5.77 24.45 11.83
CA GLN A 125 -7.04 24.53 12.55
C GLN A 125 -6.90 25.32 13.85
N SER A 126 -5.67 25.46 14.35
CA SER A 126 -5.43 26.24 15.56
C SER A 126 -5.38 27.72 15.24
N LYS A 127 -5.29 28.06 13.96
CA LYS A 127 -5.30 29.46 13.54
C LYS A 127 -6.72 29.88 13.19
N GLN A 128 -7.62 28.91 13.16
CA GLN A 128 -9.01 29.14 12.84
C GLN A 128 -9.78 29.55 14.09
N GLN A 129 -10.92 28.92 14.31
CA GLN A 129 -11.74 29.21 15.48
C GLN A 129 -11.31 28.35 16.65
N GLY A 1 10.42 -32.48 -17.33
CA GLY A 1 9.60 -31.29 -16.99
C GLY A 1 10.25 -30.01 -17.42
N SER A 2 9.45 -28.98 -17.67
CA SER A 2 9.96 -27.69 -18.08
C SER A 2 9.50 -26.60 -17.12
N THR A 3 9.32 -26.99 -15.85
CA THR A 3 8.95 -26.08 -14.78
C THR A 3 7.54 -25.50 -14.97
N GLU A 4 6.81 -25.97 -15.98
CA GLU A 4 5.53 -25.37 -16.35
C GLU A 4 4.54 -25.37 -15.19
N LYS A 5 4.61 -26.38 -14.35
CA LYS A 5 3.64 -26.54 -13.27
C LYS A 5 4.06 -25.69 -12.09
N GLN A 6 5.36 -25.45 -11.97
CA GLN A 6 5.88 -24.60 -10.93
C GLN A 6 5.68 -23.14 -11.32
N LEU A 7 5.60 -22.90 -12.62
CA LEU A 7 5.37 -21.54 -13.11
C LEU A 7 3.91 -21.19 -12.98
N GLU A 8 3.09 -22.08 -13.47
CA GLU A 8 1.65 -21.83 -13.59
C GLU A 8 0.98 -21.76 -12.23
N ALA A 9 1.39 -22.62 -11.31
CA ALA A 9 0.75 -22.69 -10.01
C ALA A 9 1.02 -21.43 -9.21
N ILE A 10 2.21 -20.90 -9.39
CA ILE A 10 2.61 -19.72 -8.65
C ILE A 10 2.33 -18.45 -9.46
N ASP A 11 1.93 -18.64 -10.71
CA ASP A 11 1.48 -17.53 -11.53
C ASP A 11 0.04 -17.21 -11.18
N GLN A 12 -0.67 -18.23 -10.72
CA GLN A 12 -2.01 -18.04 -10.18
C GLN A 12 -1.91 -17.24 -8.89
N LEU A 13 -0.84 -17.46 -8.14
CA LEU A 13 -0.54 -16.67 -6.96
C LEU A 13 -0.16 -15.25 -7.37
N HIS A 14 0.50 -15.15 -8.52
CA HIS A 14 0.82 -13.84 -9.09
C HIS A 14 -0.46 -13.09 -9.38
N LEU A 15 -1.46 -13.81 -9.87
CA LEU A 15 -2.77 -13.25 -10.13
C LEU A 15 -3.39 -12.71 -8.85
N GLU A 16 -3.30 -13.48 -7.79
CA GLU A 16 -3.85 -13.08 -6.51
C GLU A 16 -3.10 -11.89 -5.95
N TYR A 17 -1.81 -11.82 -6.25
CA TYR A 17 -1.00 -10.70 -5.83
C TYR A 17 -1.41 -9.47 -6.64
N ALA A 18 -1.54 -9.67 -7.94
CA ALA A 18 -1.92 -8.60 -8.85
C ALA A 18 -3.34 -8.12 -8.59
N LYS A 19 -4.17 -8.99 -8.01
CA LYS A 19 -5.55 -8.62 -7.73
C LYS A 19 -5.69 -7.92 -6.39
N ARG A 20 -4.72 -8.13 -5.50
CA ARG A 20 -4.80 -7.56 -4.16
C ARG A 20 -3.85 -6.38 -4.00
N ALA A 21 -2.70 -6.44 -4.67
CA ALA A 21 -1.75 -5.34 -4.63
C ALA A 21 -2.24 -4.18 -5.48
N ALA A 22 -3.18 -4.46 -6.37
CA ALA A 22 -3.68 -3.45 -7.28
C ALA A 22 -4.47 -2.37 -6.54
N PRO A 23 -5.54 -2.74 -5.78
CA PRO A 23 -6.29 -1.75 -5.01
C PRO A 23 -5.48 -1.20 -3.85
N PHE A 24 -4.55 -1.99 -3.34
CA PHE A 24 -3.66 -1.55 -2.28
C PHE A 24 -2.74 -0.44 -2.79
N ASN A 25 -2.21 -0.63 -3.98
CA ASN A 25 -1.35 0.37 -4.60
C ASN A 25 -2.17 1.58 -4.97
N ASN A 26 -3.43 1.34 -5.28
CA ASN A 26 -4.34 2.41 -5.65
C ASN A 26 -4.65 3.26 -4.43
N TRP A 27 -4.77 2.60 -3.28
CA TRP A 27 -4.99 3.28 -2.02
C TRP A 27 -3.74 4.09 -1.66
N MET A 28 -2.58 3.45 -1.76
CA MET A 28 -1.31 4.08 -1.43
C MET A 28 -1.06 5.30 -2.29
N GLU A 29 -1.36 5.19 -3.58
CA GLU A 29 -1.12 6.27 -4.53
C GLU A 29 -2.08 7.42 -4.31
N SER A 30 -3.18 7.16 -3.61
CA SER A 30 -4.12 8.21 -3.26
C SER A 30 -3.79 8.78 -1.90
N ALA A 31 -3.45 7.89 -0.95
CA ALA A 31 -3.21 8.31 0.42
C ALA A 31 -1.87 9.03 0.56
N MET A 32 -0.80 8.38 0.14
CA MET A 32 0.54 8.95 0.28
C MET A 32 0.66 10.24 -0.52
N GLU A 33 0.00 10.27 -1.66
CA GLU A 33 0.06 11.44 -2.53
C GLU A 33 -0.70 12.60 -1.91
N ASP A 34 -1.84 12.31 -1.29
CA ASP A 34 -2.63 13.36 -0.65
C ASP A 34 -1.94 13.80 0.63
N LEU A 35 -1.34 12.84 1.33
CA LEU A 35 -0.64 13.13 2.57
C LEU A 35 0.60 13.98 2.31
N GLN A 36 1.19 13.80 1.14
CA GLN A 36 2.32 14.60 0.72
C GLN A 36 1.85 15.96 0.19
N ASP A 37 0.76 15.93 -0.55
CA ASP A 37 0.15 17.13 -1.11
C ASP A 37 -0.26 18.09 0.01
N MET A 38 0.07 19.35 -0.15
CA MET A 38 -0.23 20.33 0.88
C MET A 38 -1.68 20.78 0.79
N PHE A 39 -2.44 20.38 1.77
CA PHE A 39 -3.85 20.75 1.85
C PHE A 39 -3.98 22.24 2.14
N ILE A 40 -4.78 22.92 1.36
CA ILE A 40 -5.09 24.30 1.63
C ILE A 40 -6.52 24.41 2.14
N VAL A 41 -6.69 25.13 3.23
CA VAL A 41 -8.00 25.24 3.84
C VAL A 41 -8.37 26.71 4.03
N HIS A 42 -9.15 27.23 3.10
CA HIS A 42 -9.56 28.62 3.13
C HIS A 42 -10.63 28.83 4.18
N THR A 43 -11.32 27.76 4.53
CA THR A 43 -12.39 27.83 5.50
C THR A 43 -12.28 26.70 6.52
N ILE A 44 -12.85 26.91 7.71
CA ILE A 44 -12.76 25.93 8.78
C ILE A 44 -13.70 24.76 8.52
N GLU A 45 -14.70 24.99 7.69
CA GLU A 45 -15.68 23.97 7.33
C GLU A 45 -15.01 22.76 6.67
N GLU A 46 -13.99 22.98 5.86
CA GLU A 46 -13.30 21.86 5.23
C GLU A 46 -12.23 21.31 6.15
N ILE A 47 -11.95 22.03 7.23
CA ILE A 47 -11.00 21.58 8.20
C ILE A 47 -11.56 20.37 8.95
N GLU A 48 -12.81 20.49 9.39
CA GLU A 48 -13.45 19.43 10.15
C GLU A 48 -13.56 18.16 9.31
N GLY A 49 -13.68 18.35 8.00
CA GLY A 49 -13.71 17.23 7.09
C GLY A 49 -12.33 16.67 6.89
N LEU A 50 -11.36 17.56 6.72
CA LEU A 50 -9.96 17.19 6.58
C LEU A 50 -9.49 16.35 7.77
N ILE A 51 -9.86 16.75 8.98
CA ILE A 51 -9.48 16.00 10.18
C ILE A 51 -10.11 14.62 10.16
N SER A 52 -11.40 14.57 9.86
CA SER A 52 -12.14 13.31 9.83
C SER A 52 -11.58 12.37 8.76
N ALA A 53 -11.05 12.95 7.68
CA ALA A 53 -10.43 12.17 6.63
C ALA A 53 -9.20 11.44 7.13
N HIS A 54 -8.52 12.02 8.13
CA HIS A 54 -7.36 11.37 8.73
C HIS A 54 -7.80 10.45 9.87
N ASP A 55 -8.96 10.78 10.45
CA ASP A 55 -9.54 9.95 11.50
C ASP A 55 -9.94 8.59 10.95
N GLN A 56 -10.73 8.61 9.88
CA GLN A 56 -11.15 7.37 9.22
C GLN A 56 -9.94 6.70 8.56
N PHE A 57 -8.93 7.50 8.27
CA PHE A 57 -7.70 7.00 7.67
C PHE A 57 -6.99 6.08 8.66
N LYS A 58 -7.03 6.46 9.93
CA LYS A 58 -6.44 5.64 10.99
C LYS A 58 -7.25 4.36 11.19
N SER A 59 -8.43 4.32 10.59
CA SER A 59 -9.29 3.16 10.66
C SER A 59 -9.09 2.25 9.44
N THR A 60 -8.71 2.84 8.32
CA THR A 60 -8.36 2.07 7.13
C THR A 60 -6.96 1.48 7.28
N LEU A 61 -6.12 2.13 8.08
CA LEU A 61 -4.74 1.72 8.28
C LEU A 61 -4.61 0.26 8.72
N PRO A 62 -5.23 -0.18 9.84
CA PRO A 62 -5.12 -1.56 10.31
C PRO A 62 -5.56 -2.58 9.26
N ASP A 63 -6.55 -2.20 8.45
CA ASP A 63 -7.07 -3.07 7.41
C ASP A 63 -6.04 -3.24 6.30
N ALA A 64 -5.52 -2.12 5.82
CA ALA A 64 -4.53 -2.14 4.75
C ALA A 64 -3.19 -2.67 5.25
N ASP A 65 -2.91 -2.45 6.52
CA ASP A 65 -1.69 -2.95 7.15
C ASP A 65 -1.61 -4.47 7.07
N ARG A 66 -2.73 -5.12 7.39
CA ARG A 66 -2.80 -6.56 7.35
C ARG A 66 -2.75 -7.07 5.92
N GLU A 67 -3.26 -6.25 4.99
CA GLU A 67 -3.22 -6.58 3.58
C GLU A 67 -1.78 -6.60 3.06
N ARG A 68 -0.95 -5.67 3.56
CA ARG A 68 0.46 -5.64 3.17
C ARG A 68 1.15 -6.93 3.58
N GLU A 69 0.70 -7.51 4.70
CA GLU A 69 1.24 -8.76 5.18
C GLU A 69 0.66 -9.92 4.38
N ALA A 70 -0.65 -9.87 4.15
CA ALA A 70 -1.36 -10.93 3.43
C ALA A 70 -0.97 -10.99 1.96
N ILE A 71 -0.43 -9.91 1.45
CA ILE A 71 0.00 -9.83 0.06
C ILE A 71 1.39 -10.44 -0.04
N LEU A 72 2.18 -10.19 0.99
CA LEU A 72 3.49 -10.79 1.09
C LEU A 72 3.34 -12.27 1.40
N ALA A 73 2.18 -12.63 1.93
CA ALA A 73 1.86 -14.03 2.19
C ALA A 73 1.67 -14.78 0.89
N ILE A 74 0.98 -14.13 -0.05
CA ILE A 74 0.80 -14.68 -1.39
C ILE A 74 2.14 -14.78 -2.11
N HIS A 75 2.92 -13.71 -2.00
CA HIS A 75 4.23 -13.63 -2.63
C HIS A 75 5.20 -14.59 -1.96
N LYS A 76 4.89 -14.99 -0.74
CA LYS A 76 5.74 -15.91 -0.01
C LYS A 76 5.81 -17.23 -0.75
N GLU A 77 4.68 -17.73 -1.21
CA GLU A 77 4.63 -19.00 -1.91
C GLU A 77 5.10 -18.81 -3.36
N ALA A 78 4.82 -17.63 -3.90
CA ALA A 78 5.19 -17.32 -5.28
C ALA A 78 6.67 -16.98 -5.38
N GLN A 79 7.33 -16.87 -4.23
CA GLN A 79 8.77 -16.67 -4.19
C GLN A 79 9.48 -17.89 -3.62
N ARG A 80 8.86 -18.53 -2.63
CA ARG A 80 9.42 -19.72 -1.97
C ARG A 80 9.88 -20.74 -2.97
N ILE A 81 9.05 -20.97 -3.95
CA ILE A 81 9.36 -21.88 -5.04
C ILE A 81 10.72 -21.55 -5.66
N ALA A 82 10.95 -20.27 -5.94
CA ALA A 82 12.20 -19.83 -6.56
C ALA A 82 13.32 -19.77 -5.53
N GLU A 83 12.96 -19.65 -4.26
CA GLU A 83 13.92 -19.65 -3.19
C GLU A 83 14.41 -21.07 -2.92
N SER A 84 13.55 -22.04 -3.19
CA SER A 84 13.89 -23.45 -3.04
C SER A 84 14.61 -23.96 -4.28
N ASN A 85 14.03 -23.71 -5.45
CA ASN A 85 14.61 -24.16 -6.70
C ASN A 85 14.76 -22.97 -7.61
N HIS A 86 15.93 -22.82 -8.21
CA HIS A 86 16.20 -21.70 -9.10
C HIS A 86 15.44 -21.87 -10.41
N ILE A 87 14.14 -21.65 -10.34
CA ILE A 87 13.28 -21.72 -11.52
C ILE A 87 13.40 -20.45 -12.34
N LYS A 88 12.54 -20.33 -13.36
CA LYS A 88 12.54 -19.16 -14.21
C LYS A 88 11.14 -18.54 -14.25
N LEU A 89 10.87 -17.68 -13.27
CA LEU A 89 9.60 -16.97 -13.20
C LEU A 89 9.43 -16.04 -14.39
N SER A 90 8.22 -15.56 -14.60
CA SER A 90 7.94 -14.58 -15.64
C SER A 90 8.46 -13.21 -15.24
N GLY A 91 9.79 -13.07 -15.24
CA GLY A 91 10.42 -11.85 -14.77
C GLY A 91 10.40 -11.78 -13.26
N SER A 92 10.07 -10.62 -12.74
CA SER A 92 9.87 -10.46 -11.32
C SER A 92 8.39 -10.58 -10.98
N ASN A 93 7.57 -10.09 -11.90
CA ASN A 93 6.12 -10.19 -11.81
C ASN A 93 5.50 -9.71 -13.10
N PRO A 94 4.78 -10.61 -13.78
CA PRO A 94 4.26 -10.37 -15.13
C PRO A 94 2.99 -9.53 -15.12
N TYR A 95 2.25 -9.59 -14.03
CA TYR A 95 0.96 -8.95 -13.95
C TYR A 95 1.07 -7.67 -13.14
N THR A 96 1.66 -7.77 -11.97
CA THR A 96 1.84 -6.64 -11.11
C THR A 96 3.31 -6.55 -10.69
N THR A 97 4.07 -5.73 -11.39
CA THR A 97 5.49 -5.62 -11.15
C THR A 97 5.79 -4.72 -9.97
N VAL A 98 5.42 -5.18 -8.80
CA VAL A 98 5.74 -4.53 -7.56
C VAL A 98 6.45 -5.51 -6.63
N THR A 99 7.28 -5.01 -5.75
CA THR A 99 8.02 -5.86 -4.85
C THR A 99 7.52 -5.71 -3.43
N PRO A 100 7.94 -6.61 -2.52
CA PRO A 100 7.64 -6.50 -1.09
C PRO A 100 8.19 -5.19 -0.53
N GLN A 101 9.23 -4.67 -1.18
CA GLN A 101 9.85 -3.43 -0.78
C GLN A 101 8.97 -2.25 -1.16
N ILE A 102 8.52 -2.24 -2.40
CA ILE A 102 7.60 -1.21 -2.88
C ILE A 102 6.37 -1.11 -1.99
N ILE A 103 5.76 -2.26 -1.72
CA ILE A 103 4.55 -2.31 -0.90
C ILE A 103 4.81 -1.87 0.54
N ASN A 104 5.96 -2.25 1.08
CA ASN A 104 6.27 -1.98 2.48
C ASN A 104 6.83 -0.57 2.68
N SER A 105 7.78 -0.18 1.84
CA SER A 105 8.41 1.13 1.96
C SER A 105 7.41 2.24 1.68
N LYS A 106 6.49 2.02 0.75
CA LYS A 106 5.45 2.99 0.46
C LYS A 106 4.54 3.14 1.68
N TRP A 107 4.24 2.02 2.32
CA TRP A 107 3.46 2.01 3.56
C TRP A 107 4.18 2.81 4.64
N GLU A 108 5.49 2.57 4.76
CA GLU A 108 6.31 3.23 5.77
C GLU A 108 6.28 4.74 5.57
N LYS A 109 6.38 5.17 4.32
CA LYS A 109 6.34 6.58 3.98
C LYS A 109 4.98 7.17 4.31
N VAL A 110 3.94 6.38 4.07
CA VAL A 110 2.59 6.77 4.40
C VAL A 110 2.49 7.05 5.90
N GLN A 111 2.99 6.12 6.70
CA GLN A 111 2.89 6.20 8.16
C GLN A 111 3.59 7.43 8.71
N GLN A 112 4.79 7.71 8.22
CA GLN A 112 5.59 8.81 8.75
C GLN A 112 4.98 10.17 8.37
N LEU A 113 4.18 10.20 7.31
CA LEU A 113 3.53 11.43 6.88
C LEU A 113 2.21 11.62 7.61
N VAL A 114 1.79 10.60 8.33
CA VAL A 114 0.53 10.62 9.05
C VAL A 114 0.55 11.63 10.19
N PRO A 115 1.50 11.54 11.16
CA PRO A 115 1.59 12.52 12.25
C PRO A 115 1.97 13.90 11.73
N LYS A 116 2.71 13.93 10.63
CA LYS A 116 3.08 15.19 10.00
C LYS A 116 1.83 15.92 9.52
N ARG A 117 0.97 15.20 8.82
CA ARG A 117 -0.29 15.76 8.35
C ARG A 117 -1.21 16.08 9.52
N ASP A 118 -1.26 15.17 10.49
CA ASP A 118 -2.06 15.36 11.70
C ASP A 118 -1.60 16.59 12.47
N HIS A 119 -0.32 16.89 12.35
CA HIS A 119 0.25 18.04 13.02
C HIS A 119 -0.13 19.31 12.30
N ALA A 120 0.01 19.29 10.97
CA ALA A 120 -0.30 20.45 10.15
C ALA A 120 -1.79 20.74 10.18
N LEU A 121 -2.60 19.70 10.28
CA LEU A 121 -4.06 19.86 10.33
C LEU A 121 -4.47 20.68 11.54
N LEU A 122 -4.00 20.27 12.71
CA LEU A 122 -4.28 20.99 13.95
C LEU A 122 -3.64 22.36 13.94
N GLU A 123 -2.41 22.43 13.42
CA GLU A 123 -1.70 23.70 13.34
C GLU A 123 -2.44 24.68 12.44
N GLU A 124 -2.98 24.17 11.34
CA GLU A 124 -3.73 25.00 10.39
C GLU A 124 -5.01 25.51 11.03
N GLN A 125 -5.79 24.61 11.60
CA GLN A 125 -7.06 24.98 12.21
C GLN A 125 -6.85 25.91 13.40
N SER A 126 -5.66 25.85 14.00
CA SER A 126 -5.33 26.71 15.13
C SER A 126 -5.04 28.15 14.65
N LYS A 127 -4.86 28.31 13.35
CA LYS A 127 -4.68 29.64 12.78
C LYS A 127 -6.00 30.22 12.35
N GLN A 128 -7.01 29.37 12.31
CA GLN A 128 -8.33 29.75 11.85
C GLN A 128 -9.28 29.98 13.02
N GLN A 129 -10.44 29.34 12.96
CA GLN A 129 -11.46 29.48 13.99
C GLN A 129 -11.87 28.10 14.49
N GLY A 1 9.71 -34.17 -14.21
CA GLY A 1 10.21 -32.78 -14.34
C GLY A 1 9.12 -31.82 -14.75
N SER A 2 8.12 -31.65 -13.90
CA SER A 2 7.01 -30.76 -14.20
C SER A 2 7.30 -29.36 -13.69
N THR A 3 8.49 -28.86 -14.01
CA THR A 3 8.94 -27.56 -13.54
C THR A 3 8.01 -26.44 -14.02
N GLU A 4 7.57 -26.55 -15.27
CA GLU A 4 6.76 -25.51 -15.89
C GLU A 4 5.38 -25.43 -15.27
N LYS A 5 4.99 -26.48 -14.57
CA LYS A 5 3.67 -26.54 -13.97
C LYS A 5 3.75 -25.99 -12.56
N GLN A 6 4.91 -26.19 -11.95
CA GLN A 6 5.18 -25.64 -10.63
C GLN A 6 5.25 -24.13 -10.72
N LEU A 7 5.84 -23.62 -11.80
CA LEU A 7 5.99 -22.17 -11.94
C LEU A 7 4.73 -21.54 -12.55
N GLU A 8 3.99 -22.33 -13.32
CA GLU A 8 2.76 -21.84 -13.93
C GLU A 8 1.67 -21.74 -12.89
N ALA A 9 1.65 -22.67 -11.93
CA ALA A 9 0.63 -22.69 -10.91
C ALA A 9 0.78 -21.50 -9.98
N ILE A 10 2.03 -21.16 -9.69
CA ILE A 10 2.33 -20.03 -8.82
C ILE A 10 2.26 -18.72 -9.59
N ASP A 11 2.30 -18.82 -10.91
CA ASP A 11 2.14 -17.64 -11.74
C ASP A 11 0.67 -17.28 -11.85
N GLN A 12 -0.19 -18.28 -11.70
CA GLN A 12 -1.62 -18.05 -11.72
C GLN A 12 -2.08 -17.40 -10.41
N LEU A 13 -1.19 -17.36 -9.42
CA LEU A 13 -1.44 -16.59 -8.22
C LEU A 13 -0.54 -15.36 -8.20
N HIS A 14 0.35 -15.26 -9.19
CA HIS A 14 1.19 -14.08 -9.35
C HIS A 14 0.32 -12.86 -9.60
N LEU A 15 -0.78 -13.04 -10.34
CA LEU A 15 -1.66 -11.94 -10.63
C LEU A 15 -2.59 -11.66 -9.45
N GLU A 16 -2.72 -12.65 -8.59
CA GLU A 16 -3.50 -12.51 -7.36
C GLU A 16 -2.82 -11.48 -6.45
N TYR A 17 -1.49 -11.56 -6.36
CA TYR A 17 -0.72 -10.56 -5.63
C TYR A 17 -0.95 -9.21 -6.31
N ALA A 18 -0.90 -9.20 -7.64
CA ALA A 18 -1.08 -7.99 -8.42
C ALA A 18 -2.53 -7.49 -8.36
N LYS A 19 -3.45 -8.37 -8.00
CA LYS A 19 -4.86 -8.02 -7.92
C LYS A 19 -5.15 -7.28 -6.62
N ARG A 20 -4.44 -7.63 -5.57
CA ARG A 20 -4.59 -6.96 -4.29
C ARG A 20 -3.65 -5.77 -4.20
N ALA A 21 -2.49 -5.88 -4.83
CA ALA A 21 -1.54 -4.79 -4.86
C ALA A 21 -2.06 -3.64 -5.70
N ALA A 22 -3.02 -3.93 -6.57
CA ALA A 22 -3.59 -2.92 -7.46
C ALA A 22 -4.34 -1.83 -6.68
N PRO A 23 -5.39 -2.19 -5.90
CA PRO A 23 -6.13 -1.21 -5.11
C PRO A 23 -5.29 -0.66 -3.97
N PHE A 24 -4.32 -1.45 -3.52
CA PHE A 24 -3.42 -1.00 -2.47
C PHE A 24 -2.48 0.08 -2.99
N ASN A 25 -1.99 -0.12 -4.21
CA ASN A 25 -1.11 0.87 -4.83
C ASN A 25 -1.90 2.09 -5.21
N ASN A 26 -3.18 1.87 -5.49
CA ASN A 26 -4.09 2.96 -5.82
C ASN A 26 -4.31 3.82 -4.58
N TRP A 27 -4.46 3.15 -3.46
CA TRP A 27 -4.64 3.80 -2.16
C TRP A 27 -3.36 4.52 -1.75
N MET A 28 -2.25 3.78 -1.78
CA MET A 28 -0.96 4.31 -1.37
C MET A 28 -0.60 5.56 -2.16
N GLU A 29 -0.79 5.51 -3.47
CA GLU A 29 -0.43 6.62 -4.34
C GLU A 29 -1.28 7.85 -4.05
N SER A 30 -2.59 7.64 -3.88
CA SER A 30 -3.49 8.76 -3.63
C SER A 30 -3.28 9.33 -2.23
N ALA A 31 -3.05 8.45 -1.27
CA ALA A 31 -2.85 8.88 0.11
C ALA A 31 -1.53 9.61 0.28
N MET A 32 -0.47 9.05 -0.29
CA MET A 32 0.84 9.66 -0.21
C MET A 32 0.84 11.01 -0.90
N GLU A 33 0.06 11.11 -1.96
CA GLU A 33 -0.05 12.33 -2.74
C GLU A 33 -0.82 13.39 -1.97
N ASP A 34 -1.95 12.99 -1.39
CA ASP A 34 -2.79 13.92 -0.63
C ASP A 34 -2.05 14.37 0.62
N LEU A 35 -1.34 13.44 1.25
CA LEU A 35 -0.62 13.73 2.48
C LEU A 35 0.60 14.61 2.21
N GLN A 36 1.02 14.66 0.96
CA GLN A 36 2.17 15.45 0.55
C GLN A 36 1.75 16.84 0.09
N ASP A 37 0.63 16.92 -0.61
CA ASP A 37 0.18 18.18 -1.18
C ASP A 37 -0.59 18.99 -0.16
N MET A 38 -0.75 20.28 -0.44
CA MET A 38 -1.38 21.20 0.48
C MET A 38 -2.89 21.16 0.31
N PHE A 39 -3.57 20.78 1.38
CA PHE A 39 -5.01 20.76 1.42
C PHE A 39 -5.55 22.19 1.41
N ILE A 40 -6.67 22.39 0.76
CA ILE A 40 -7.31 23.69 0.75
C ILE A 40 -8.60 23.66 1.55
N VAL A 41 -8.74 24.65 2.42
CA VAL A 41 -9.93 24.78 3.25
C VAL A 41 -10.51 26.18 3.10
N HIS A 42 -11.77 26.35 3.46
CA HIS A 42 -12.39 27.67 3.42
C HIS A 42 -12.92 28.03 4.81
N THR A 43 -13.50 27.05 5.47
CA THR A 43 -14.09 27.24 6.79
C THR A 43 -13.50 26.25 7.81
N ILE A 44 -13.74 26.52 9.09
CA ILE A 44 -13.29 25.64 10.15
C ILE A 44 -14.01 24.30 10.07
N GLU A 45 -15.21 24.32 9.49
CA GLU A 45 -16.00 23.12 9.32
C GLU A 45 -15.28 22.13 8.40
N GLU A 46 -14.72 22.62 7.30
CA GLU A 46 -13.95 21.77 6.40
C GLU A 46 -12.62 21.40 7.04
N ILE A 47 -12.08 22.31 7.83
CA ILE A 47 -10.83 22.08 8.52
C ILE A 47 -10.99 20.93 9.51
N GLU A 48 -12.16 20.84 10.13
CA GLU A 48 -12.47 19.75 11.04
C GLU A 48 -12.73 18.48 10.25
N GLY A 49 -13.35 18.63 9.09
CA GLY A 49 -13.66 17.48 8.25
C GLY A 49 -12.40 16.88 7.68
N LEU A 50 -11.42 17.73 7.43
CA LEU A 50 -10.09 17.31 7.04
C LEU A 50 -9.49 16.40 8.12
N ILE A 51 -9.69 16.80 9.37
CA ILE A 51 -9.22 15.99 10.50
C ILE A 51 -9.99 14.68 10.56
N SER A 52 -11.30 14.74 10.35
CA SER A 52 -12.15 13.54 10.35
C SER A 52 -11.65 12.54 9.31
N ALA A 53 -11.26 13.04 8.15
CA ALA A 53 -10.73 12.21 7.09
C ALA A 53 -9.40 11.57 7.51
N HIS A 54 -8.71 12.23 8.44
CA HIS A 54 -7.45 11.71 8.93
C HIS A 54 -7.69 10.71 10.06
N ASP A 55 -8.79 10.91 10.79
CA ASP A 55 -9.18 9.96 11.84
C ASP A 55 -9.59 8.64 11.22
N GLN A 56 -10.48 8.72 10.22
CA GLN A 56 -10.91 7.52 9.50
C GLN A 56 -9.74 6.92 8.73
N PHE A 57 -8.74 7.75 8.45
CA PHE A 57 -7.51 7.29 7.82
C PHE A 57 -6.77 6.38 8.79
N LYS A 58 -6.81 6.73 10.08
CA LYS A 58 -6.20 5.90 11.11
C LYS A 58 -7.03 4.65 11.38
N SER A 59 -8.22 4.62 10.81
CA SER A 59 -9.07 3.44 10.93
C SER A 59 -8.79 2.49 9.77
N THR A 60 -8.50 3.07 8.61
CA THR A 60 -8.12 2.29 7.44
C THR A 60 -6.66 1.87 7.53
N LEU A 61 -5.88 2.60 8.33
CA LEU A 61 -4.45 2.32 8.50
C LEU A 61 -4.20 0.87 8.94
N PRO A 62 -4.75 0.41 10.09
CA PRO A 62 -4.52 -0.96 10.57
C PRO A 62 -5.07 -2.01 9.60
N ASP A 63 -6.12 -1.65 8.89
CA ASP A 63 -6.75 -2.55 7.93
C ASP A 63 -5.84 -2.75 6.72
N ALA A 64 -5.38 -1.64 6.17
CA ALA A 64 -4.48 -1.67 5.02
C ALA A 64 -3.09 -2.14 5.44
N ASP A 65 -2.76 -1.92 6.71
CA ASP A 65 -1.50 -2.38 7.26
C ASP A 65 -1.42 -3.90 7.17
N ARG A 66 -2.48 -4.56 7.58
CA ARG A 66 -2.58 -6.01 7.47
C ARG A 66 -2.55 -6.44 6.01
N GLU A 67 -3.21 -5.64 5.16
CA GLU A 67 -3.29 -5.92 3.73
C GLU A 67 -1.91 -5.91 3.07
N ARG A 68 -1.00 -5.10 3.59
CA ARG A 68 0.35 -5.01 3.05
C ARG A 68 1.07 -6.34 3.15
N GLU A 69 0.78 -7.08 4.23
CA GLU A 69 1.39 -8.40 4.40
C GLU A 69 0.49 -9.48 3.83
N ALA A 70 -0.81 -9.19 3.75
CA ALA A 70 -1.77 -10.09 3.12
C ALA A 70 -1.54 -10.16 1.61
N ILE A 71 -0.67 -9.28 1.14
CA ILE A 71 -0.28 -9.24 -0.26
C ILE A 71 0.97 -10.09 -0.44
N LEU A 72 1.86 -10.01 0.54
CA LEU A 72 3.04 -10.86 0.59
C LEU A 72 2.65 -12.28 0.94
N ALA A 73 1.49 -12.42 1.57
CA ALA A 73 0.91 -13.73 1.87
C ALA A 73 0.84 -14.59 0.61
N ILE A 74 0.46 -13.97 -0.49
CA ILE A 74 0.46 -14.64 -1.79
C ILE A 74 1.89 -14.84 -2.28
N HIS A 75 2.70 -13.83 -2.03
CA HIS A 75 4.11 -13.84 -2.40
C HIS A 75 4.84 -15.00 -1.77
N LYS A 76 4.47 -15.32 -0.55
CA LYS A 76 5.06 -16.44 0.19
C LYS A 76 4.93 -17.73 -0.61
N GLU A 77 3.76 -17.94 -1.20
CA GLU A 77 3.48 -19.16 -1.95
C GLU A 77 4.29 -19.19 -3.25
N ALA A 78 4.44 -18.02 -3.85
CA ALA A 78 5.12 -17.91 -5.13
C ALA A 78 6.63 -17.72 -4.95
N GLN A 79 7.04 -17.42 -3.73
CA GLN A 79 8.46 -17.28 -3.43
C GLN A 79 9.04 -18.60 -2.89
N ARG A 80 8.24 -19.31 -2.11
CA ARG A 80 8.72 -20.52 -1.45
C ARG A 80 9.03 -21.60 -2.48
N ILE A 81 8.40 -21.52 -3.64
CA ILE A 81 8.65 -22.47 -4.72
C ILE A 81 10.04 -22.21 -5.34
N ALA A 82 10.45 -20.95 -5.34
CA ALA A 82 11.77 -20.59 -5.87
C ALA A 82 12.84 -20.83 -4.82
N GLU A 83 12.40 -20.97 -3.58
CA GLU A 83 13.28 -21.26 -2.47
C GLU A 83 13.50 -22.76 -2.37
N SER A 84 12.44 -23.53 -2.58
CA SER A 84 12.52 -24.99 -2.47
C SER A 84 13.01 -25.62 -3.77
N ASN A 85 12.75 -24.96 -4.90
CA ASN A 85 13.20 -25.46 -6.19
C ASN A 85 14.05 -24.40 -6.85
N HIS A 86 15.12 -24.83 -7.49
CA HIS A 86 15.99 -23.88 -8.15
C HIS A 86 15.49 -23.62 -9.55
N ILE A 87 14.27 -23.11 -9.62
CA ILE A 87 13.63 -22.81 -10.89
C ILE A 87 14.26 -21.58 -11.54
N LYS A 88 13.64 -21.11 -12.61
CA LYS A 88 14.09 -19.90 -13.26
C LYS A 88 12.91 -18.98 -13.50
N LEU A 89 12.67 -18.10 -12.54
CA LEU A 89 11.64 -17.08 -12.65
C LEU A 89 11.88 -16.20 -13.87
N SER A 90 11.28 -16.56 -14.99
CA SER A 90 11.40 -15.79 -16.22
C SER A 90 10.79 -14.41 -16.03
N GLY A 91 9.56 -14.40 -15.54
CA GLY A 91 8.89 -13.16 -15.26
C GLY A 91 8.59 -13.00 -13.79
N SER A 92 9.44 -12.26 -13.09
CA SER A 92 9.21 -11.96 -11.69
C SER A 92 8.03 -11.01 -11.56
N ASN A 93 7.86 -10.15 -12.57
CA ASN A 93 6.74 -9.23 -12.61
C ASN A 93 6.03 -9.29 -13.96
N PRO A 94 5.26 -10.36 -14.21
CA PRO A 94 4.44 -10.44 -15.42
C PRO A 94 3.23 -9.51 -15.31
N TYR A 95 2.72 -9.38 -14.09
CA TYR A 95 1.62 -8.49 -13.78
C TYR A 95 1.97 -7.71 -12.52
N THR A 96 2.66 -8.40 -11.62
CA THR A 96 3.07 -7.87 -10.34
C THR A 96 4.35 -7.06 -10.43
N THR A 97 4.29 -5.88 -11.02
CA THR A 97 5.44 -4.99 -11.06
C THR A 97 5.58 -4.23 -9.75
N VAL A 98 5.38 -4.96 -8.69
CA VAL A 98 5.42 -4.46 -7.34
C VAL A 98 6.17 -5.43 -6.42
N THR A 99 7.38 -5.08 -6.04
CA THR A 99 8.16 -5.92 -5.14
C THR A 99 7.71 -5.70 -3.69
N PRO A 100 7.89 -6.71 -2.82
CA PRO A 100 7.52 -6.62 -1.41
C PRO A 100 8.11 -5.40 -0.73
N GLN A 101 9.36 -5.08 -1.07
CA GLN A 101 10.04 -3.93 -0.50
C GLN A 101 9.42 -2.64 -1.05
N ILE A 102 8.98 -2.69 -2.30
CA ILE A 102 8.36 -1.55 -2.93
C ILE A 102 7.04 -1.20 -2.23
N ILE A 103 6.25 -2.23 -1.94
CA ILE A 103 4.94 -2.01 -1.31
C ILE A 103 5.09 -1.70 0.18
N ASN A 104 6.04 -2.34 0.83
CA ASN A 104 6.23 -2.17 2.27
C ASN A 104 6.88 -0.84 2.59
N SER A 105 7.93 -0.50 1.86
CA SER A 105 8.63 0.76 2.09
C SER A 105 7.78 1.96 1.65
N LYS A 106 6.83 1.73 0.75
CA LYS A 106 5.91 2.78 0.34
C LYS A 106 4.87 3.00 1.43
N TRP A 107 4.44 1.92 2.06
CA TRP A 107 3.58 2.02 3.24
C TRP A 107 4.30 2.79 4.34
N GLU A 108 5.58 2.48 4.51
CA GLU A 108 6.41 3.17 5.49
C GLU A 108 6.52 4.65 5.18
N LYS A 109 6.54 4.98 3.88
CA LYS A 109 6.55 6.36 3.45
C LYS A 109 5.23 7.04 3.81
N VAL A 110 4.14 6.30 3.67
CA VAL A 110 2.83 6.79 4.07
C VAL A 110 2.81 7.08 5.57
N GLN A 111 3.35 6.15 6.35
CA GLN A 111 3.41 6.30 7.82
C GLN A 111 4.30 7.47 8.21
N GLN A 112 5.17 7.88 7.30
CA GLN A 112 6.05 9.00 7.55
C GLN A 112 5.35 10.32 7.22
N LEU A 113 4.40 10.28 6.31
CA LEU A 113 3.67 11.48 5.89
C LEU A 113 2.41 11.66 6.72
N VAL A 114 1.97 10.60 7.37
CA VAL A 114 0.80 10.66 8.25
C VAL A 114 0.98 11.72 9.34
N PRO A 115 2.10 11.68 10.13
CA PRO A 115 2.37 12.68 11.17
C PRO A 115 2.63 14.06 10.58
N LYS A 116 3.08 14.09 9.34
CA LYS A 116 3.31 15.36 8.64
C LYS A 116 1.99 16.09 8.44
N ARG A 117 1.03 15.39 7.84
CA ARG A 117 -0.30 15.93 7.62
C ARG A 117 -1.04 16.07 8.95
N ASP A 118 -0.74 15.19 9.88
CA ASP A 118 -1.34 15.23 11.21
C ASP A 118 -0.98 16.54 11.91
N HIS A 119 0.22 17.02 11.63
CA HIS A 119 0.72 18.23 12.27
C HIS A 119 0.30 19.45 11.48
N ALA A 120 0.35 19.34 10.15
CA ALA A 120 -0.07 20.44 9.28
C ALA A 120 -1.54 20.75 9.50
N LEU A 121 -2.33 19.73 9.77
CA LEU A 121 -3.74 19.89 10.05
C LEU A 121 -3.95 20.54 11.42
N LEU A 122 -3.31 19.98 12.44
CA LEU A 122 -3.43 20.50 13.80
C LEU A 122 -3.03 21.97 13.88
N GLU A 123 -1.90 22.31 13.26
CA GLU A 123 -1.40 23.67 13.29
C GLU A 123 -2.38 24.63 12.60
N GLU A 124 -3.08 24.12 11.59
CA GLU A 124 -4.02 24.93 10.83
C GLU A 124 -5.36 25.02 11.54
N GLN A 125 -5.88 23.87 11.96
CA GLN A 125 -7.21 23.82 12.55
C GLN A 125 -7.28 24.61 13.86
N SER A 126 -6.14 24.79 14.51
CA SER A 126 -6.07 25.54 15.77
C SER A 126 -5.90 27.03 15.52
N LYS A 127 -5.78 27.42 14.26
CA LYS A 127 -5.69 28.83 13.91
C LYS A 127 -7.00 29.31 13.30
N GLN A 128 -7.91 28.37 13.10
CA GLN A 128 -9.21 28.68 12.50
C GLN A 128 -10.28 28.78 13.58
N GLN A 129 -10.28 27.80 14.44
CA GLN A 129 -11.19 27.75 15.57
C GLN A 129 -10.40 27.50 16.85
#